data_7W3T
# 
_entry.id   7W3T 
# 
_audit_conform.dict_name       mmcif_pdbx.dic 
_audit_conform.dict_version    5.404 
_audit_conform.dict_location   http://mmcif.pdb.org/dictionaries/ascii/mmcif_pdbx.dic 
# 
loop_
_database_2.database_id 
_database_2.database_code 
_database_2.pdbx_database_accession 
_database_2.pdbx_DOI 
PDB   7W3T         pdb_00007w3t 10.2210/pdb7w3t/pdb 
WWPDB D_1300025809 ?            ?                   
EMDB  EMD-32293    ?            ?                   
# 
loop_
_pdbx_audit_revision_history.ordinal 
_pdbx_audit_revision_history.data_content_type 
_pdbx_audit_revision_history.major_revision 
_pdbx_audit_revision_history.minor_revision 
_pdbx_audit_revision_history.revision_date 
_pdbx_audit_revision_history.part_number 
1  'Structure model' 1 0 2022-06-22 ? 
2  'EM metadata'     1 0 2022-06-22 ? 
3  'Half map'        1 0 2022-06-22 1 
4  'Half map'        1 0 2022-06-22 2 
5  Image             1 0 2022-06-22 ? 
6  'Primary map'     1 0 2022-06-22 ? 
7  'Structure model' 1 1 2022-10-26 ? 
8  'Half map'        1 0 2022-06-22 1 
9  'Half map'        1 0 2022-06-22 2 
10 Image             1 0 2022-06-22 ? 
11 'Primary map'     1 0 2022-06-22 ? 
12 'Structure model' 1 2 2024-10-30 ? 
13 'Half map'        1 0 2022-06-22 1 
14 'Half map'        1 0 2022-06-22 2 
15 Image             1 0 2022-06-22 ? 
16 'Primary map'     1 0 2022-06-22 ? 
17 'Structure model' 1 3 2025-07-02 ? 
18 'EM metadata'     1 1 2025-07-02 ? 
# 
loop_
_pdbx_audit_revision_details.ordinal 
_pdbx_audit_revision_details.revision_ordinal 
_pdbx_audit_revision_details.data_content_type 
_pdbx_audit_revision_details.provider 
_pdbx_audit_revision_details.type 
_pdbx_audit_revision_details.description 
_pdbx_audit_revision_details.details 
1  1  'Structure model' repository 'Initial release' ? ? 
2  2  'EM metadata'     repository 'Initial release' ? ? 
3  3  'Half map'        repository 'Initial release' ? ? 
4  4  'Half map'        repository 'Initial release' ? ? 
5  5  Image             repository 'Initial release' ? ? 
6  6  'Primary map'     repository 'Initial release' ? ? 
7  8  'Half map'        repository 'Initial release' ? ? 
8  9  'Half map'        repository 'Initial release' ? ? 
9  10 Image             repository 'Initial release' ? ? 
10 11 'Primary map'     repository 'Initial release' ? ? 
11 13 'Half map'        repository 'Initial release' ? ? 
12 14 'Half map'        repository 'Initial release' ? ? 
13 15 Image             repository 'Initial release' ? ? 
14 16 'Primary map'     repository 'Initial release' ? ? 
# 
loop_
_pdbx_audit_revision_group.ordinal 
_pdbx_audit_revision_group.revision_ordinal 
_pdbx_audit_revision_group.data_content_type 
_pdbx_audit_revision_group.group 
1 7  'Structure model' 'Database references'  
2 12 'Structure model' 'Data collection'      
3 12 'Structure model' 'Structure summary'    
4 17 'Structure model' 'Data collection'      
5 18 'EM metadata'     'Data processing'      
6 18 'EM metadata'     'Experimental summary' 
# 
loop_
_pdbx_audit_revision_category.ordinal 
_pdbx_audit_revision_category.revision_ordinal 
_pdbx_audit_revision_category.data_content_type 
_pdbx_audit_revision_category.category 
1  7  'Structure model' citation                  
2  7  'Structure model' citation_author           
3  12 'Structure model' chem_comp_atom            
4  12 'Structure model' chem_comp_bond            
5  12 'Structure model' em_admin                  
6  12 'Structure model' pdbx_entry_details        
7  12 'Structure model' pdbx_modification_feature 
8  17 'Structure model' em_admin                  
9  17 'Structure model' em_software               
10 18 'EM metadata'     em_admin                  
11 18 'EM metadata'     em_software               
# 
loop_
_pdbx_audit_revision_item.ordinal 
_pdbx_audit_revision_item.revision_ordinal 
_pdbx_audit_revision_item.data_content_type 
_pdbx_audit_revision_item.item 
1  7  'Structure model' '_citation.country'                            
2  7  'Structure model' '_citation.journal_abbrev'                     
3  7  'Structure model' '_citation.journal_id_ASTM'                    
4  7  'Structure model' '_citation.journal_id_CSD'                     
5  7  'Structure model' '_citation.journal_id_ISSN'                    
6  7  'Structure model' '_citation.journal_volume'                     
7  7  'Structure model' '_citation.page_first'                         
8  7  'Structure model' '_citation.page_last'                          
9  7  'Structure model' '_citation.pdbx_database_id_DOI'               
10 7  'Structure model' '_citation.pdbx_database_id_PubMed'            
11 7  'Structure model' '_citation.title'                              
12 7  'Structure model' '_citation.year'                               
13 12 'Structure model' '_em_admin.last_update'                        
14 12 'Structure model' '_pdbx_entry_details.has_protein_modification' 
15 17 'Structure model' '_em_admin.last_update'                        
16 17 'Structure model' '_em_software.name'                            
17 18 'EM metadata'     '_em_admin.last_update'                        
18 18 'EM metadata'     '_em_software.name'                            
# 
_pdbx_database_status.status_code                     REL 
_pdbx_database_status.status_code_sf                  ? 
_pdbx_database_status.status_code_mr                  ? 
_pdbx_database_status.entry_id                        7W3T 
_pdbx_database_status.recvd_initial_deposition_date   2021-11-26 
_pdbx_database_status.SG_entry                        N 
_pdbx_database_status.deposit_site                    PDBJ 
_pdbx_database_status.process_site                    PDBJ 
_pdbx_database_status.status_code_cs                  ? 
_pdbx_database_status.status_code_nmr_data            ? 
_pdbx_database_status.methods_development_category    ? 
_pdbx_database_status.pdb_format_compatible           Y 
# 
_pdbx_database_related.db_name        EMDB 
_pdbx_database_related.details        
'Cryo-EM structure of plant receptor like protein RXEG1 in complex with xyloglucanase XEG1 and BAK1' 
_pdbx_database_related.db_id          EMD-32293 
_pdbx_database_related.content_type   'associated EM volume' 
# 
_pdbx_contact_author.id                 2 
_pdbx_contact_author.email              chai@tsinghua.edu.cn 
_pdbx_contact_author.name_first         Jijie 
_pdbx_contact_author.name_last          Chai 
_pdbx_contact_author.name_mi            ? 
_pdbx_contact_author.role               'principal investigator/group leader' 
_pdbx_contact_author.identifier_ORCID   0000-0001-7591-3873 
# 
loop_
_audit_author.name 
_audit_author.pdbx_ordinal 
_audit_author.identifier_ORCID 
'Sun, Y.'     1  ? 
'Wang, Y.'    2  ? 
'Zhang, X.X.' 3  ? 
'Chen, Z.D.'  4  ? 
'Xia, Y.Q.'   5  ? 
'Sun, Y.J.'   6  ? 
'Zhang, M.M.' 7  ? 
'Xiao, Y.'    8  ? 
'Han, Z.F.'   9  ? 
'Wang, Y.C.'  10 ? 
'Chai, J.J.'  11 ? 
# 
_citation.abstract                  ? 
_citation.abstract_id_CAS           ? 
_citation.book_id_ISBN              ? 
_citation.book_publisher            ? 
_citation.book_publisher_city       ? 
_citation.book_title                ? 
_citation.coordinate_linkage        ? 
_citation.country                   UK 
_citation.database_id_Medline       ? 
_citation.details                   ? 
_citation.id                        primary 
_citation.journal_abbrev            Nature 
_citation.journal_id_ASTM           NATUAS 
_citation.journal_id_CSD            0006 
_citation.journal_id_ISSN           1476-4687 
_citation.journal_full              ? 
_citation.journal_issue             ? 
_citation.journal_volume            610 
_citation.language                  ? 
_citation.page_first                335 
_citation.page_last                 342 
_citation.title                     'Plant receptor-like protein activation by a microbial glycoside hydrolase.' 
_citation.year                      2022 
_citation.database_id_CSD           ? 
_citation.pdbx_database_id_DOI      10.1038/s41586-022-05214-x 
_citation.pdbx_database_id_PubMed   36131021 
_citation.pdbx_database_id_patent   ? 
_citation.unpublished_flag          ? 
# 
loop_
_citation_author.citation_id 
_citation_author.name 
_citation_author.ordinal 
_citation_author.identifier_ORCID 
primary 'Sun, Y.'   1  0000-0001-6116-7435 
primary 'Wang, Y.'  2  0000-0001-7465-5518 
primary 'Zhang, X.' 3  0000-0003-3762-2287 
primary 'Chen, Z.'  4  ?                   
primary 'Xia, Y.'   5  ?                   
primary 'Wang, L.'  6  ?                   
primary 'Sun, Y.'   7  ?                   
primary 'Zhang, M.' 8  ?                   
primary 'Xiao, Y.'  9  ?                   
primary 'Han, Z.'   10 0000-0002-2608-9088 
primary 'Wang, Y.'  11 0000-0001-5803-5343 
primary 'Chai, J.'  12 0000-0001-7591-3873 
# 
loop_
_entity.id 
_entity.type 
_entity.src_method 
_entity.pdbx_description 
_entity.formula_weight 
_entity.pdbx_number_of_molecules 
_entity.pdbx_ec 
_entity.pdbx_mutation 
_entity.pdbx_fragment 
_entity.details 
1 polymer     man 'Brassinosteroid insensitive 1-associated receptor kinase 1' 24514.012 1 ? ? ? ? 
2 branched    man 
'beta-D-mannopyranose-(1-4)-2-acetamido-2-deoxy-beta-D-glucopyranose-(1-4)-2-acetamido-2-deoxy-beta-D-glucopyranose' 586.542   1 ? 
? ? ? 
3 non-polymer syn 2-acetamido-2-deoxy-beta-D-glucopyranose 221.208   4 ? ? ? ? 
# 
_entity_name_com.entity_id   1 
_entity_name_com.name        BAK1 
# 
_entity_poly.entity_id                      1 
_entity_poly.type                           'polypeptide(L)' 
_entity_poly.nstd_linkage                   no 
_entity_poly.nstd_monomer                   no 
_entity_poly.pdbx_seq_one_letter_code       
;MDQWILGILGFVSTFLCLIGLLLVPVSANIEGDALNALKTNLADPNNVLQSWDPTLVNPCTWFHVTCNSENSVTRVDLGN
ANLSGQLVPQLGQLPNLQYLELYSNNISGRIPFELGNLTNLVSLDLYLNRLNGPIPDTLGKLQKLRFLRLNNNSLNGRIP
MLLTTVISLQVLDLSNNNLTGPVPVNGSFSLFTPISFANNPLDIPPAAPPPPISPMPPSSSGVGNSAT
;
_entity_poly.pdbx_seq_one_letter_code_can   
;MDQWILGILGFVSTFLCLIGLLLVPVSANIEGDALNALKTNLADPNNVLQSWDPTLVNPCTWFHVTCNSENSVTRVDLGN
ANLSGQLVPQLGQLPNLQYLELYSNNISGRIPFELGNLTNLVSLDLYLNRLNGPIPDTLGKLQKLRFLRLNNNSLNGRIP
MLLTTVISLQVLDLSNNNLTGPVPVNGSFSLFTPISFANNPLDIPPAAPPPPISPMPPSSSGVGNSAT
;
_entity_poly.pdbx_strand_id                 B 
_entity_poly.pdbx_target_identifier         ? 
# 
_pdbx_entity_nonpoly.entity_id   3 
_pdbx_entity_nonpoly.name        2-acetamido-2-deoxy-beta-D-glucopyranose 
_pdbx_entity_nonpoly.comp_id     NAG 
# 
loop_
_entity_poly_seq.entity_id 
_entity_poly_seq.num 
_entity_poly_seq.mon_id 
_entity_poly_seq.hetero 
1 1   MET n 
1 2   ASP n 
1 3   GLN n 
1 4   TRP n 
1 5   ILE n 
1 6   LEU n 
1 7   GLY n 
1 8   ILE n 
1 9   LEU n 
1 10  GLY n 
1 11  PHE n 
1 12  VAL n 
1 13  SER n 
1 14  THR n 
1 15  PHE n 
1 16  LEU n 
1 17  CYS n 
1 18  LEU n 
1 19  ILE n 
1 20  GLY n 
1 21  LEU n 
1 22  LEU n 
1 23  LEU n 
1 24  VAL n 
1 25  PRO n 
1 26  VAL n 
1 27  SER n 
1 28  ALA n 
1 29  ASN n 
1 30  ILE n 
1 31  GLU n 
1 32  GLY n 
1 33  ASP n 
1 34  ALA n 
1 35  LEU n 
1 36  ASN n 
1 37  ALA n 
1 38  LEU n 
1 39  LYS n 
1 40  THR n 
1 41  ASN n 
1 42  LEU n 
1 43  ALA n 
1 44  ASP n 
1 45  PRO n 
1 46  ASN n 
1 47  ASN n 
1 48  VAL n 
1 49  LEU n 
1 50  GLN n 
1 51  SER n 
1 52  TRP n 
1 53  ASP n 
1 54  PRO n 
1 55  THR n 
1 56  LEU n 
1 57  VAL n 
1 58  ASN n 
1 59  PRO n 
1 60  CYS n 
1 61  THR n 
1 62  TRP n 
1 63  PHE n 
1 64  HIS n 
1 65  VAL n 
1 66  THR n 
1 67  CYS n 
1 68  ASN n 
1 69  SER n 
1 70  GLU n 
1 71  ASN n 
1 72  SER n 
1 73  VAL n 
1 74  THR n 
1 75  ARG n 
1 76  VAL n 
1 77  ASP n 
1 78  LEU n 
1 79  GLY n 
1 80  ASN n 
1 81  ALA n 
1 82  ASN n 
1 83  LEU n 
1 84  SER n 
1 85  GLY n 
1 86  GLN n 
1 87  LEU n 
1 88  VAL n 
1 89  PRO n 
1 90  GLN n 
1 91  LEU n 
1 92  GLY n 
1 93  GLN n 
1 94  LEU n 
1 95  PRO n 
1 96  ASN n 
1 97  LEU n 
1 98  GLN n 
1 99  TYR n 
1 100 LEU n 
1 101 GLU n 
1 102 LEU n 
1 103 TYR n 
1 104 SER n 
1 105 ASN n 
1 106 ASN n 
1 107 ILE n 
1 108 SER n 
1 109 GLY n 
1 110 ARG n 
1 111 ILE n 
1 112 PRO n 
1 113 PHE n 
1 114 GLU n 
1 115 LEU n 
1 116 GLY n 
1 117 ASN n 
1 118 LEU n 
1 119 THR n 
1 120 ASN n 
1 121 LEU n 
1 122 VAL n 
1 123 SER n 
1 124 LEU n 
1 125 ASP n 
1 126 LEU n 
1 127 TYR n 
1 128 LEU n 
1 129 ASN n 
1 130 ARG n 
1 131 LEU n 
1 132 ASN n 
1 133 GLY n 
1 134 PRO n 
1 135 ILE n 
1 136 PRO n 
1 137 ASP n 
1 138 THR n 
1 139 LEU n 
1 140 GLY n 
1 141 LYS n 
1 142 LEU n 
1 143 GLN n 
1 144 LYS n 
1 145 LEU n 
1 146 ARG n 
1 147 PHE n 
1 148 LEU n 
1 149 ARG n 
1 150 LEU n 
1 151 ASN n 
1 152 ASN n 
1 153 ASN n 
1 154 SER n 
1 155 LEU n 
1 156 ASN n 
1 157 GLY n 
1 158 ARG n 
1 159 ILE n 
1 160 PRO n 
1 161 MET n 
1 162 LEU n 
1 163 LEU n 
1 164 THR n 
1 165 THR n 
1 166 VAL n 
1 167 ILE n 
1 168 SER n 
1 169 LEU n 
1 170 GLN n 
1 171 VAL n 
1 172 LEU n 
1 173 ASP n 
1 174 LEU n 
1 175 SER n 
1 176 ASN n 
1 177 ASN n 
1 178 ASN n 
1 179 LEU n 
1 180 THR n 
1 181 GLY n 
1 182 PRO n 
1 183 VAL n 
1 184 PRO n 
1 185 VAL n 
1 186 ASN n 
1 187 GLY n 
1 188 SER n 
1 189 PHE n 
1 190 SER n 
1 191 LEU n 
1 192 PHE n 
1 193 THR n 
1 194 PRO n 
1 195 ILE n 
1 196 SER n 
1 197 PHE n 
1 198 ALA n 
1 199 ASN n 
1 200 ASN n 
1 201 PRO n 
1 202 LEU n 
1 203 ASP n 
1 204 ILE n 
1 205 PRO n 
1 206 PRO n 
1 207 ALA n 
1 208 ALA n 
1 209 PRO n 
1 210 PRO n 
1 211 PRO n 
1 212 PRO n 
1 213 ILE n 
1 214 SER n 
1 215 PRO n 
1 216 MET n 
1 217 PRO n 
1 218 PRO n 
1 219 SER n 
1 220 SER n 
1 221 SER n 
1 222 GLY n 
1 223 VAL n 
1 224 GLY n 
1 225 ASN n 
1 226 SER n 
1 227 ALA n 
1 228 THR n 
# 
_entity_src_gen.entity_id                          1 
_entity_src_gen.pdbx_src_id                        1 
_entity_src_gen.pdbx_alt_source_flag               sample 
_entity_src_gen.pdbx_seq_type                      'Biological sequence' 
_entity_src_gen.pdbx_beg_seq_num                   1 
_entity_src_gen.pdbx_end_seq_num                   228 
_entity_src_gen.gene_src_common_name               ? 
_entity_src_gen.gene_src_genus                     ? 
_entity_src_gen.pdbx_gene_src_gene                 ? 
_entity_src_gen.gene_src_species                   ? 
_entity_src_gen.gene_src_strain                    ? 
_entity_src_gen.gene_src_tissue                    ? 
_entity_src_gen.gene_src_tissue_fraction           ? 
_entity_src_gen.gene_src_details                   ? 
_entity_src_gen.pdbx_gene_src_fragment             ? 
_entity_src_gen.pdbx_gene_src_scientific_name      'Nicotiana benthamiana' 
_entity_src_gen.pdbx_gene_src_ncbi_taxonomy_id     4100 
_entity_src_gen.pdbx_gene_src_variant              ? 
_entity_src_gen.pdbx_gene_src_cell_line            ? 
_entity_src_gen.pdbx_gene_src_atcc                 ? 
_entity_src_gen.pdbx_gene_src_organ                ? 
_entity_src_gen.pdbx_gene_src_organelle            ? 
_entity_src_gen.pdbx_gene_src_cell                 ? 
_entity_src_gen.pdbx_gene_src_cellular_location    ? 
_entity_src_gen.host_org_common_name               ? 
_entity_src_gen.pdbx_host_org_scientific_name      'Trichoplusia ni' 
_entity_src_gen.pdbx_host_org_ncbi_taxonomy_id     7111 
_entity_src_gen.host_org_genus                     ? 
_entity_src_gen.pdbx_host_org_gene                 ? 
_entity_src_gen.pdbx_host_org_organ                ? 
_entity_src_gen.host_org_species                   ? 
_entity_src_gen.pdbx_host_org_tissue               ? 
_entity_src_gen.pdbx_host_org_tissue_fraction      ? 
_entity_src_gen.pdbx_host_org_strain               ? 
_entity_src_gen.pdbx_host_org_variant              ? 
_entity_src_gen.pdbx_host_org_cell_line            ? 
_entity_src_gen.pdbx_host_org_atcc                 ? 
_entity_src_gen.pdbx_host_org_culture_collection   ? 
_entity_src_gen.pdbx_host_org_cell                 ? 
_entity_src_gen.pdbx_host_org_organelle            ? 
_entity_src_gen.pdbx_host_org_cellular_location    ? 
_entity_src_gen.pdbx_host_org_vector_type          ? 
_entity_src_gen.pdbx_host_org_vector               ? 
_entity_src_gen.host_org_details                   ? 
_entity_src_gen.expression_system_id               ? 
_entity_src_gen.plasmid_name                       ? 
_entity_src_gen.plasmid_details                    ? 
_entity_src_gen.pdbx_description                   ? 
# 
_pdbx_entity_branch.entity_id   2 
_pdbx_entity_branch.type        oligosaccharide 
# 
loop_
_pdbx_entity_branch_descriptor.ordinal 
_pdbx_entity_branch_descriptor.entity_id 
_pdbx_entity_branch_descriptor.descriptor 
_pdbx_entity_branch_descriptor.type 
_pdbx_entity_branch_descriptor.program 
_pdbx_entity_branch_descriptor.program_version 
1 2 DManpb1-4DGlcpNAcb1-4DGlcpNAcb1-ROH                                          'Glycam Condensed Sequence' GMML       1.0   
2 2 'WURCS=2.0/2,3,2/[a2122h-1b_1-5_2*NCC/3=O][a1122h-1b_1-5]/1-1-2/a4-b1_b4-c1' WURCS                       PDB2Glycan 1.1.0 
3 2 '[][D-1-deoxy-GlcpNAc]{[(4+1)][b-D-GlcpNAc]{[(4+1)][b-D-Manp]{}}}'           LINUCS                      PDB-CARE   ?     
# 
loop_
_pdbx_entity_branch_link.link_id 
_pdbx_entity_branch_link.entity_id 
_pdbx_entity_branch_link.entity_branch_list_num_1 
_pdbx_entity_branch_link.comp_id_1 
_pdbx_entity_branch_link.atom_id_1 
_pdbx_entity_branch_link.leaving_atom_id_1 
_pdbx_entity_branch_link.entity_branch_list_num_2 
_pdbx_entity_branch_link.comp_id_2 
_pdbx_entity_branch_link.atom_id_2 
_pdbx_entity_branch_link.leaving_atom_id_2 
_pdbx_entity_branch_link.value_order 
_pdbx_entity_branch_link.details 
1 2 2 NAG C1 O1 1 NAG O4 HO4 sing ? 
2 2 3 BMA C1 O1 2 NAG O4 HO4 sing ? 
# 
loop_
_chem_comp.id 
_chem_comp.type 
_chem_comp.mon_nstd_flag 
_chem_comp.name 
_chem_comp.pdbx_synonyms 
_chem_comp.formula 
_chem_comp.formula_weight 
ALA 'L-peptide linking'          y ALANINE                                  ? 'C3 H7 N O2'     89.093  
ARG 'L-peptide linking'          y ARGININE                                 ? 'C6 H15 N4 O2 1' 175.209 
ASN 'L-peptide linking'          y ASPARAGINE                               ? 'C4 H8 N2 O3'    132.118 
ASP 'L-peptide linking'          y 'ASPARTIC ACID'                          ? 'C4 H7 N O4'     133.103 
BMA 'D-saccharide, beta linking' . beta-D-mannopyranose                     'beta-D-mannose; D-mannose; mannose' 'C6 H12 O6'      
180.156 
CYS 'L-peptide linking'          y CYSTEINE                                 ? 'C3 H7 N O2 S'   121.158 
GLN 'L-peptide linking'          y GLUTAMINE                                ? 'C5 H10 N2 O3'   146.144 
GLU 'L-peptide linking'          y 'GLUTAMIC ACID'                          ? 'C5 H9 N O4'     147.129 
GLY 'peptide linking'            y GLYCINE                                  ? 'C2 H5 N O2'     75.067  
HIS 'L-peptide linking'          y HISTIDINE                                ? 'C6 H10 N3 O2 1' 156.162 
ILE 'L-peptide linking'          y ISOLEUCINE                               ? 'C6 H13 N O2'    131.173 
LEU 'L-peptide linking'          y LEUCINE                                  ? 'C6 H13 N O2'    131.173 
LYS 'L-peptide linking'          y LYSINE                                   ? 'C6 H15 N2 O2 1' 147.195 
MET 'L-peptide linking'          y METHIONINE                               ? 'C5 H11 N O2 S'  149.211 
NAG 'D-saccharide, beta linking' . 2-acetamido-2-deoxy-beta-D-glucopyranose 
;N-acetyl-beta-D-glucosamine; 2-acetamido-2-deoxy-beta-D-glucose; 2-acetamido-2-deoxy-D-glucose; 2-acetamido-2-deoxy-glucose; N-ACETYL-D-GLUCOSAMINE
;
'C8 H15 N O6'    221.208 
PHE 'L-peptide linking'          y PHENYLALANINE                            ? 'C9 H11 N O2'    165.189 
PRO 'L-peptide linking'          y PROLINE                                  ? 'C5 H9 N O2'     115.130 
SER 'L-peptide linking'          y SERINE                                   ? 'C3 H7 N O3'     105.093 
THR 'L-peptide linking'          y THREONINE                                ? 'C4 H9 N O3'     119.119 
TRP 'L-peptide linking'          y TRYPTOPHAN                               ? 'C11 H12 N2 O2'  204.225 
TYR 'L-peptide linking'          y TYROSINE                                 ? 'C9 H11 N O3'    181.189 
VAL 'L-peptide linking'          y VALINE                                   ? 'C5 H11 N O2'    117.146 
# 
loop_
_pdbx_chem_comp_identifier.comp_id 
_pdbx_chem_comp_identifier.type 
_pdbx_chem_comp_identifier.program 
_pdbx_chem_comp_identifier.program_version 
_pdbx_chem_comp_identifier.identifier 
BMA 'CONDENSED IUPAC CARBOHYDRATE SYMBOL' GMML     1.0 DManpb                         
BMA 'COMMON NAME'                         GMML     1.0 b-D-mannopyranose              
BMA 'IUPAC CARBOHYDRATE SYMBOL'           PDB-CARE 1.0 b-D-Manp                       
BMA 'SNFG CARBOHYDRATE SYMBOL'            GMML     1.0 Man                            
NAG 'CONDENSED IUPAC CARBOHYDRATE SYMBOL' GMML     1.0 DGlcpNAcb                      
NAG 'COMMON NAME'                         GMML     1.0 N-acetyl-b-D-glucopyranosamine 
NAG 'IUPAC CARBOHYDRATE SYMBOL'           PDB-CARE 1.0 b-D-GlcpNAc                    
NAG 'SNFG CARBOHYDRATE SYMBOL'            GMML     1.0 GlcNAc                         
# 
loop_
_pdbx_poly_seq_scheme.asym_id 
_pdbx_poly_seq_scheme.entity_id 
_pdbx_poly_seq_scheme.seq_id 
_pdbx_poly_seq_scheme.mon_id 
_pdbx_poly_seq_scheme.ndb_seq_num 
_pdbx_poly_seq_scheme.pdb_seq_num 
_pdbx_poly_seq_scheme.auth_seq_num 
_pdbx_poly_seq_scheme.pdb_mon_id 
_pdbx_poly_seq_scheme.auth_mon_id 
_pdbx_poly_seq_scheme.pdb_strand_id 
_pdbx_poly_seq_scheme.pdb_ins_code 
_pdbx_poly_seq_scheme.hetero 
A 1 1   MET 1   1   ?   ?   ?   B . n 
A 1 2   ASP 2   2   ?   ?   ?   B . n 
A 1 3   GLN 3   3   ?   ?   ?   B . n 
A 1 4   TRP 4   4   ?   ?   ?   B . n 
A 1 5   ILE 5   5   ?   ?   ?   B . n 
A 1 6   LEU 6   6   ?   ?   ?   B . n 
A 1 7   GLY 7   7   ?   ?   ?   B . n 
A 1 8   ILE 8   8   ?   ?   ?   B . n 
A 1 9   LEU 9   9   ?   ?   ?   B . n 
A 1 10  GLY 10  10  ?   ?   ?   B . n 
A 1 11  PHE 11  11  ?   ?   ?   B . n 
A 1 12  VAL 12  12  ?   ?   ?   B . n 
A 1 13  SER 13  13  ?   ?   ?   B . n 
A 1 14  THR 14  14  ?   ?   ?   B . n 
A 1 15  PHE 15  15  ?   ?   ?   B . n 
A 1 16  LEU 16  16  ?   ?   ?   B . n 
A 1 17  CYS 17  17  ?   ?   ?   B . n 
A 1 18  LEU 18  18  ?   ?   ?   B . n 
A 1 19  ILE 19  19  ?   ?   ?   B . n 
A 1 20  GLY 20  20  ?   ?   ?   B . n 
A 1 21  LEU 21  21  ?   ?   ?   B . n 
A 1 22  LEU 22  22  ?   ?   ?   B . n 
A 1 23  LEU 23  23  ?   ?   ?   B . n 
A 1 24  VAL 24  24  ?   ?   ?   B . n 
A 1 25  PRO 25  25  ?   ?   ?   B . n 
A 1 26  VAL 26  26  ?   ?   ?   B . n 
A 1 27  SER 27  27  ?   ?   ?   B . n 
A 1 28  ALA 28  28  ?   ?   ?   B . n 
A 1 29  ASN 29  29  29  ASN ASN B . n 
A 1 30  ILE 30  30  30  ILE ILE B . n 
A 1 31  GLU 31  31  31  GLU GLU B . n 
A 1 32  GLY 32  32  32  GLY GLY B . n 
A 1 33  ASP 33  33  33  ASP ASP B . n 
A 1 34  ALA 34  34  34  ALA ALA B . n 
A 1 35  LEU 35  35  35  LEU LEU B . n 
A 1 36  ASN 36  36  36  ASN ASN B . n 
A 1 37  ALA 37  37  37  ALA ALA B . n 
A 1 38  LEU 38  38  38  LEU LEU B . n 
A 1 39  LYS 39  39  39  LYS LYS B . n 
A 1 40  THR 40  40  40  THR THR B . n 
A 1 41  ASN 41  41  41  ASN ASN B . n 
A 1 42  LEU 42  42  42  LEU LEU B . n 
A 1 43  ALA 43  43  43  ALA ALA B . n 
A 1 44  ASP 44  44  44  ASP ASP B . n 
A 1 45  PRO 45  45  45  PRO PRO B . n 
A 1 46  ASN 46  46  46  ASN ASN B . n 
A 1 47  ASN 47  47  47  ASN ASN B . n 
A 1 48  VAL 48  48  48  VAL VAL B . n 
A 1 49  LEU 49  49  49  LEU LEU B . n 
A 1 50  GLN 50  50  50  GLN GLN B . n 
A 1 51  SER 51  51  51  SER SER B . n 
A 1 52  TRP 52  52  52  TRP TRP B . n 
A 1 53  ASP 53  53  53  ASP ASP B . n 
A 1 54  PRO 54  54  54  PRO PRO B . n 
A 1 55  THR 55  55  55  THR THR B . n 
A 1 56  LEU 56  56  56  LEU LEU B . n 
A 1 57  VAL 57  57  57  VAL VAL B . n 
A 1 58  ASN 58  58  58  ASN ASN B . n 
A 1 59  PRO 59  59  59  PRO PRO B . n 
A 1 60  CYS 60  60  60  CYS CYS B . n 
A 1 61  THR 61  61  61  THR THR B . n 
A 1 62  TRP 62  62  62  TRP TRP B . n 
A 1 63  PHE 63  63  63  PHE PHE B . n 
A 1 64  HIS 64  64  64  HIS HIS B . n 
A 1 65  VAL 65  65  65  VAL VAL B . n 
A 1 66  THR 66  66  66  THR THR B . n 
A 1 67  CYS 67  67  67  CYS CYS B . n 
A 1 68  ASN 68  68  68  ASN ASN B . n 
A 1 69  SER 69  69  69  SER SER B . n 
A 1 70  GLU 70  70  70  GLU GLU B . n 
A 1 71  ASN 71  71  71  ASN ASN B . n 
A 1 72  SER 72  72  72  SER SER B . n 
A 1 73  VAL 73  73  73  VAL VAL B . n 
A 1 74  THR 74  74  74  THR THR B . n 
A 1 75  ARG 75  75  75  ARG ARG B . n 
A 1 76  VAL 76  76  76  VAL VAL B . n 
A 1 77  ASP 77  77  77  ASP ASP B . n 
A 1 78  LEU 78  78  78  LEU LEU B . n 
A 1 79  GLY 79  79  79  GLY GLY B . n 
A 1 80  ASN 80  80  80  ASN ASN B . n 
A 1 81  ALA 81  81  81  ALA ALA B . n 
A 1 82  ASN 82  82  82  ASN ASN B . n 
A 1 83  LEU 83  83  83  LEU LEU B . n 
A 1 84  SER 84  84  84  SER SER B . n 
A 1 85  GLY 85  85  85  GLY GLY B . n 
A 1 86  GLN 86  86  86  GLN GLN B . n 
A 1 87  LEU 87  87  87  LEU LEU B . n 
A 1 88  VAL 88  88  88  VAL VAL B . n 
A 1 89  PRO 89  89  89  PRO PRO B . n 
A 1 90  GLN 90  90  90  GLN GLN B . n 
A 1 91  LEU 91  91  91  LEU LEU B . n 
A 1 92  GLY 92  92  92  GLY GLY B . n 
A 1 93  GLN 93  93  93  GLN GLN B . n 
A 1 94  LEU 94  94  94  LEU LEU B . n 
A 1 95  PRO 95  95  95  PRO PRO B . n 
A 1 96  ASN 96  96  96  ASN ASN B . n 
A 1 97  LEU 97  97  97  LEU LEU B . n 
A 1 98  GLN 98  98  98  GLN GLN B . n 
A 1 99  TYR 99  99  99  TYR TYR B . n 
A 1 100 LEU 100 100 100 LEU LEU B . n 
A 1 101 GLU 101 101 101 GLU GLU B . n 
A 1 102 LEU 102 102 102 LEU LEU B . n 
A 1 103 TYR 103 103 103 TYR TYR B . n 
A 1 104 SER 104 104 104 SER SER B . n 
A 1 105 ASN 105 105 105 ASN ASN B . n 
A 1 106 ASN 106 106 106 ASN ASN B . n 
A 1 107 ILE 107 107 107 ILE ILE B . n 
A 1 108 SER 108 108 108 SER SER B . n 
A 1 109 GLY 109 109 109 GLY GLY B . n 
A 1 110 ARG 110 110 110 ARG ARG B . n 
A 1 111 ILE 111 111 111 ILE ILE B . n 
A 1 112 PRO 112 112 112 PRO PRO B . n 
A 1 113 PHE 113 113 113 PHE PHE B . n 
A 1 114 GLU 114 114 114 GLU GLU B . n 
A 1 115 LEU 115 115 115 LEU LEU B . n 
A 1 116 GLY 116 116 116 GLY GLY B . n 
A 1 117 ASN 117 117 117 ASN ASN B . n 
A 1 118 LEU 118 118 118 LEU LEU B . n 
A 1 119 THR 119 119 119 THR THR B . n 
A 1 120 ASN 120 120 120 ASN ASN B . n 
A 1 121 LEU 121 121 121 LEU LEU B . n 
A 1 122 VAL 122 122 122 VAL VAL B . n 
A 1 123 SER 123 123 123 SER SER B . n 
A 1 124 LEU 124 124 124 LEU LEU B . n 
A 1 125 ASP 125 125 125 ASP ASP B . n 
A 1 126 LEU 126 126 126 LEU LEU B . n 
A 1 127 TYR 127 127 127 TYR TYR B . n 
A 1 128 LEU 128 128 128 LEU LEU B . n 
A 1 129 ASN 129 129 129 ASN ASN B . n 
A 1 130 ARG 130 130 130 ARG ARG B . n 
A 1 131 LEU 131 131 131 LEU LEU B . n 
A 1 132 ASN 132 132 132 ASN ASN B . n 
A 1 133 GLY 133 133 133 GLY GLY B . n 
A 1 134 PRO 134 134 134 PRO PRO B . n 
A 1 135 ILE 135 135 135 ILE ILE B . n 
A 1 136 PRO 136 136 136 PRO PRO B . n 
A 1 137 ASP 137 137 137 ASP ASP B . n 
A 1 138 THR 138 138 138 THR THR B . n 
A 1 139 LEU 139 139 139 LEU LEU B . n 
A 1 140 GLY 140 140 140 GLY GLY B . n 
A 1 141 LYS 141 141 141 LYS LYS B . n 
A 1 142 LEU 142 142 142 LEU LEU B . n 
A 1 143 GLN 143 143 143 GLN GLN B . n 
A 1 144 LYS 144 144 144 LYS LYS B . n 
A 1 145 LEU 145 145 145 LEU LEU B . n 
A 1 146 ARG 146 146 146 ARG ARG B . n 
A 1 147 PHE 147 147 147 PHE PHE B . n 
A 1 148 LEU 148 148 148 LEU LEU B . n 
A 1 149 ARG 149 149 149 ARG ARG B . n 
A 1 150 LEU 150 150 150 LEU LEU B . n 
A 1 151 ASN 151 151 151 ASN ASN B . n 
A 1 152 ASN 152 152 152 ASN ASN B . n 
A 1 153 ASN 153 153 153 ASN ASN B . n 
A 1 154 SER 154 154 154 SER SER B . n 
A 1 155 LEU 155 155 155 LEU LEU B . n 
A 1 156 ASN 156 156 156 ASN ASN B . n 
A 1 157 GLY 157 157 157 GLY GLY B . n 
A 1 158 ARG 158 158 158 ARG ARG B . n 
A 1 159 ILE 159 159 159 ILE ILE B . n 
A 1 160 PRO 160 160 160 PRO PRO B . n 
A 1 161 MET 161 161 161 MET MET B . n 
A 1 162 LEU 162 162 162 LEU LEU B . n 
A 1 163 LEU 163 163 163 LEU LEU B . n 
A 1 164 THR 164 164 164 THR THR B . n 
A 1 165 THR 165 165 165 THR THR B . n 
A 1 166 VAL 166 166 166 VAL VAL B . n 
A 1 167 ILE 167 167 167 ILE ILE B . n 
A 1 168 SER 168 168 168 SER SER B . n 
A 1 169 LEU 169 169 169 LEU LEU B . n 
A 1 170 GLN 170 170 170 GLN GLN B . n 
A 1 171 VAL 171 171 171 VAL VAL B . n 
A 1 172 LEU 172 172 172 LEU LEU B . n 
A 1 173 ASP 173 173 173 ASP ASP B . n 
A 1 174 LEU 174 174 174 LEU LEU B . n 
A 1 175 SER 175 175 175 SER SER B . n 
A 1 176 ASN 176 176 176 ASN ASN B . n 
A 1 177 ASN 177 177 177 ASN ASN B . n 
A 1 178 ASN 178 178 178 ASN ASN B . n 
A 1 179 LEU 179 179 179 LEU LEU B . n 
A 1 180 THR 180 180 180 THR THR B . n 
A 1 181 GLY 181 181 181 GLY GLY B . n 
A 1 182 PRO 182 182 182 PRO PRO B . n 
A 1 183 VAL 183 183 183 VAL VAL B . n 
A 1 184 PRO 184 184 184 PRO PRO B . n 
A 1 185 VAL 185 185 185 VAL VAL B . n 
A 1 186 ASN 186 186 186 ASN ASN B . n 
A 1 187 GLY 187 187 187 GLY GLY B . n 
A 1 188 SER 188 188 188 SER SER B . n 
A 1 189 PHE 189 189 189 PHE PHE B . n 
A 1 190 SER 190 190 190 SER SER B . n 
A 1 191 LEU 191 191 191 LEU LEU B . n 
A 1 192 PHE 192 192 192 PHE PHE B . n 
A 1 193 THR 193 193 193 THR THR B . n 
A 1 194 PRO 194 194 194 PRO PRO B . n 
A 1 195 ILE 195 195 195 ILE ILE B . n 
A 1 196 SER 196 196 196 SER SER B . n 
A 1 197 PHE 197 197 197 PHE PHE B . n 
A 1 198 ALA 198 198 198 ALA ALA B . n 
A 1 199 ASN 199 199 199 ASN ASN B . n 
A 1 200 ASN 200 200 200 ASN ASN B . n 
A 1 201 PRO 201 201 201 PRO PRO B . n 
A 1 202 LEU 202 202 202 LEU LEU B . n 
A 1 203 ASP 203 203 203 ASP ASP B . n 
A 1 204 ILE 204 204 204 ILE ILE B . n 
A 1 205 PRO 205 205 ?   ?   ?   B . n 
A 1 206 PRO 206 206 ?   ?   ?   B . n 
A 1 207 ALA 207 207 ?   ?   ?   B . n 
A 1 208 ALA 208 208 ?   ?   ?   B . n 
A 1 209 PRO 209 209 ?   ?   ?   B . n 
A 1 210 PRO 210 210 ?   ?   ?   B . n 
A 1 211 PRO 211 211 ?   ?   ?   B . n 
A 1 212 PRO 212 212 ?   ?   ?   B . n 
A 1 213 ILE 213 213 ?   ?   ?   B . n 
A 1 214 SER 214 214 ?   ?   ?   B . n 
A 1 215 PRO 215 215 ?   ?   ?   B . n 
A 1 216 MET 216 216 ?   ?   ?   B . n 
A 1 217 PRO 217 217 ?   ?   ?   B . n 
A 1 218 PRO 218 218 ?   ?   ?   B . n 
A 1 219 SER 219 219 ?   ?   ?   B . n 
A 1 220 SER 220 220 ?   ?   ?   B . n 
A 1 221 SER 221 221 ?   ?   ?   B . n 
A 1 222 GLY 222 222 ?   ?   ?   B . n 
A 1 223 VAL 223 223 ?   ?   ?   B . n 
A 1 224 GLY 224 224 ?   ?   ?   B . n 
A 1 225 ASN 225 225 ?   ?   ?   B . n 
A 1 226 SER 226 226 ?   ?   ?   B . n 
A 1 227 ALA 227 227 ?   ?   ?   B . n 
A 1 228 THR 228 228 ?   ?   ?   B . n 
# 
loop_
_pdbx_branch_scheme.asym_id 
_pdbx_branch_scheme.entity_id 
_pdbx_branch_scheme.mon_id 
_pdbx_branch_scheme.num 
_pdbx_branch_scheme.pdb_asym_id 
_pdbx_branch_scheme.pdb_mon_id 
_pdbx_branch_scheme.pdb_seq_num 
_pdbx_branch_scheme.auth_asym_id 
_pdbx_branch_scheme.auth_mon_id 
_pdbx_branch_scheme.auth_seq_num 
_pdbx_branch_scheme.hetero 
B 2 NAG 1 A NAG 1 B NAG 1004 n 
B 2 NAG 2 A NAG 2 B NAG 1005 n 
B 2 BMA 3 A BMA 3 B BMA 1006 n 
# 
loop_
_pdbx_nonpoly_scheme.asym_id 
_pdbx_nonpoly_scheme.entity_id 
_pdbx_nonpoly_scheme.mon_id 
_pdbx_nonpoly_scheme.ndb_seq_num 
_pdbx_nonpoly_scheme.pdb_seq_num 
_pdbx_nonpoly_scheme.auth_seq_num 
_pdbx_nonpoly_scheme.pdb_mon_id 
_pdbx_nonpoly_scheme.auth_mon_id 
_pdbx_nonpoly_scheme.pdb_strand_id 
_pdbx_nonpoly_scheme.pdb_ins_code 
C 3 NAG 1 1000 1000 NAG NAG B . 
D 3 NAG 1 1001 1001 NAG NAG B . 
E 3 NAG 1 1002 1002 NAG NAG B . 
F 3 NAG 1 1003 1003 NAG NAG B . 
# 
_software.citation_id            ? 
_software.classification         refinement 
_software.compiler_name          ? 
_software.compiler_version       ? 
_software.contact_author         ? 
_software.contact_author_email   ? 
_software.date                   ? 
_software.description            ? 
_software.dependencies           ? 
_software.hardware               ? 
_software.language               ? 
_software.location               ? 
_software.mods                   ? 
_software.name                   PHENIX 
_software.os                     ? 
_software.os_version             ? 
_software.type                   ? 
_software.version                1.19.2_4158: 
_software.pdbx_ordinal           1 
# 
_cell.angle_alpha                  90.00 
_cell.angle_alpha_esd              ? 
_cell.angle_beta                   90.00 
_cell.angle_beta_esd               ? 
_cell.angle_gamma                  90.00 
_cell.angle_gamma_esd              ? 
_cell.entry_id                     7W3T 
_cell.details                      ? 
_cell.formula_units_Z              ? 
_cell.length_a                     1.00 
_cell.length_a_esd                 ? 
_cell.length_b                     1.00 
_cell.length_b_esd                 ? 
_cell.length_c                     1.00 
_cell.length_c_esd                 ? 
_cell.volume                       ? 
_cell.volume_esd                   ? 
_cell.Z_PDB                        ? 
_cell.reciprocal_angle_alpha       ? 
_cell.reciprocal_angle_beta        ? 
_cell.reciprocal_angle_gamma       ? 
_cell.reciprocal_angle_alpha_esd   ? 
_cell.reciprocal_angle_beta_esd    ? 
_cell.reciprocal_angle_gamma_esd   ? 
_cell.reciprocal_length_a          ? 
_cell.reciprocal_length_b          ? 
_cell.reciprocal_length_c          ? 
_cell.reciprocal_length_a_esd      ? 
_cell.reciprocal_length_b_esd      ? 
_cell.reciprocal_length_c_esd      ? 
_cell.pdbx_unique_axis             ? 
_cell.pdbx_esd_method              ? 
# 
_symmetry.entry_id                         7W3T 
_symmetry.cell_setting                     ? 
_symmetry.Int_Tables_number                1 
_symmetry.space_group_name_Hall            ? 
_symmetry.space_group_name_H-M             'P 1' 
_symmetry.pdbx_full_space_group_name_H-M   ? 
# 
_exptl.absorpt_coefficient_mu     ? 
_exptl.absorpt_correction_T_max   ? 
_exptl.absorpt_correction_T_min   ? 
_exptl.absorpt_correction_type    ? 
_exptl.absorpt_process_details    ? 
_exptl.entry_id                   7W3T 
_exptl.crystals_number            ? 
_exptl.details                    ? 
_exptl.method                     'ELECTRON MICROSCOPY' 
_exptl.method_details             ? 
# 
_refine.aniso_B[1][1]                            ? 
_refine.aniso_B[1][2]                            ? 
_refine.aniso_B[1][3]                            ? 
_refine.aniso_B[2][2]                            ? 
_refine.aniso_B[2][3]                            ? 
_refine.aniso_B[3][3]                            ? 
_refine.B_iso_max                                ? 
_refine.B_iso_mean                               ? 
_refine.B_iso_min                                ? 
_refine.correlation_coeff_Fo_to_Fc               ? 
_refine.correlation_coeff_Fo_to_Fc_free          ? 
_refine.details                                  ? 
_refine.diff_density_max                         ? 
_refine.diff_density_max_esd                     ? 
_refine.diff_density_min                         ? 
_refine.diff_density_min_esd                     ? 
_refine.diff_density_rms                         ? 
_refine.diff_density_rms_esd                     ? 
_refine.entry_id                                 7W3T 
_refine.pdbx_refine_id                           'ELECTRON MICROSCOPY' 
_refine.ls_abs_structure_details                 ? 
_refine.ls_abs_structure_Flack                   ? 
_refine.ls_abs_structure_Flack_esd               ? 
_refine.ls_abs_structure_Rogers                  ? 
_refine.ls_abs_structure_Rogers_esd              ? 
_refine.ls_d_res_high                            . 
_refine.ls_d_res_low                             ? 
_refine.ls_extinction_coef                       ? 
_refine.ls_extinction_coef_esd                   ? 
_refine.ls_extinction_expression                 ? 
_refine.ls_extinction_method                     ? 
_refine.ls_goodness_of_fit_all                   ? 
_refine.ls_goodness_of_fit_all_esd               ? 
_refine.ls_goodness_of_fit_obs                   ? 
_refine.ls_goodness_of_fit_obs_esd               ? 
_refine.ls_hydrogen_treatment                    ? 
_refine.ls_matrix_type                           ? 
_refine.ls_number_constraints                    ? 
_refine.ls_number_parameters                     ? 
_refine.ls_number_reflns_all                     ? 
_refine.ls_number_reflns_obs                     ? 
_refine.ls_number_reflns_R_free                  ? 
_refine.ls_number_reflns_R_work                  ? 
_refine.ls_number_restraints                     ? 
_refine.ls_percent_reflns_obs                    ? 
_refine.ls_percent_reflns_R_free                 ? 
_refine.ls_R_factor_all                          ? 
_refine.ls_R_factor_obs                          ? 
_refine.ls_R_factor_R_free                       ? 
_refine.ls_R_factor_R_free_error                 ? 
_refine.ls_R_factor_R_free_error_details         ? 
_refine.ls_R_factor_R_work                       ? 
_refine.ls_R_Fsqd_factor_obs                     ? 
_refine.ls_R_I_factor_obs                        ? 
_refine.ls_redundancy_reflns_all                 ? 
_refine.ls_redundancy_reflns_obs                 ? 
_refine.ls_restrained_S_all                      ? 
_refine.ls_restrained_S_obs                      ? 
_refine.ls_shift_over_esd_max                    ? 
_refine.ls_shift_over_esd_mean                   ? 
_refine.ls_structure_factor_coef                 ? 
_refine.ls_weighting_details                     ? 
_refine.ls_weighting_scheme                      ? 
_refine.ls_wR_factor_all                         ? 
_refine.ls_wR_factor_obs                         ? 
_refine.ls_wR_factor_R_free                      ? 
_refine.ls_wR_factor_R_work                      ? 
_refine.occupancy_max                            ? 
_refine.occupancy_min                            ? 
_refine.solvent_model_details                    ? 
_refine.solvent_model_param_bsol                 ? 
_refine.solvent_model_param_ksol                 ? 
_refine.pdbx_R_complete                          ? 
_refine.ls_R_factor_gt                           ? 
_refine.ls_goodness_of_fit_gt                    ? 
_refine.ls_goodness_of_fit_ref                   ? 
_refine.ls_shift_over_su_max                     ? 
_refine.ls_shift_over_su_max_lt                  ? 
_refine.ls_shift_over_su_mean                    ? 
_refine.ls_shift_over_su_mean_lt                 ? 
_refine.pdbx_ls_sigma_I                          ? 
_refine.pdbx_ls_sigma_F                          ? 
_refine.pdbx_ls_sigma_Fsqd                       ? 
_refine.pdbx_data_cutoff_high_absF               ? 
_refine.pdbx_data_cutoff_high_rms_absF           ? 
_refine.pdbx_data_cutoff_low_absF                ? 
_refine.pdbx_isotropic_thermal_model             ? 
_refine.pdbx_ls_cross_valid_method               ? 
_refine.pdbx_method_to_determine_struct          ? 
_refine.pdbx_starting_model                      ? 
_refine.pdbx_stereochemistry_target_values       ? 
_refine.pdbx_R_Free_selection_details            ? 
_refine.pdbx_stereochem_target_val_spec_case     ? 
_refine.pdbx_overall_ESU_R                       ? 
_refine.pdbx_overall_ESU_R_Free                  ? 
_refine.pdbx_solvent_vdw_probe_radii             ? 
_refine.pdbx_solvent_ion_probe_radii             ? 
_refine.pdbx_solvent_shrinkage_radii             ? 
_refine.pdbx_real_space_R                        ? 
_refine.pdbx_density_correlation                 ? 
_refine.pdbx_pd_number_of_powder_patterns        ? 
_refine.pdbx_pd_number_of_points                 ? 
_refine.pdbx_pd_meas_number_of_points            ? 
_refine.pdbx_pd_proc_ls_prof_R_factor            ? 
_refine.pdbx_pd_proc_ls_prof_wR_factor           ? 
_refine.pdbx_pd_Marquardt_correlation_coeff      ? 
_refine.pdbx_pd_Fsqrd_R_factor                   ? 
_refine.pdbx_pd_ls_matrix_band_width             ? 
_refine.pdbx_overall_phase_error                 ? 
_refine.pdbx_overall_SU_R_free_Cruickshank_DPI   ? 
_refine.pdbx_overall_SU_R_free_Blow_DPI          ? 
_refine.pdbx_overall_SU_R_Blow_DPI               ? 
_refine.pdbx_TLS_residual_ADP_flag               ? 
_refine.pdbx_diffrn_id                           ? 
_refine.overall_SU_B                             ? 
_refine.overall_SU_ML                            ? 
_refine.overall_SU_R_Cruickshank_DPI             ? 
_refine.overall_SU_R_free                        ? 
_refine.overall_FOM_free_R_set                   ? 
_refine.overall_FOM_work_R_set                   ? 
_refine.pdbx_average_fsc_overall                 ? 
_refine.pdbx_average_fsc_work                    ? 
_refine.pdbx_average_fsc_free                    ? 
# 
loop_
_refine_ls_restr.pdbx_refine_id 
_refine_ls_restr.criterion 
_refine_ls_restr.dev_ideal 
_refine_ls_restr.dev_ideal_target 
_refine_ls_restr.number 
_refine_ls_restr.rejects 
_refine_ls_restr.type 
_refine_ls_restr.weight 
_refine_ls_restr.pdbx_restraint_function 
'ELECTRON MICROSCOPY' ? 0.003 ? 1481 ? f_bond_d           ? ? 
'ELECTRON MICROSCOPY' ? 0.576 ? 2029 ? f_angle_d          ? ? 
'ELECTRON MICROSCOPY' ? 5.276 ? 230  ? f_dihedral_angle_d ? ? 
'ELECTRON MICROSCOPY' ? 0.046 ? 264  ? f_chiral_restr     ? ? 
'ELECTRON MICROSCOPY' ? 0.006 ? 258  ? f_plane_restr      ? ? 
# 
_struct.entry_id                     7W3T 
_struct.title                        'Cryo-EM structure of plant receptor like kinase NbBAK1 in RXEG1-BAK1-XEG1 complex' 
_struct.pdbx_model_details           ? 
_struct.pdbx_formula_weight          ? 
_struct.pdbx_formula_weight_method   ? 
_struct.pdbx_model_type_details      ? 
_struct.pdbx_CASP_flag               N 
# 
_struct_keywords.entry_id        7W3T 
_struct_keywords.text            'LRR, PTI, Glycoside hydrolase, Inhibitor, PLANT PROTEIN' 
_struct_keywords.pdbx_keywords   'PLANT PROTEIN' 
# 
loop_
_struct_asym.id 
_struct_asym.pdbx_blank_PDB_chainid_flag 
_struct_asym.pdbx_modified 
_struct_asym.entity_id 
_struct_asym.details 
A N N 1 ? 
B N N 2 ? 
C N N 3 ? 
D N N 3 ? 
E N N 3 ? 
F N N 3 ? 
# 
_struct_ref.id                         1 
_struct_ref.db_name                    PDB 
_struct_ref.db_code                    7W3T 
_struct_ref.pdbx_db_accession          7W3T 
_struct_ref.pdbx_db_isoform            ? 
_struct_ref.entity_id                  1 
_struct_ref.pdbx_seq_one_letter_code   ? 
_struct_ref.pdbx_align_begin           1 
# 
_struct_ref_seq.align_id                      1 
_struct_ref_seq.ref_id                        1 
_struct_ref_seq.pdbx_PDB_id_code              7W3T 
_struct_ref_seq.pdbx_strand_id                B 
_struct_ref_seq.seq_align_beg                 1 
_struct_ref_seq.pdbx_seq_align_beg_ins_code   ? 
_struct_ref_seq.seq_align_end                 228 
_struct_ref_seq.pdbx_seq_align_end_ins_code   ? 
_struct_ref_seq.pdbx_db_accession             7W3T 
_struct_ref_seq.db_align_beg                  1 
_struct_ref_seq.pdbx_db_align_beg_ins_code    ? 
_struct_ref_seq.db_align_end                  228 
_struct_ref_seq.pdbx_db_align_end_ins_code    ? 
_struct_ref_seq.pdbx_auth_seq_align_beg       1 
_struct_ref_seq.pdbx_auth_seq_align_end       228 
# 
_pdbx_struct_assembly.id                   1 
_pdbx_struct_assembly.details              author_defined_assembly 
_pdbx_struct_assembly.method_details       ? 
_pdbx_struct_assembly.oligomeric_details   monomeric 
_pdbx_struct_assembly.oligomeric_count     1 
# 
_pdbx_struct_assembly_gen.assembly_id       1 
_pdbx_struct_assembly_gen.oper_expression   1 
_pdbx_struct_assembly_gen.asym_id_list      A,B,C,D,E,F 
# 
_pdbx_struct_assembly_auth_evidence.id                     1 
_pdbx_struct_assembly_auth_evidence.assembly_id            1 
_pdbx_struct_assembly_auth_evidence.experimental_support   'gel filtration' 
_pdbx_struct_assembly_auth_evidence.details                ? 
# 
_pdbx_struct_oper_list.id                   1 
_pdbx_struct_oper_list.type                 'identity operation' 
_pdbx_struct_oper_list.name                 1_555 
_pdbx_struct_oper_list.symmetry_operation   ? 
_pdbx_struct_oper_list.matrix[1][1]         1.0000000000 
_pdbx_struct_oper_list.matrix[1][2]         0.0000000000 
_pdbx_struct_oper_list.matrix[1][3]         0.0000000000 
_pdbx_struct_oper_list.vector[1]            0.0000000000 
_pdbx_struct_oper_list.matrix[2][1]         0.0000000000 
_pdbx_struct_oper_list.matrix[2][2]         1.0000000000 
_pdbx_struct_oper_list.matrix[2][3]         0.0000000000 
_pdbx_struct_oper_list.vector[2]            0.0000000000 
_pdbx_struct_oper_list.matrix[3][1]         0.0000000000 
_pdbx_struct_oper_list.matrix[3][2]         0.0000000000 
_pdbx_struct_oper_list.matrix[3][3]         1.0000000000 
_pdbx_struct_oper_list.vector[3]            0.0000000000 
# 
loop_
_struct_conf.conf_type_id 
_struct_conf.id 
_struct_conf.pdbx_PDB_helix_id 
_struct_conf.beg_label_comp_id 
_struct_conf.beg_label_asym_id 
_struct_conf.beg_label_seq_id 
_struct_conf.pdbx_beg_PDB_ins_code 
_struct_conf.end_label_comp_id 
_struct_conf.end_label_asym_id 
_struct_conf.end_label_seq_id 
_struct_conf.pdbx_end_PDB_ins_code 
_struct_conf.beg_auth_comp_id 
_struct_conf.beg_auth_asym_id 
_struct_conf.beg_auth_seq_id 
_struct_conf.end_auth_comp_id 
_struct_conf.end_auth_asym_id 
_struct_conf.end_auth_seq_id 
_struct_conf.pdbx_PDB_helix_class 
_struct_conf.details 
_struct_conf.pdbx_PDB_helix_length 
HELX_P HELX_P1 AA1 ASN A 29  ? ASN A 41  ? ASN B 29  ASN B 41  1 ? 13 
HELX_P HELX_P2 AA2 GLN A 90  ? LEU A 94  ? GLN B 90  LEU B 94  5 ? 5  
HELX_P HELX_P3 AA3 PRO A 112 ? LEU A 118 ? PRO B 112 LEU B 118 5 ? 7  
HELX_P HELX_P4 AA4 PRO A 136 ? LEU A 142 ? PRO B 136 LEU B 142 5 ? 7  
HELX_P HELX_P5 AA5 MET A 161 ? VAL A 166 ? MET B 161 VAL B 166 5 ? 6  
HELX_P HELX_P6 AA6 ASN A 186 ? LEU A 191 ? ASN B 186 LEU B 191 5 ? 6  
HELX_P HELX_P7 AA7 THR A 193 ? PHE A 197 ? THR B 193 PHE B 197 5 ? 5  
# 
_struct_conf_type.id          HELX_P 
_struct_conf_type.criteria    ? 
_struct_conf_type.reference   ? 
# 
loop_
_struct_conn.id 
_struct_conn.conn_type_id 
_struct_conn.pdbx_leaving_atom_flag 
_struct_conn.pdbx_PDB_id 
_struct_conn.ptnr1_label_asym_id 
_struct_conn.ptnr1_label_comp_id 
_struct_conn.ptnr1_label_seq_id 
_struct_conn.ptnr1_label_atom_id 
_struct_conn.pdbx_ptnr1_label_alt_id 
_struct_conn.pdbx_ptnr1_PDB_ins_code 
_struct_conn.pdbx_ptnr1_standard_comp_id 
_struct_conn.ptnr1_symmetry 
_struct_conn.ptnr2_label_asym_id 
_struct_conn.ptnr2_label_comp_id 
_struct_conn.ptnr2_label_seq_id 
_struct_conn.ptnr2_label_atom_id 
_struct_conn.pdbx_ptnr2_label_alt_id 
_struct_conn.pdbx_ptnr2_PDB_ins_code 
_struct_conn.ptnr1_auth_asym_id 
_struct_conn.ptnr1_auth_comp_id 
_struct_conn.ptnr1_auth_seq_id 
_struct_conn.ptnr2_auth_asym_id 
_struct_conn.ptnr2_auth_comp_id 
_struct_conn.ptnr2_auth_seq_id 
_struct_conn.ptnr2_symmetry 
_struct_conn.pdbx_ptnr3_label_atom_id 
_struct_conn.pdbx_ptnr3_label_seq_id 
_struct_conn.pdbx_ptnr3_label_comp_id 
_struct_conn.pdbx_ptnr3_label_asym_id 
_struct_conn.pdbx_ptnr3_label_alt_id 
_struct_conn.pdbx_ptnr3_PDB_ins_code 
_struct_conn.details 
_struct_conn.pdbx_dist_value 
_struct_conn.pdbx_value_order 
_struct_conn.pdbx_role 
disulf1 disulf ?    ? A CYS 60  SG  ? ? ? 1_555 A CYS 67 SG ? ? B CYS 60  B CYS 67   1_555 ? ? ? ? ? ? ? 2.032 ? ?               
covale1 covale one  ? A ASN 82  ND2 ? ? ? 1_555 C NAG .  C1 ? ? B ASN 82  B NAG 1000 1_555 ? ? ? ? ? ? ? 1.443 ? N-Glycosylation 
covale2 covale one  ? A ASN 106 ND2 ? ? ? 1_555 D NAG .  C1 ? ? B ASN 106 B NAG 1001 1_555 ? ? ? ? ? ? ? 1.446 ? N-Glycosylation 
covale3 covale one  ? A ASN 117 ND2 ? ? ? 1_555 E NAG .  C1 ? ? B ASN 117 B NAG 1002 1_555 ? ? ? ? ? ? ? 1.442 ? N-Glycosylation 
covale4 covale one  ? A ASN 152 ND2 ? ? ? 1_555 F NAG .  C1 ? ? B ASN 152 B NAG 1003 1_555 ? ? ? ? ? ? ? 1.442 ? N-Glycosylation 
covale5 covale one  ? A ASN 186 ND2 ? ? ? 1_555 B NAG .  C1 ? ? B ASN 186 A NAG 1    1_555 ? ? ? ? ? ? ? 1.438 ? N-Glycosylation 
covale6 covale both ? B NAG .   O4  ? ? ? 1_555 B NAG .  C1 ? ? A NAG 1   A NAG 2    1_555 ? ? ? ? ? ? ? 1.443 ? ?               
covale7 covale both ? B NAG .   O4  ? ? ? 1_555 B BMA .  C1 ? ? A NAG 2   A BMA 3    1_555 ? ? ? ? ? ? ? 1.441 ? ?               
# 
loop_
_struct_conn_type.id 
_struct_conn_type.criteria 
_struct_conn_type.reference 
disulf ? ? 
covale ? ? 
# 
loop_
_pdbx_modification_feature.ordinal 
_pdbx_modification_feature.label_comp_id 
_pdbx_modification_feature.label_asym_id 
_pdbx_modification_feature.label_seq_id 
_pdbx_modification_feature.label_alt_id 
_pdbx_modification_feature.modified_residue_label_comp_id 
_pdbx_modification_feature.modified_residue_label_asym_id 
_pdbx_modification_feature.modified_residue_label_seq_id 
_pdbx_modification_feature.modified_residue_label_alt_id 
_pdbx_modification_feature.auth_comp_id 
_pdbx_modification_feature.auth_asym_id 
_pdbx_modification_feature.auth_seq_id 
_pdbx_modification_feature.PDB_ins_code 
_pdbx_modification_feature.symmetry 
_pdbx_modification_feature.modified_residue_auth_comp_id 
_pdbx_modification_feature.modified_residue_auth_asym_id 
_pdbx_modification_feature.modified_residue_auth_seq_id 
_pdbx_modification_feature.modified_residue_PDB_ins_code 
_pdbx_modification_feature.modified_residue_symmetry 
_pdbx_modification_feature.comp_id_linking_atom 
_pdbx_modification_feature.modified_residue_id_linking_atom 
_pdbx_modification_feature.modified_residue_id 
_pdbx_modification_feature.ref_pcm_id 
_pdbx_modification_feature.ref_comp_id 
_pdbx_modification_feature.type 
_pdbx_modification_feature.category 
1 NAG B .  ? ASN A 186 ? NAG A 1    ? 1_555 ASN B 186 ? 1_555 C1 ND2 ASN 1 NAG N-Glycosylation Carbohydrate       
2 NAG C .  ? ASN A 82  ? NAG B 1000 ? 1_555 ASN B 82  ? 1_555 C1 ND2 ASN 1 NAG N-Glycosylation Carbohydrate       
3 NAG D .  ? ASN A 106 ? NAG B 1001 ? 1_555 ASN B 106 ? 1_555 C1 ND2 ASN 1 NAG N-Glycosylation Carbohydrate       
4 NAG E .  ? ASN A 117 ? NAG B 1002 ? 1_555 ASN B 117 ? 1_555 C1 ND2 ASN 1 NAG N-Glycosylation Carbohydrate       
5 NAG F .  ? ASN A 152 ? NAG B 1003 ? 1_555 ASN B 152 ? 1_555 C1 ND2 ASN 1 NAG N-Glycosylation Carbohydrate       
6 CYS A 60 ? CYS A 67  ? CYS B 60   ? 1_555 CYS B 67  ? 1_555 SG SG  .   . .   None            'Disulfide bridge' 
# 
loop_
_struct_sheet.id 
_struct_sheet.type 
_struct_sheet.number_strands 
_struct_sheet.details 
AA1 ? 4 ? 
AA2 ? 6 ? 
AA3 ? 2 ? 
# 
loop_
_struct_sheet_order.sheet_id 
_struct_sheet_order.range_id_1 
_struct_sheet_order.range_id_2 
_struct_sheet_order.offset 
_struct_sheet_order.sense 
AA1 1 2 ? anti-parallel 
AA1 2 3 ? parallel      
AA1 3 4 ? parallel      
AA2 1 2 ? anti-parallel 
AA2 2 3 ? parallel      
AA2 3 4 ? parallel      
AA2 4 5 ? parallel      
AA2 5 6 ? parallel      
AA3 1 2 ? parallel      
# 
loop_
_struct_sheet_range.sheet_id 
_struct_sheet_range.id 
_struct_sheet_range.beg_label_comp_id 
_struct_sheet_range.beg_label_asym_id 
_struct_sheet_range.beg_label_seq_id 
_struct_sheet_range.pdbx_beg_PDB_ins_code 
_struct_sheet_range.end_label_comp_id 
_struct_sheet_range.end_label_asym_id 
_struct_sheet_range.end_label_seq_id 
_struct_sheet_range.pdbx_end_PDB_ins_code 
_struct_sheet_range.beg_auth_comp_id 
_struct_sheet_range.beg_auth_asym_id 
_struct_sheet_range.beg_auth_seq_id 
_struct_sheet_range.end_auth_comp_id 
_struct_sheet_range.end_auth_asym_id 
_struct_sheet_range.end_auth_seq_id 
AA1 1 LEU A 42  ? ALA A 43  ? LEU B 42  ALA B 43  
AA1 2 SER A 84  ? GLY A 85  ? SER B 84  GLY B 85  
AA1 3 ASN A 106 ? GLY A 109 ? ASN B 106 GLY B 109 
AA1 4 ARG A 130 ? LEU A 131 ? ARG B 130 LEU B 131 
AA2 1 VAL A 65  ? THR A 66  ? VAL B 65  THR B 66  
AA2 2 ARG A 75  ? LEU A 78  ? ARG B 75  LEU B 78  
AA2 3 LEU A 100 ? LEU A 102 ? LEU B 100 LEU B 102 
AA2 4 SER A 123 ? ASP A 125 ? SER B 123 ASP B 125 
AA2 5 PHE A 147 ? ASN A 151 ? PHE B 147 ASN B 151 
AA2 6 VAL A 171 ? SER A 175 ? VAL B 171 SER B 175 
AA3 1 GLY A 157 ? ARG A 158 ? GLY B 157 ARG B 158 
AA3 2 LEU A 179 ? THR A 180 ? LEU B 179 THR B 180 
# 
loop_
_pdbx_struct_sheet_hbond.sheet_id 
_pdbx_struct_sheet_hbond.range_id_1 
_pdbx_struct_sheet_hbond.range_id_2 
_pdbx_struct_sheet_hbond.range_1_label_atom_id 
_pdbx_struct_sheet_hbond.range_1_label_comp_id 
_pdbx_struct_sheet_hbond.range_1_label_asym_id 
_pdbx_struct_sheet_hbond.range_1_label_seq_id 
_pdbx_struct_sheet_hbond.range_1_PDB_ins_code 
_pdbx_struct_sheet_hbond.range_1_auth_atom_id 
_pdbx_struct_sheet_hbond.range_1_auth_comp_id 
_pdbx_struct_sheet_hbond.range_1_auth_asym_id 
_pdbx_struct_sheet_hbond.range_1_auth_seq_id 
_pdbx_struct_sheet_hbond.range_2_label_atom_id 
_pdbx_struct_sheet_hbond.range_2_label_comp_id 
_pdbx_struct_sheet_hbond.range_2_label_asym_id 
_pdbx_struct_sheet_hbond.range_2_label_seq_id 
_pdbx_struct_sheet_hbond.range_2_PDB_ins_code 
_pdbx_struct_sheet_hbond.range_2_auth_atom_id 
_pdbx_struct_sheet_hbond.range_2_auth_comp_id 
_pdbx_struct_sheet_hbond.range_2_auth_asym_id 
_pdbx_struct_sheet_hbond.range_2_auth_seq_id 
AA1 1 2 N ALA A 43  ? N ALA B 43  O SER A 84  ? O SER B 84  
AA1 2 3 N GLY A 85  ? N GLY B 85  O SER A 108 ? O SER B 108 
AA1 3 4 N ILE A 107 ? N ILE B 107 O ARG A 130 ? O ARG B 130 
AA2 1 2 N THR A 66  ? N THR B 66  O ARG A 75  ? O ARG B 75  
AA2 2 3 N VAL A 76  ? N VAL B 76  O GLU A 101 ? O GLU B 101 
AA2 3 4 N LEU A 100 ? N LEU B 100 O ASP A 125 ? O ASP B 125 
AA2 4 5 N LEU A 124 ? N LEU B 124 O ARG A 149 ? O ARG B 149 
AA2 5 6 N LEU A 150 ? N LEU B 150 O ASP A 173 ? O ASP B 173 
AA3 1 2 N GLY A 157 ? N GLY B 157 O THR A 180 ? O THR B 180 
# 
_pdbx_entry_details.entry_id                   7W3T 
_pdbx_entry_details.nonpolymer_details         ? 
_pdbx_entry_details.sequence_details           ? 
_pdbx_entry_details.compound_details           ? 
_pdbx_entry_details.source_details             ? 
_pdbx_entry_details.has_ligand_of_interest     N 
_pdbx_entry_details.has_protein_modification   Y 
# 
_em_3d_fitting.entry_id          7W3T 
_em_3d_fitting.id                1 
_em_3d_fitting.details           ? 
_em_3d_fitting.overall_b_value   ? 
_em_3d_fitting.ref_protocol      ? 
_em_3d_fitting.ref_space         ? 
_em_3d_fitting.target_criteria   ? 
_em_3d_fitting.method            ? 
# 
_em_3d_reconstruction.entry_id                    7W3T 
_em_3d_reconstruction.id                          1 
_em_3d_reconstruction.algorithm                   ? 
_em_3d_reconstruction.details                     ? 
_em_3d_reconstruction.refinement_type             ? 
_em_3d_reconstruction.image_processing_id         1 
_em_3d_reconstruction.num_class_averages          ? 
_em_3d_reconstruction.num_particles               36117 
_em_3d_reconstruction.resolution                  3.59 
_em_3d_reconstruction.resolution_method           'FSC 0.143 CUT-OFF' 
_em_3d_reconstruction.symmetry_type               POINT 
_em_3d_reconstruction.method                      ? 
_em_3d_reconstruction.nominal_pixel_size          ? 
_em_3d_reconstruction.actual_pixel_size           ? 
_em_3d_reconstruction.magnification_calibration   ? 
# 
_em_buffer.id            1 
_em_buffer.details       ? 
_em_buffer.pH            8.0 
_em_buffer.specimen_id   1 
_em_buffer.name          ? 
# 
_em_entity_assembly.id                   1 
_em_entity_assembly.parent_id            0 
_em_entity_assembly.details              ? 
_em_entity_assembly.name                 BAK1 
_em_entity_assembly.source               RECOMBINANT 
_em_entity_assembly.type                 COMPLEX 
_em_entity_assembly.entity_id_list       1 
_em_entity_assembly.synonym              ? 
_em_entity_assembly.oligomeric_details   ? 
# 
_em_imaging.id                              1 
_em_imaging.entry_id                        7W3T 
_em_imaging.accelerating_voltage            300 
_em_imaging.alignment_procedure             ? 
_em_imaging.c2_aperture_diameter            ? 
_em_imaging.calibrated_defocus_max          ? 
_em_imaging.calibrated_defocus_min          ? 
_em_imaging.calibrated_magnification        ? 
_em_imaging.cryogen                         ? 
_em_imaging.details                         ? 
_em_imaging.electron_source                 'FIELD EMISSION GUN' 
_em_imaging.illumination_mode               'FLOOD BEAM' 
_em_imaging.microscope_model                'FEI TITAN KRIOS' 
_em_imaging.mode                            'BRIGHT FIELD' 
_em_imaging.nominal_cs                      ? 
_em_imaging.nominal_defocus_max             2000 
_em_imaging.nominal_defocus_min             1500 
_em_imaging.nominal_magnification           ? 
_em_imaging.recording_temperature_maximum   ? 
_em_imaging.recording_temperature_minimum   ? 
_em_imaging.residual_tilt                   ? 
_em_imaging.specimen_holder_model           ? 
_em_imaging.specimen_id                     1 
_em_imaging.citation_id                     ? 
_em_imaging.date                            ? 
_em_imaging.temperature                     ? 
_em_imaging.tilt_angle_min                  ? 
_em_imaging.tilt_angle_max                  ? 
_em_imaging.astigmatism                     ? 
_em_imaging.detector_distance               ? 
_em_imaging.electron_beam_tilt_params       ? 
_em_imaging.specimen_holder_type            ? 
# 
_em_vitrification.id                    1 
_em_vitrification.specimen_id           1 
_em_vitrification.chamber_temperature   ? 
_em_vitrification.cryogen_name          ETHANE 
_em_vitrification.details               ? 
_em_vitrification.humidity              ? 
_em_vitrification.instrument            ? 
_em_vitrification.entry_id              7W3T 
_em_vitrification.citation_id           ? 
_em_vitrification.method                ? 
_em_vitrification.temp                  ? 
_em_vitrification.time_resolved_state   ? 
# 
_em_experiment.entry_id                7W3T 
_em_experiment.id                      1 
_em_experiment.aggregation_state       PARTICLE 
_em_experiment.reconstruction_method   'SINGLE PARTICLE' 
_em_experiment.entity_assembly_id      1 
# 
loop_
_pdbx_unobs_or_zero_occ_residues.id 
_pdbx_unobs_or_zero_occ_residues.PDB_model_num 
_pdbx_unobs_or_zero_occ_residues.polymer_flag 
_pdbx_unobs_or_zero_occ_residues.occupancy_flag 
_pdbx_unobs_or_zero_occ_residues.auth_asym_id 
_pdbx_unobs_or_zero_occ_residues.auth_comp_id 
_pdbx_unobs_or_zero_occ_residues.auth_seq_id 
_pdbx_unobs_or_zero_occ_residues.PDB_ins_code 
_pdbx_unobs_or_zero_occ_residues.label_asym_id 
_pdbx_unobs_or_zero_occ_residues.label_comp_id 
_pdbx_unobs_or_zero_occ_residues.label_seq_id 
1  1 Y 1 B MET 1   ? A MET 1   
2  1 Y 1 B ASP 2   ? A ASP 2   
3  1 Y 1 B GLN 3   ? A GLN 3   
4  1 Y 1 B TRP 4   ? A TRP 4   
5  1 Y 1 B ILE 5   ? A ILE 5   
6  1 Y 1 B LEU 6   ? A LEU 6   
7  1 Y 1 B GLY 7   ? A GLY 7   
8  1 Y 1 B ILE 8   ? A ILE 8   
9  1 Y 1 B LEU 9   ? A LEU 9   
10 1 Y 1 B GLY 10  ? A GLY 10  
11 1 Y 1 B PHE 11  ? A PHE 11  
12 1 Y 1 B VAL 12  ? A VAL 12  
13 1 Y 1 B SER 13  ? A SER 13  
14 1 Y 1 B THR 14  ? A THR 14  
15 1 Y 1 B PHE 15  ? A PHE 15  
16 1 Y 1 B LEU 16  ? A LEU 16  
17 1 Y 1 B CYS 17  ? A CYS 17  
18 1 Y 1 B LEU 18  ? A LEU 18  
19 1 Y 1 B ILE 19  ? A ILE 19  
20 1 Y 1 B GLY 20  ? A GLY 20  
21 1 Y 1 B LEU 21  ? A LEU 21  
22 1 Y 1 B LEU 22  ? A LEU 22  
23 1 Y 1 B LEU 23  ? A LEU 23  
24 1 Y 1 B VAL 24  ? A VAL 24  
25 1 Y 1 B PRO 25  ? A PRO 25  
26 1 Y 1 B VAL 26  ? A VAL 26  
27 1 Y 1 B SER 27  ? A SER 27  
28 1 Y 1 B ALA 28  ? A ALA 28  
29 1 Y 1 B PRO 205 ? A PRO 205 
30 1 Y 1 B PRO 206 ? A PRO 206 
31 1 Y 1 B ALA 207 ? A ALA 207 
32 1 Y 1 B ALA 208 ? A ALA 208 
33 1 Y 1 B PRO 209 ? A PRO 209 
34 1 Y 1 B PRO 210 ? A PRO 210 
35 1 Y 1 B PRO 211 ? A PRO 211 
36 1 Y 1 B PRO 212 ? A PRO 212 
37 1 Y 1 B ILE 213 ? A ILE 213 
38 1 Y 1 B SER 214 ? A SER 214 
39 1 Y 1 B PRO 215 ? A PRO 215 
40 1 Y 1 B MET 216 ? A MET 216 
41 1 Y 1 B PRO 217 ? A PRO 217 
42 1 Y 1 B PRO 218 ? A PRO 218 
43 1 Y 1 B SER 219 ? A SER 219 
44 1 Y 1 B SER 220 ? A SER 220 
45 1 Y 1 B SER 221 ? A SER 221 
46 1 Y 1 B GLY 222 ? A GLY 222 
47 1 Y 1 B VAL 223 ? A VAL 223 
48 1 Y 1 B GLY 224 ? A GLY 224 
49 1 Y 1 B ASN 225 ? A ASN 225 
50 1 Y 1 B SER 226 ? A SER 226 
51 1 Y 1 B ALA 227 ? A ALA 227 
52 1 Y 1 B THR 228 ? A THR 228 
# 
loop_
_chem_comp_atom.comp_id 
_chem_comp_atom.atom_id 
_chem_comp_atom.type_symbol 
_chem_comp_atom.pdbx_aromatic_flag 
_chem_comp_atom.pdbx_stereo_config 
_chem_comp_atom.pdbx_ordinal 
ALA N    N N N 1   
ALA CA   C N S 2   
ALA C    C N N 3   
ALA O    O N N 4   
ALA CB   C N N 5   
ALA OXT  O N N 6   
ALA H    H N N 7   
ALA H2   H N N 8   
ALA HA   H N N 9   
ALA HB1  H N N 10  
ALA HB2  H N N 11  
ALA HB3  H N N 12  
ALA HXT  H N N 13  
ARG N    N N N 14  
ARG CA   C N S 15  
ARG C    C N N 16  
ARG O    O N N 17  
ARG CB   C N N 18  
ARG CG   C N N 19  
ARG CD   C N N 20  
ARG NE   N N N 21  
ARG CZ   C N N 22  
ARG NH1  N N N 23  
ARG NH2  N N N 24  
ARG OXT  O N N 25  
ARG H    H N N 26  
ARG H2   H N N 27  
ARG HA   H N N 28  
ARG HB2  H N N 29  
ARG HB3  H N N 30  
ARG HG2  H N N 31  
ARG HG3  H N N 32  
ARG HD2  H N N 33  
ARG HD3  H N N 34  
ARG HE   H N N 35  
ARG HH11 H N N 36  
ARG HH12 H N N 37  
ARG HH21 H N N 38  
ARG HH22 H N N 39  
ARG HXT  H N N 40  
ASN N    N N N 41  
ASN CA   C N S 42  
ASN C    C N N 43  
ASN O    O N N 44  
ASN CB   C N N 45  
ASN CG   C N N 46  
ASN OD1  O N N 47  
ASN ND2  N N N 48  
ASN OXT  O N N 49  
ASN H    H N N 50  
ASN H2   H N N 51  
ASN HA   H N N 52  
ASN HB2  H N N 53  
ASN HB3  H N N 54  
ASN HD21 H N N 55  
ASN HD22 H N N 56  
ASN HXT  H N N 57  
ASP N    N N N 58  
ASP CA   C N S 59  
ASP C    C N N 60  
ASP O    O N N 61  
ASP CB   C N N 62  
ASP CG   C N N 63  
ASP OD1  O N N 64  
ASP OD2  O N N 65  
ASP OXT  O N N 66  
ASP H    H N N 67  
ASP H2   H N N 68  
ASP HA   H N N 69  
ASP HB2  H N N 70  
ASP HB3  H N N 71  
ASP HD2  H N N 72  
ASP HXT  H N N 73  
BMA C1   C N R 74  
BMA C2   C N S 75  
BMA C3   C N S 76  
BMA C4   C N S 77  
BMA C5   C N R 78  
BMA C6   C N N 79  
BMA O1   O N N 80  
BMA O2   O N N 81  
BMA O3   O N N 82  
BMA O4   O N N 83  
BMA O5   O N N 84  
BMA O6   O N N 85  
BMA H1   H N N 86  
BMA H2   H N N 87  
BMA H3   H N N 88  
BMA H4   H N N 89  
BMA H5   H N N 90  
BMA H61  H N N 91  
BMA H62  H N N 92  
BMA HO1  H N N 93  
BMA HO2  H N N 94  
BMA HO3  H N N 95  
BMA HO4  H N N 96  
BMA HO6  H N N 97  
CYS N    N N N 98  
CYS CA   C N R 99  
CYS C    C N N 100 
CYS O    O N N 101 
CYS CB   C N N 102 
CYS SG   S N N 103 
CYS OXT  O N N 104 
CYS H    H N N 105 
CYS H2   H N N 106 
CYS HA   H N N 107 
CYS HB2  H N N 108 
CYS HB3  H N N 109 
CYS HG   H N N 110 
CYS HXT  H N N 111 
GLN N    N N N 112 
GLN CA   C N S 113 
GLN C    C N N 114 
GLN O    O N N 115 
GLN CB   C N N 116 
GLN CG   C N N 117 
GLN CD   C N N 118 
GLN OE1  O N N 119 
GLN NE2  N N N 120 
GLN OXT  O N N 121 
GLN H    H N N 122 
GLN H2   H N N 123 
GLN HA   H N N 124 
GLN HB2  H N N 125 
GLN HB3  H N N 126 
GLN HG2  H N N 127 
GLN HG3  H N N 128 
GLN HE21 H N N 129 
GLN HE22 H N N 130 
GLN HXT  H N N 131 
GLU N    N N N 132 
GLU CA   C N S 133 
GLU C    C N N 134 
GLU O    O N N 135 
GLU CB   C N N 136 
GLU CG   C N N 137 
GLU CD   C N N 138 
GLU OE1  O N N 139 
GLU OE2  O N N 140 
GLU OXT  O N N 141 
GLU H    H N N 142 
GLU H2   H N N 143 
GLU HA   H N N 144 
GLU HB2  H N N 145 
GLU HB3  H N N 146 
GLU HG2  H N N 147 
GLU HG3  H N N 148 
GLU HE2  H N N 149 
GLU HXT  H N N 150 
GLY N    N N N 151 
GLY CA   C N N 152 
GLY C    C N N 153 
GLY O    O N N 154 
GLY OXT  O N N 155 
GLY H    H N N 156 
GLY H2   H N N 157 
GLY HA2  H N N 158 
GLY HA3  H N N 159 
GLY HXT  H N N 160 
HIS N    N N N 161 
HIS CA   C N S 162 
HIS C    C N N 163 
HIS O    O N N 164 
HIS CB   C N N 165 
HIS CG   C Y N 166 
HIS ND1  N Y N 167 
HIS CD2  C Y N 168 
HIS CE1  C Y N 169 
HIS NE2  N Y N 170 
HIS OXT  O N N 171 
HIS H    H N N 172 
HIS H2   H N N 173 
HIS HA   H N N 174 
HIS HB2  H N N 175 
HIS HB3  H N N 176 
HIS HD1  H N N 177 
HIS HD2  H N N 178 
HIS HE1  H N N 179 
HIS HE2  H N N 180 
HIS HXT  H N N 181 
ILE N    N N N 182 
ILE CA   C N S 183 
ILE C    C N N 184 
ILE O    O N N 185 
ILE CB   C N S 186 
ILE CG1  C N N 187 
ILE CG2  C N N 188 
ILE CD1  C N N 189 
ILE OXT  O N N 190 
ILE H    H N N 191 
ILE H2   H N N 192 
ILE HA   H N N 193 
ILE HB   H N N 194 
ILE HG12 H N N 195 
ILE HG13 H N N 196 
ILE HG21 H N N 197 
ILE HG22 H N N 198 
ILE HG23 H N N 199 
ILE HD11 H N N 200 
ILE HD12 H N N 201 
ILE HD13 H N N 202 
ILE HXT  H N N 203 
LEU N    N N N 204 
LEU CA   C N S 205 
LEU C    C N N 206 
LEU O    O N N 207 
LEU CB   C N N 208 
LEU CG   C N N 209 
LEU CD1  C N N 210 
LEU CD2  C N N 211 
LEU OXT  O N N 212 
LEU H    H N N 213 
LEU H2   H N N 214 
LEU HA   H N N 215 
LEU HB2  H N N 216 
LEU HB3  H N N 217 
LEU HG   H N N 218 
LEU HD11 H N N 219 
LEU HD12 H N N 220 
LEU HD13 H N N 221 
LEU HD21 H N N 222 
LEU HD22 H N N 223 
LEU HD23 H N N 224 
LEU HXT  H N N 225 
LYS N    N N N 226 
LYS CA   C N S 227 
LYS C    C N N 228 
LYS O    O N N 229 
LYS CB   C N N 230 
LYS CG   C N N 231 
LYS CD   C N N 232 
LYS CE   C N N 233 
LYS NZ   N N N 234 
LYS OXT  O N N 235 
LYS H    H N N 236 
LYS H2   H N N 237 
LYS HA   H N N 238 
LYS HB2  H N N 239 
LYS HB3  H N N 240 
LYS HG2  H N N 241 
LYS HG3  H N N 242 
LYS HD2  H N N 243 
LYS HD3  H N N 244 
LYS HE2  H N N 245 
LYS HE3  H N N 246 
LYS HZ1  H N N 247 
LYS HZ2  H N N 248 
LYS HZ3  H N N 249 
LYS HXT  H N N 250 
MET N    N N N 251 
MET CA   C N S 252 
MET C    C N N 253 
MET O    O N N 254 
MET CB   C N N 255 
MET CG   C N N 256 
MET SD   S N N 257 
MET CE   C N N 258 
MET OXT  O N N 259 
MET H    H N N 260 
MET H2   H N N 261 
MET HA   H N N 262 
MET HB2  H N N 263 
MET HB3  H N N 264 
MET HG2  H N N 265 
MET HG3  H N N 266 
MET HE1  H N N 267 
MET HE2  H N N 268 
MET HE3  H N N 269 
MET HXT  H N N 270 
NAG C1   C N R 271 
NAG C2   C N R 272 
NAG C3   C N R 273 
NAG C4   C N S 274 
NAG C5   C N R 275 
NAG C6   C N N 276 
NAG C7   C N N 277 
NAG C8   C N N 278 
NAG N2   N N N 279 
NAG O1   O N N 280 
NAG O3   O N N 281 
NAG O4   O N N 282 
NAG O5   O N N 283 
NAG O6   O N N 284 
NAG O7   O N N 285 
NAG H1   H N N 286 
NAG H2   H N N 287 
NAG H3   H N N 288 
NAG H4   H N N 289 
NAG H5   H N N 290 
NAG H61  H N N 291 
NAG H62  H N N 292 
NAG H81  H N N 293 
NAG H82  H N N 294 
NAG H83  H N N 295 
NAG HN2  H N N 296 
NAG HO1  H N N 297 
NAG HO3  H N N 298 
NAG HO4  H N N 299 
NAG HO6  H N N 300 
PHE N    N N N 301 
PHE CA   C N S 302 
PHE C    C N N 303 
PHE O    O N N 304 
PHE CB   C N N 305 
PHE CG   C Y N 306 
PHE CD1  C Y N 307 
PHE CD2  C Y N 308 
PHE CE1  C Y N 309 
PHE CE2  C Y N 310 
PHE CZ   C Y N 311 
PHE OXT  O N N 312 
PHE H    H N N 313 
PHE H2   H N N 314 
PHE HA   H N N 315 
PHE HB2  H N N 316 
PHE HB3  H N N 317 
PHE HD1  H N N 318 
PHE HD2  H N N 319 
PHE HE1  H N N 320 
PHE HE2  H N N 321 
PHE HZ   H N N 322 
PHE HXT  H N N 323 
PRO N    N N N 324 
PRO CA   C N S 325 
PRO C    C N N 326 
PRO O    O N N 327 
PRO CB   C N N 328 
PRO CG   C N N 329 
PRO CD   C N N 330 
PRO OXT  O N N 331 
PRO H    H N N 332 
PRO HA   H N N 333 
PRO HB2  H N N 334 
PRO HB3  H N N 335 
PRO HG2  H N N 336 
PRO HG3  H N N 337 
PRO HD2  H N N 338 
PRO HD3  H N N 339 
PRO HXT  H N N 340 
SER N    N N N 341 
SER CA   C N S 342 
SER C    C N N 343 
SER O    O N N 344 
SER CB   C N N 345 
SER OG   O N N 346 
SER OXT  O N N 347 
SER H    H N N 348 
SER H2   H N N 349 
SER HA   H N N 350 
SER HB2  H N N 351 
SER HB3  H N N 352 
SER HG   H N N 353 
SER HXT  H N N 354 
THR N    N N N 355 
THR CA   C N S 356 
THR C    C N N 357 
THR O    O N N 358 
THR CB   C N R 359 
THR OG1  O N N 360 
THR CG2  C N N 361 
THR OXT  O N N 362 
THR H    H N N 363 
THR H2   H N N 364 
THR HA   H N N 365 
THR HB   H N N 366 
THR HG1  H N N 367 
THR HG21 H N N 368 
THR HG22 H N N 369 
THR HG23 H N N 370 
THR HXT  H N N 371 
TRP N    N N N 372 
TRP CA   C N S 373 
TRP C    C N N 374 
TRP O    O N N 375 
TRP CB   C N N 376 
TRP CG   C Y N 377 
TRP CD1  C Y N 378 
TRP CD2  C Y N 379 
TRP NE1  N Y N 380 
TRP CE2  C Y N 381 
TRP CE3  C Y N 382 
TRP CZ2  C Y N 383 
TRP CZ3  C Y N 384 
TRP CH2  C Y N 385 
TRP OXT  O N N 386 
TRP H    H N N 387 
TRP H2   H N N 388 
TRP HA   H N N 389 
TRP HB2  H N N 390 
TRP HB3  H N N 391 
TRP HD1  H N N 392 
TRP HE1  H N N 393 
TRP HE3  H N N 394 
TRP HZ2  H N N 395 
TRP HZ3  H N N 396 
TRP HH2  H N N 397 
TRP HXT  H N N 398 
TYR N    N N N 399 
TYR CA   C N S 400 
TYR C    C N N 401 
TYR O    O N N 402 
TYR CB   C N N 403 
TYR CG   C Y N 404 
TYR CD1  C Y N 405 
TYR CD2  C Y N 406 
TYR CE1  C Y N 407 
TYR CE2  C Y N 408 
TYR CZ   C Y N 409 
TYR OH   O N N 410 
TYR OXT  O N N 411 
TYR H    H N N 412 
TYR H2   H N N 413 
TYR HA   H N N 414 
TYR HB2  H N N 415 
TYR HB3  H N N 416 
TYR HD1  H N N 417 
TYR HD2  H N N 418 
TYR HE1  H N N 419 
TYR HE2  H N N 420 
TYR HH   H N N 421 
TYR HXT  H N N 422 
VAL N    N N N 423 
VAL CA   C N S 424 
VAL C    C N N 425 
VAL O    O N N 426 
VAL CB   C N N 427 
VAL CG1  C N N 428 
VAL CG2  C N N 429 
VAL OXT  O N N 430 
VAL H    H N N 431 
VAL H2   H N N 432 
VAL HA   H N N 433 
VAL HB   H N N 434 
VAL HG11 H N N 435 
VAL HG12 H N N 436 
VAL HG13 H N N 437 
VAL HG21 H N N 438 
VAL HG22 H N N 439 
VAL HG23 H N N 440 
VAL HXT  H N N 441 
# 
loop_
_chem_comp_bond.comp_id 
_chem_comp_bond.atom_id_1 
_chem_comp_bond.atom_id_2 
_chem_comp_bond.value_order 
_chem_comp_bond.pdbx_aromatic_flag 
_chem_comp_bond.pdbx_stereo_config 
_chem_comp_bond.pdbx_ordinal 
ALA N   CA   sing N N 1   
ALA N   H    sing N N 2   
ALA N   H2   sing N N 3   
ALA CA  C    sing N N 4   
ALA CA  CB   sing N N 5   
ALA CA  HA   sing N N 6   
ALA C   O    doub N N 7   
ALA C   OXT  sing N N 8   
ALA CB  HB1  sing N N 9   
ALA CB  HB2  sing N N 10  
ALA CB  HB3  sing N N 11  
ALA OXT HXT  sing N N 12  
ARG N   CA   sing N N 13  
ARG N   H    sing N N 14  
ARG N   H2   sing N N 15  
ARG CA  C    sing N N 16  
ARG CA  CB   sing N N 17  
ARG CA  HA   sing N N 18  
ARG C   O    doub N N 19  
ARG C   OXT  sing N N 20  
ARG CB  CG   sing N N 21  
ARG CB  HB2  sing N N 22  
ARG CB  HB3  sing N N 23  
ARG CG  CD   sing N N 24  
ARG CG  HG2  sing N N 25  
ARG CG  HG3  sing N N 26  
ARG CD  NE   sing N N 27  
ARG CD  HD2  sing N N 28  
ARG CD  HD3  sing N N 29  
ARG NE  CZ   sing N N 30  
ARG NE  HE   sing N N 31  
ARG CZ  NH1  sing N N 32  
ARG CZ  NH2  doub N N 33  
ARG NH1 HH11 sing N N 34  
ARG NH1 HH12 sing N N 35  
ARG NH2 HH21 sing N N 36  
ARG NH2 HH22 sing N N 37  
ARG OXT HXT  sing N N 38  
ASN N   CA   sing N N 39  
ASN N   H    sing N N 40  
ASN N   H2   sing N N 41  
ASN CA  C    sing N N 42  
ASN CA  CB   sing N N 43  
ASN CA  HA   sing N N 44  
ASN C   O    doub N N 45  
ASN C   OXT  sing N N 46  
ASN CB  CG   sing N N 47  
ASN CB  HB2  sing N N 48  
ASN CB  HB3  sing N N 49  
ASN CG  OD1  doub N N 50  
ASN CG  ND2  sing N N 51  
ASN ND2 HD21 sing N N 52  
ASN ND2 HD22 sing N N 53  
ASN OXT HXT  sing N N 54  
ASP N   CA   sing N N 55  
ASP N   H    sing N N 56  
ASP N   H2   sing N N 57  
ASP CA  C    sing N N 58  
ASP CA  CB   sing N N 59  
ASP CA  HA   sing N N 60  
ASP C   O    doub N N 61  
ASP C   OXT  sing N N 62  
ASP CB  CG   sing N N 63  
ASP CB  HB2  sing N N 64  
ASP CB  HB3  sing N N 65  
ASP CG  OD1  doub N N 66  
ASP CG  OD2  sing N N 67  
ASP OD2 HD2  sing N N 68  
ASP OXT HXT  sing N N 69  
BMA C1  C2   sing N N 70  
BMA C1  O1   sing N N 71  
BMA C1  O5   sing N N 72  
BMA C1  H1   sing N N 73  
BMA C2  C3   sing N N 74  
BMA C2  O2   sing N N 75  
BMA C2  H2   sing N N 76  
BMA C3  C4   sing N N 77  
BMA C3  O3   sing N N 78  
BMA C3  H3   sing N N 79  
BMA C4  C5   sing N N 80  
BMA C4  O4   sing N N 81  
BMA C4  H4   sing N N 82  
BMA C5  C6   sing N N 83  
BMA C5  O5   sing N N 84  
BMA C5  H5   sing N N 85  
BMA C6  O6   sing N N 86  
BMA C6  H61  sing N N 87  
BMA C6  H62  sing N N 88  
BMA O1  HO1  sing N N 89  
BMA O2  HO2  sing N N 90  
BMA O3  HO3  sing N N 91  
BMA O4  HO4  sing N N 92  
BMA O6  HO6  sing N N 93  
CYS N   CA   sing N N 94  
CYS N   H    sing N N 95  
CYS N   H2   sing N N 96  
CYS CA  C    sing N N 97  
CYS CA  CB   sing N N 98  
CYS CA  HA   sing N N 99  
CYS C   O    doub N N 100 
CYS C   OXT  sing N N 101 
CYS CB  SG   sing N N 102 
CYS CB  HB2  sing N N 103 
CYS CB  HB3  sing N N 104 
CYS SG  HG   sing N N 105 
CYS OXT HXT  sing N N 106 
GLN N   CA   sing N N 107 
GLN N   H    sing N N 108 
GLN N   H2   sing N N 109 
GLN CA  C    sing N N 110 
GLN CA  CB   sing N N 111 
GLN CA  HA   sing N N 112 
GLN C   O    doub N N 113 
GLN C   OXT  sing N N 114 
GLN CB  CG   sing N N 115 
GLN CB  HB2  sing N N 116 
GLN CB  HB3  sing N N 117 
GLN CG  CD   sing N N 118 
GLN CG  HG2  sing N N 119 
GLN CG  HG3  sing N N 120 
GLN CD  OE1  doub N N 121 
GLN CD  NE2  sing N N 122 
GLN NE2 HE21 sing N N 123 
GLN NE2 HE22 sing N N 124 
GLN OXT HXT  sing N N 125 
GLU N   CA   sing N N 126 
GLU N   H    sing N N 127 
GLU N   H2   sing N N 128 
GLU CA  C    sing N N 129 
GLU CA  CB   sing N N 130 
GLU CA  HA   sing N N 131 
GLU C   O    doub N N 132 
GLU C   OXT  sing N N 133 
GLU CB  CG   sing N N 134 
GLU CB  HB2  sing N N 135 
GLU CB  HB3  sing N N 136 
GLU CG  CD   sing N N 137 
GLU CG  HG2  sing N N 138 
GLU CG  HG3  sing N N 139 
GLU CD  OE1  doub N N 140 
GLU CD  OE2  sing N N 141 
GLU OE2 HE2  sing N N 142 
GLU OXT HXT  sing N N 143 
GLY N   CA   sing N N 144 
GLY N   H    sing N N 145 
GLY N   H2   sing N N 146 
GLY CA  C    sing N N 147 
GLY CA  HA2  sing N N 148 
GLY CA  HA3  sing N N 149 
GLY C   O    doub N N 150 
GLY C   OXT  sing N N 151 
GLY OXT HXT  sing N N 152 
HIS N   CA   sing N N 153 
HIS N   H    sing N N 154 
HIS N   H2   sing N N 155 
HIS CA  C    sing N N 156 
HIS CA  CB   sing N N 157 
HIS CA  HA   sing N N 158 
HIS C   O    doub N N 159 
HIS C   OXT  sing N N 160 
HIS CB  CG   sing N N 161 
HIS CB  HB2  sing N N 162 
HIS CB  HB3  sing N N 163 
HIS CG  ND1  sing Y N 164 
HIS CG  CD2  doub Y N 165 
HIS ND1 CE1  doub Y N 166 
HIS ND1 HD1  sing N N 167 
HIS CD2 NE2  sing Y N 168 
HIS CD2 HD2  sing N N 169 
HIS CE1 NE2  sing Y N 170 
HIS CE1 HE1  sing N N 171 
HIS NE2 HE2  sing N N 172 
HIS OXT HXT  sing N N 173 
ILE N   CA   sing N N 174 
ILE N   H    sing N N 175 
ILE N   H2   sing N N 176 
ILE CA  C    sing N N 177 
ILE CA  CB   sing N N 178 
ILE CA  HA   sing N N 179 
ILE C   O    doub N N 180 
ILE C   OXT  sing N N 181 
ILE CB  CG1  sing N N 182 
ILE CB  CG2  sing N N 183 
ILE CB  HB   sing N N 184 
ILE CG1 CD1  sing N N 185 
ILE CG1 HG12 sing N N 186 
ILE CG1 HG13 sing N N 187 
ILE CG2 HG21 sing N N 188 
ILE CG2 HG22 sing N N 189 
ILE CG2 HG23 sing N N 190 
ILE CD1 HD11 sing N N 191 
ILE CD1 HD12 sing N N 192 
ILE CD1 HD13 sing N N 193 
ILE OXT HXT  sing N N 194 
LEU N   CA   sing N N 195 
LEU N   H    sing N N 196 
LEU N   H2   sing N N 197 
LEU CA  C    sing N N 198 
LEU CA  CB   sing N N 199 
LEU CA  HA   sing N N 200 
LEU C   O    doub N N 201 
LEU C   OXT  sing N N 202 
LEU CB  CG   sing N N 203 
LEU CB  HB2  sing N N 204 
LEU CB  HB3  sing N N 205 
LEU CG  CD1  sing N N 206 
LEU CG  CD2  sing N N 207 
LEU CG  HG   sing N N 208 
LEU CD1 HD11 sing N N 209 
LEU CD1 HD12 sing N N 210 
LEU CD1 HD13 sing N N 211 
LEU CD2 HD21 sing N N 212 
LEU CD2 HD22 sing N N 213 
LEU CD2 HD23 sing N N 214 
LEU OXT HXT  sing N N 215 
LYS N   CA   sing N N 216 
LYS N   H    sing N N 217 
LYS N   H2   sing N N 218 
LYS CA  C    sing N N 219 
LYS CA  CB   sing N N 220 
LYS CA  HA   sing N N 221 
LYS C   O    doub N N 222 
LYS C   OXT  sing N N 223 
LYS CB  CG   sing N N 224 
LYS CB  HB2  sing N N 225 
LYS CB  HB3  sing N N 226 
LYS CG  CD   sing N N 227 
LYS CG  HG2  sing N N 228 
LYS CG  HG3  sing N N 229 
LYS CD  CE   sing N N 230 
LYS CD  HD2  sing N N 231 
LYS CD  HD3  sing N N 232 
LYS CE  NZ   sing N N 233 
LYS CE  HE2  sing N N 234 
LYS CE  HE3  sing N N 235 
LYS NZ  HZ1  sing N N 236 
LYS NZ  HZ2  sing N N 237 
LYS NZ  HZ3  sing N N 238 
LYS OXT HXT  sing N N 239 
MET N   CA   sing N N 240 
MET N   H    sing N N 241 
MET N   H2   sing N N 242 
MET CA  C    sing N N 243 
MET CA  CB   sing N N 244 
MET CA  HA   sing N N 245 
MET C   O    doub N N 246 
MET C   OXT  sing N N 247 
MET CB  CG   sing N N 248 
MET CB  HB2  sing N N 249 
MET CB  HB3  sing N N 250 
MET CG  SD   sing N N 251 
MET CG  HG2  sing N N 252 
MET CG  HG3  sing N N 253 
MET SD  CE   sing N N 254 
MET CE  HE1  sing N N 255 
MET CE  HE2  sing N N 256 
MET CE  HE3  sing N N 257 
MET OXT HXT  sing N N 258 
NAG C1  C2   sing N N 259 
NAG C1  O1   sing N N 260 
NAG C1  O5   sing N N 261 
NAG C1  H1   sing N N 262 
NAG C2  C3   sing N N 263 
NAG C2  N2   sing N N 264 
NAG C2  H2   sing N N 265 
NAG C3  C4   sing N N 266 
NAG C3  O3   sing N N 267 
NAG C3  H3   sing N N 268 
NAG C4  C5   sing N N 269 
NAG C4  O4   sing N N 270 
NAG C4  H4   sing N N 271 
NAG C5  C6   sing N N 272 
NAG C5  O5   sing N N 273 
NAG C5  H5   sing N N 274 
NAG C6  O6   sing N N 275 
NAG C6  H61  sing N N 276 
NAG C6  H62  sing N N 277 
NAG C7  C8   sing N N 278 
NAG C7  N2   sing N N 279 
NAG C7  O7   doub N N 280 
NAG C8  H81  sing N N 281 
NAG C8  H82  sing N N 282 
NAG C8  H83  sing N N 283 
NAG N2  HN2  sing N N 284 
NAG O1  HO1  sing N N 285 
NAG O3  HO3  sing N N 286 
NAG O4  HO4  sing N N 287 
NAG O6  HO6  sing N N 288 
PHE N   CA   sing N N 289 
PHE N   H    sing N N 290 
PHE N   H2   sing N N 291 
PHE CA  C    sing N N 292 
PHE CA  CB   sing N N 293 
PHE CA  HA   sing N N 294 
PHE C   O    doub N N 295 
PHE C   OXT  sing N N 296 
PHE CB  CG   sing N N 297 
PHE CB  HB2  sing N N 298 
PHE CB  HB3  sing N N 299 
PHE CG  CD1  doub Y N 300 
PHE CG  CD2  sing Y N 301 
PHE CD1 CE1  sing Y N 302 
PHE CD1 HD1  sing N N 303 
PHE CD2 CE2  doub Y N 304 
PHE CD2 HD2  sing N N 305 
PHE CE1 CZ   doub Y N 306 
PHE CE1 HE1  sing N N 307 
PHE CE2 CZ   sing Y N 308 
PHE CE2 HE2  sing N N 309 
PHE CZ  HZ   sing N N 310 
PHE OXT HXT  sing N N 311 
PRO N   CA   sing N N 312 
PRO N   CD   sing N N 313 
PRO N   H    sing N N 314 
PRO CA  C    sing N N 315 
PRO CA  CB   sing N N 316 
PRO CA  HA   sing N N 317 
PRO C   O    doub N N 318 
PRO C   OXT  sing N N 319 
PRO CB  CG   sing N N 320 
PRO CB  HB2  sing N N 321 
PRO CB  HB3  sing N N 322 
PRO CG  CD   sing N N 323 
PRO CG  HG2  sing N N 324 
PRO CG  HG3  sing N N 325 
PRO CD  HD2  sing N N 326 
PRO CD  HD3  sing N N 327 
PRO OXT HXT  sing N N 328 
SER N   CA   sing N N 329 
SER N   H    sing N N 330 
SER N   H2   sing N N 331 
SER CA  C    sing N N 332 
SER CA  CB   sing N N 333 
SER CA  HA   sing N N 334 
SER C   O    doub N N 335 
SER C   OXT  sing N N 336 
SER CB  OG   sing N N 337 
SER CB  HB2  sing N N 338 
SER CB  HB3  sing N N 339 
SER OG  HG   sing N N 340 
SER OXT HXT  sing N N 341 
THR N   CA   sing N N 342 
THR N   H    sing N N 343 
THR N   H2   sing N N 344 
THR CA  C    sing N N 345 
THR CA  CB   sing N N 346 
THR CA  HA   sing N N 347 
THR C   O    doub N N 348 
THR C   OXT  sing N N 349 
THR CB  OG1  sing N N 350 
THR CB  CG2  sing N N 351 
THR CB  HB   sing N N 352 
THR OG1 HG1  sing N N 353 
THR CG2 HG21 sing N N 354 
THR CG2 HG22 sing N N 355 
THR CG2 HG23 sing N N 356 
THR OXT HXT  sing N N 357 
TRP N   CA   sing N N 358 
TRP N   H    sing N N 359 
TRP N   H2   sing N N 360 
TRP CA  C    sing N N 361 
TRP CA  CB   sing N N 362 
TRP CA  HA   sing N N 363 
TRP C   O    doub N N 364 
TRP C   OXT  sing N N 365 
TRP CB  CG   sing N N 366 
TRP CB  HB2  sing N N 367 
TRP CB  HB3  sing N N 368 
TRP CG  CD1  doub Y N 369 
TRP CG  CD2  sing Y N 370 
TRP CD1 NE1  sing Y N 371 
TRP CD1 HD1  sing N N 372 
TRP CD2 CE2  doub Y N 373 
TRP CD2 CE3  sing Y N 374 
TRP NE1 CE2  sing Y N 375 
TRP NE1 HE1  sing N N 376 
TRP CE2 CZ2  sing Y N 377 
TRP CE3 CZ3  doub Y N 378 
TRP CE3 HE3  sing N N 379 
TRP CZ2 CH2  doub Y N 380 
TRP CZ2 HZ2  sing N N 381 
TRP CZ3 CH2  sing Y N 382 
TRP CZ3 HZ3  sing N N 383 
TRP CH2 HH2  sing N N 384 
TRP OXT HXT  sing N N 385 
TYR N   CA   sing N N 386 
TYR N   H    sing N N 387 
TYR N   H2   sing N N 388 
TYR CA  C    sing N N 389 
TYR CA  CB   sing N N 390 
TYR CA  HA   sing N N 391 
TYR C   O    doub N N 392 
TYR C   OXT  sing N N 393 
TYR CB  CG   sing N N 394 
TYR CB  HB2  sing N N 395 
TYR CB  HB3  sing N N 396 
TYR CG  CD1  doub Y N 397 
TYR CG  CD2  sing Y N 398 
TYR CD1 CE1  sing Y N 399 
TYR CD1 HD1  sing N N 400 
TYR CD2 CE2  doub Y N 401 
TYR CD2 HD2  sing N N 402 
TYR CE1 CZ   doub Y N 403 
TYR CE1 HE1  sing N N 404 
TYR CE2 CZ   sing Y N 405 
TYR CE2 HE2  sing N N 406 
TYR CZ  OH   sing N N 407 
TYR OH  HH   sing N N 408 
TYR OXT HXT  sing N N 409 
VAL N   CA   sing N N 410 
VAL N   H    sing N N 411 
VAL N   H2   sing N N 412 
VAL CA  C    sing N N 413 
VAL CA  CB   sing N N 414 
VAL CA  HA   sing N N 415 
VAL C   O    doub N N 416 
VAL C   OXT  sing N N 417 
VAL CB  CG1  sing N N 418 
VAL CB  CG2  sing N N 419 
VAL CB  HB   sing N N 420 
VAL CG1 HG11 sing N N 421 
VAL CG1 HG12 sing N N 422 
VAL CG1 HG13 sing N N 423 
VAL CG2 HG21 sing N N 424 
VAL CG2 HG22 sing N N 425 
VAL CG2 HG23 sing N N 426 
VAL OXT HXT  sing N N 427 
# 
_em_admin.entry_id           7W3T 
_em_admin.current_status     REL 
_em_admin.deposition_date    2021-11-26 
_em_admin.deposition_site    PDBJ 
_em_admin.last_update        2025-07-02 
_em_admin.map_release_date   2022-06-22 
_em_admin.title              'Cryo-EM structure of plant receptor like kinase NbBAK1 in RXEG1-BAK1-XEG1 complex' 
# 
_em_ctf_correction.id                       1 
_em_ctf_correction.em_image_processing_id   1 
_em_ctf_correction.type                     'PHASE FLIPPING AND AMPLITUDE CORRECTION' 
_em_ctf_correction.details                  ? 
# 
_em_entity_assembly_naturalsource.id                   1 
_em_entity_assembly_naturalsource.entity_assembly_id   1 
_em_entity_assembly_naturalsource.cell                 ? 
_em_entity_assembly_naturalsource.cellular_location    ? 
_em_entity_assembly_naturalsource.ncbi_tax_id          4100 
_em_entity_assembly_naturalsource.organ                ? 
_em_entity_assembly_naturalsource.organelle            ? 
_em_entity_assembly_naturalsource.organism             'Nicotiana benthamiana' 
_em_entity_assembly_naturalsource.strain               ? 
_em_entity_assembly_naturalsource.tissue               ? 
# 
_em_entity_assembly_recombinant.id                   1 
_em_entity_assembly_recombinant.entity_assembly_id   1 
_em_entity_assembly_recombinant.cell                 ? 
_em_entity_assembly_recombinant.ncbi_tax_id          7111 
_em_entity_assembly_recombinant.organism             'Trichoplusia ni' 
_em_entity_assembly_recombinant.plasmid              ? 
_em_entity_assembly_recombinant.strain               ? 
# 
_em_image_processing.id                   1 
_em_image_processing.image_recording_id   1 
_em_image_processing.details              ? 
# 
_em_image_recording.id                                  1 
_em_image_recording.imaging_id                          1 
_em_image_recording.avg_electron_dose_per_image         50 
_em_image_recording.average_exposure_time               ? 
_em_image_recording.details                             ? 
_em_image_recording.detector_mode                       ? 
_em_image_recording.film_or_detector_model              'GATAN K2 SUMMIT (4k x 4k)' 
_em_image_recording.num_diffraction_images              ? 
_em_image_recording.num_grids_imaged                    ? 
_em_image_recording.num_real_images                     ? 
_em_image_recording.avg_electron_dose_per_subtomogram   ? 
# 
loop_
_em_software.id 
_em_software.category 
_em_software.details 
_em_software.name 
_em_software.version 
_em_software.image_processing_id 
_em_software.fitting_id 
_em_software.imaging_id 
1  'PARTICLE SELECTION'       ? ?      ? 1 ? ? 
2  'IMAGE ACQUISITION'        ? ?      ? ? ? 1 
3  MASKING                    ? ?      ? ? ? ? 
4  'CTF CORRECTION'           ? ?      ? 1 ? ? 
5  'LAYERLINE INDEXING'       ? ?      ? ? ? ? 
6  'DIFFRACTION INDEXING'     ? ?      ? ? ? ? 
7  'MODEL FITTING'            ? ?      ? ? ? ? 
8  'MODEL REFINEMENT'         ? PHENIX ? ? ? ? 
9  OTHER                      ? ?      ? ? ? ? 
10 'INITIAL EULER ASSIGNMENT' ? ?      ? 1 ? ? 
11 'FINAL EULER ASSIGNMENT'   ? ?      ? 1 ? ? 
12 CLASSIFICATION             ? ?      ? 1 ? ? 
13 RECONSTRUCTION             ? ?      ? 1 ? ? 
# 
_em_specimen.id                      1 
_em_specimen.experiment_id           1 
_em_specimen.concentration           ? 
_em_specimen.details                 ? 
_em_specimen.embedding_applied       NO 
_em_specimen.shadowing_applied       NO 
_em_specimen.staining_applied        NO 
_em_specimen.vitrification_applied   YES 
# 
loop_
_pdbx_audit_support.funding_organization 
_pdbx_audit_support.country 
_pdbx_audit_support.grant_number 
_pdbx_audit_support.ordinal 
'National Natural Science Foundation of China (NSFC)' Germany ? 1 
'Alexander von Humboldt Foundation'                   Germany ? 2 
# 
loop_
_pdbx_entity_branch_list.entity_id 
_pdbx_entity_branch_list.comp_id 
_pdbx_entity_branch_list.num 
_pdbx_entity_branch_list.hetero 
2 NAG 1 n 
2 NAG 2 n 
2 BMA 3 n 
# 
_atom_sites.entry_id                    7W3T 
_atom_sites.Cartn_transf_matrix[1][1]   ? 
_atom_sites.Cartn_transf_matrix[1][2]   ? 
_atom_sites.Cartn_transf_matrix[1][3]   ? 
_atom_sites.Cartn_transf_matrix[2][1]   ? 
_atom_sites.Cartn_transf_matrix[2][2]   ? 
_atom_sites.Cartn_transf_matrix[2][3]   ? 
_atom_sites.Cartn_transf_matrix[3][1]   ? 
_atom_sites.Cartn_transf_matrix[3][2]   ? 
_atom_sites.Cartn_transf_matrix[3][3]   ? 
_atom_sites.Cartn_transf_vector[1]      ? 
_atom_sites.Cartn_transf_vector[2]      ? 
_atom_sites.Cartn_transf_vector[3]      ? 
_atom_sites.fract_transf_matrix[1][1]   1.000000 
_atom_sites.fract_transf_matrix[1][2]   0.000000 
_atom_sites.fract_transf_matrix[1][3]   0.000000 
_atom_sites.fract_transf_matrix[2][1]   0.000000 
_atom_sites.fract_transf_matrix[2][2]   1.000000 
_atom_sites.fract_transf_matrix[2][3]   0.000000 
_atom_sites.fract_transf_matrix[3][1]   0.000000 
_atom_sites.fract_transf_matrix[3][2]   0.000000 
_atom_sites.fract_transf_matrix[3][3]   1.000000 
_atom_sites.fract_transf_vector[1]      0.00000 
_atom_sites.fract_transf_vector[2]      0.00000 
_atom_sites.fract_transf_vector[3]      0.00000 
_atom_sites.solution_primary            ? 
_atom_sites.solution_secondary          ? 
_atom_sites.solution_hydrogens          ? 
_atom_sites.special_details             ? 
# 
loop_
_atom_type.symbol 
C 
N 
O 
S 
# 
loop_
_atom_site.group_PDB 
_atom_site.id 
_atom_site.type_symbol 
_atom_site.label_atom_id 
_atom_site.label_alt_id 
_atom_site.label_comp_id 
_atom_site.label_asym_id 
_atom_site.label_entity_id 
_atom_site.label_seq_id 
_atom_site.pdbx_PDB_ins_code 
_atom_site.Cartn_x 
_atom_site.Cartn_y 
_atom_site.Cartn_z 
_atom_site.occupancy 
_atom_site.B_iso_or_equiv 
_atom_site.pdbx_formal_charge 
_atom_site.auth_seq_id 
_atom_site.auth_comp_id 
_atom_site.auth_asym_id 
_atom_site.auth_atom_id 
_atom_site.pdbx_PDB_model_num 
ATOM   1    N N   . ASN A 1 29  ? -14.686 1.725   17.335  1.00 68.98  ? 29   ASN B N   1 
ATOM   2    C CA  . ASN A 1 29  ? -15.587 1.042   16.417  1.00 68.98  ? 29   ASN B CA  1 
ATOM   3    C C   . ASN A 1 29  ? -15.410 1.567   15.001  1.00 68.98  ? 29   ASN B C   1 
ATOM   4    O O   . ASN A 1 29  ? -15.854 0.942   14.039  1.00 68.98  ? 29   ASN B O   1 
ATOM   5    C CB  . ASN A 1 29  ? -17.041 1.211   16.865  1.00 68.98  ? 29   ASN B CB  1 
ATOM   6    C CG  . ASN A 1 29  ? -17.934 0.085   16.382  1.00 68.98  ? 29   ASN B CG  1 
ATOM   7    O OD1 . ASN A 1 29  ? -17.497 -0.793  15.641  1.00 68.98  ? 29   ASN B OD1 1 
ATOM   8    N ND2 . ASN A 1 29  ? -19.192 0.105   16.802  1.00 68.98  ? 29   ASN B ND2 1 
ATOM   9    N N   . ILE A 1 30  ? -14.760 2.725   14.878  1.00 73.76  ? 30   ILE B N   1 
ATOM   10   C CA  . ILE A 1 30  ? -14.516 3.300   13.559  1.00 73.76  ? 30   ILE B CA  1 
ATOM   11   C C   . ILE A 1 30  ? -13.489 2.469   12.797  1.00 73.76  ? 30   ILE B C   1 
ATOM   12   O O   . ILE A 1 30  ? -13.667 2.163   11.610  1.00 73.76  ? 30   ILE B O   1 
ATOM   13   C CB  . ILE A 1 30  ? -14.082 4.772   13.693  1.00 73.76  ? 30   ILE B CB  1 
ATOM   14   C CG1 . ILE A 1 30  ? -13.584 5.313   12.353  1.00 73.76  ? 30   ILE B CG1 1 
ATOM   15   C CG2 . ILE A 1 30  ? -13.031 4.931   14.780  1.00 73.76  ? 30   ILE B CG2 1 
ATOM   16   C CD1 . ILE A 1 30  ? -13.399 6.812   12.339  1.00 73.76  ? 30   ILE B CD1 1 
ATOM   17   N N   . GLU A 1 31  ? -12.403 2.079   13.470  1.00 77.37  ? 31   GLU B N   1 
ATOM   18   C CA  . GLU A 1 31  ? -11.400 1.232   12.834  1.00 77.37  ? 31   GLU B CA  1 
ATOM   19   C C   . GLU A 1 31  ? -11.975 -0.134  12.487  1.00 77.37  ? 31   GLU B C   1 
ATOM   20   O O   . GLU A 1 31  ? -11.685 -0.686  11.417  1.00 77.37  ? 31   GLU B O   1 
ATOM   21   C CB  . GLU A 1 31  ? -10.184 1.091   13.748  1.00 77.37  ? 31   GLU B CB  1 
ATOM   22   C CG  . GLU A 1 31  ? -9.430  2.388   13.977  1.00 77.37  ? 31   GLU B CG  1 
ATOM   23   C CD  . GLU A 1 31  ? -8.379  2.268   15.062  1.00 77.37  ? 31   GLU B CD  1 
ATOM   24   O OE1 . GLU A 1 31  ? -7.989  1.128   15.390  1.00 77.37  ? 31   GLU B OE1 1 
ATOM   25   O OE2 . GLU A 1 31  ? -7.943  3.313   15.588  1.00 77.37  ? 31   GLU B OE2 1 
ATOM   26   N N   . GLY A 1 32  ? -12.786 -0.697  13.383  1.00 71.72  ? 32   GLY B N   1 
ATOM   27   C CA  . GLY A 1 32  ? -13.456 -1.945  13.071  1.00 71.72  ? 32   GLY B CA  1 
ATOM   28   C C   . GLY A 1 32  ? -14.368 -1.821  11.867  1.00 71.72  ? 32   GLY B C   1 
ATOM   29   O O   . GLY A 1 32  ? -14.439 -2.726  11.034  1.00 71.72  ? 32   GLY B O   1 
ATOM   30   N N   . ASP A 1 33  ? -15.070 -0.692  11.752  1.00 72.62  ? 33   ASP B N   1 
ATOM   31   C CA  . ASP A 1 33  ? -15.916 -0.467  10.586  1.00 72.62  ? 33   ASP B CA  1 
ATOM   32   C C   . ASP A 1 33  ? -15.087 -0.387  9.312   1.00 72.62  ? 33   ASP B C   1 
ATOM   33   O O   . ASP A 1 33  ? -15.481 -0.928  8.272   1.00 72.62  ? 33   ASP B O   1 
ATOM   34   C CB  . ASP A 1 33  ? -16.741 0.804   10.770  1.00 72.62  ? 33   ASP B CB  1 
ATOM   35   C CG  . ASP A 1 33  ? -17.953 0.846   9.864   1.00 72.62  ? 33   ASP B CG  1 
ATOM   36   O OD1 . ASP A 1 33  ? -18.323 -0.214  9.318   1.00 72.62  ? 33   ASP B OD1 1 
ATOM   37   O OD2 . ASP A 1 33  ? -18.535 1.939   9.696   1.00 72.62  ? 33   ASP B OD2 1 
ATOM   38   N N   . ALA A 1 34  ? -13.936 0.286   9.372   1.00 70.98  ? 34   ALA B N   1 
ATOM   39   C CA  . ALA A 1 34  ? -13.079 0.378   8.192   1.00 70.98  ? 34   ALA B CA  1 
ATOM   40   C C   . ALA A 1 34  ? -12.574 -0.994  7.766   1.00 70.98  ? 34   ALA B C   1 
ATOM   41   O O   . ALA A 1 34  ? -12.584 -1.331  6.574   1.00 70.98  ? 34   ALA B O   1 
ATOM   42   C CB  . ALA A 1 34  ? -11.909 1.322   8.464   1.00 70.98  ? 34   ALA B CB  1 
ATOM   43   N N   . LEU A 1 35  ? -12.133 -1.807  8.727   1.00 67.98  ? 35   LEU B N   1 
ATOM   44   C CA  . LEU A 1 35  ? -11.651 -3.140  8.381   1.00 67.98  ? 35   LEU B CA  1 
ATOM   45   C C   . LEU A 1 35  ? -12.782 -4.027  7.871   1.00 67.98  ? 35   LEU B C   1 
ATOM   46   O O   . LEU A 1 35  ? -12.573 -4.850  6.972   1.00 67.98  ? 35   LEU B O   1 
ATOM   47   C CB  . LEU A 1 35  ? -10.950 -3.786  9.575   1.00 67.98  ? 35   LEU B CB  1 
ATOM   48   C CG  . LEU A 1 35  ? -9.467  -3.454  9.766   1.00 67.98  ? 35   LEU B CG  1 
ATOM   49   C CD1 . LEU A 1 35  ? -8.662  -3.961  8.582   1.00 67.98  ? 35   LEU B CD1 1 
ATOM   50   C CD2 . LEU A 1 35  ? -9.223  -1.975  9.970   1.00 67.98  ? 35   LEU B CD2 1 
ATOM   51   N N   . ASN A 1 36  ? -13.987 -3.880  8.424   1.00 68.92  ? 36   ASN B N   1 
ATOM   52   C CA  . ASN A 1 36  ? -15.118 -4.643  7.911   1.00 68.92  ? 36   ASN B CA  1 
ATOM   53   C C   . ASN A 1 36  ? -15.451 -4.233  6.484   1.00 68.92  ? 36   ASN B C   1 
ATOM   54   O O   . ASN A 1 36  ? -15.799 -5.080  5.653   1.00 68.92  ? 36   ASN B O   1 
ATOM   55   C CB  . ASN A 1 36  ? -16.332 -4.464  8.819   1.00 68.92  ? 36   ASN B CB  1 
ATOM   56   C CG  . ASN A 1 36  ? -17.310 -5.612  8.709   1.00 68.92  ? 36   ASN B CG  1 
ATOM   57   O OD1 . ASN A 1 36  ? -17.120 -6.527  7.910   1.00 68.92  ? 36   ASN B OD1 1 
ATOM   58   N ND2 . ASN A 1 36  ? -18.367 -5.569  9.510   1.00 68.92  ? 36   ASN B ND2 1 
ATOM   59   N N   . ALA A 1 37  ? -15.358 -2.935  6.186   1.00 70.14  ? 37   ALA B N   1 
ATOM   60   C CA  . ALA A 1 37  ? -15.565 -2.474  4.818   1.00 70.14  ? 37   ALA B CA  1 
ATOM   61   C C   . ALA A 1 37  ? -14.514 -3.056  3.883   1.00 70.14  ? 37   ALA B C   1 
ATOM   62   O O   . ALA A 1 37  ? -14.819 -3.421  2.743   1.00 70.14  ? 37   ALA B O   1 
ATOM   63   C CB  . ALA A 1 37  ? -15.547 -0.947  4.768   1.00 70.14  ? 37   ALA B CB  1 
ATOM   64   N N   . LEU A 1 38  ? -13.267 -3.141  4.348   1.00 66.31  ? 38   LEU B N   1 
ATOM   65   C CA  . LEU A 1 38  ? -12.231 -3.785  3.545   1.00 66.31  ? 38   LEU B CA  1 
ATOM   66   C C   . LEU A 1 38  ? -12.554 -5.255  3.311   1.00 66.31  ? 38   LEU B C   1 
ATOM   67   O O   . LEU A 1 38  ? -12.322 -5.784  2.218   1.00 66.31  ? 38   LEU B O   1 
ATOM   68   C CB  . LEU A 1 38  ? -10.867 -3.637  4.218   1.00 66.31  ? 38   LEU B CB  1 
ATOM   69   C CG  . LEU A 1 38  ? -9.707  -4.390  3.561   1.00 66.31  ? 38   LEU B CG  1 
ATOM   70   C CD1 . LEU A 1 38  ? -9.534  -3.971  2.116   1.00 66.31  ? 38   LEU B CD1 1 
ATOM   71   C CD2 . LEU A 1 38  ? -8.417  -4.177  4.338   1.00 66.31  ? 38   LEU B CD2 1 
ATOM   72   N N   . LYS A 1 39  ? -13.082 -5.935  4.330   1.00 64.00  ? 39   LYS B N   1 
ATOM   73   C CA  . LYS A 1 39  ? -13.428 -7.346  4.178   1.00 64.00  ? 39   LYS B CA  1 
ATOM   74   C C   . LYS A 1 39  ? -14.570 -7.539  3.189   1.00 64.00  ? 39   LYS B C   1 
ATOM   75   O O   . LYS A 1 39  ? -14.564 -8.498  2.407   1.00 64.00  ? 39   LYS B O   1 
ATOM   76   C CB  . LYS A 1 39  ? -13.800 -7.955  5.528   1.00 64.00  ? 39   LYS B CB  1 
ATOM   77   C CG  . LYS A 1 39  ? -14.140 -9.435  5.450   1.00 64.00  ? 39   LYS B CG  1 
ATOM   78   C CD  . LYS A 1 39  ? -14.718 -9.951  6.753   1.00 64.00  ? 39   LYS B CD  1 
ATOM   79   C CE  . LYS A 1 39  ? -16.204 -10.223 6.623   1.00 64.00  ? 39   LYS B CE  1 
ATOM   80   N NZ  . LYS A 1 39  ? -16.797 -10.671 7.910   1.00 64.00  ? 39   LYS B NZ  1 
ATOM   81   N N   . THR A 1 40  ? -15.561 -6.646  3.216   1.00 65.72  ? 40   THR B N   1 
ATOM   82   C CA  . THR A 1 40  ? -16.739 -6.822  2.373   1.00 65.72  ? 40   THR B CA  1 
ATOM   83   C C   . THR A 1 40  ? -16.375 -6.815  0.894   1.00 65.72  ? 40   THR B C   1 
ATOM   84   O O   . THR A 1 40  ? -16.872 -7.642  0.122   1.00 65.72  ? 40   THR B O   1 
ATOM   85   C CB  . THR A 1 40  ? -17.766 -5.730  2.671   1.00 65.72  ? 40   THR B CB  1 
ATOM   86   O OG1 . THR A 1 40  ? -17.890 -5.565  4.089   1.00 65.72  ? 40   THR B OG1 1 
ATOM   87   C CG2 . THR A 1 40  ? -19.120 -6.101  2.090   1.00 65.72  ? 40   THR B CG2 1 
ATOM   88   N N   . ASN A 1 41  ? -15.504 -5.899  0.481   1.00 69.95  ? 41   ASN B N   1 
ATOM   89   C CA  . ASN A 1 41  ? -15.120 -5.768  -0.918  1.00 69.95  ? 41   ASN B CA  1 
ATOM   90   C C   . ASN A 1 41  ? -13.987 -6.701  -1.314  1.00 69.95  ? 41   ASN B C   1 
ATOM   91   O O   . ASN A 1 41  ? -13.309 -6.436  -2.312  1.00 69.95  ? 41   ASN B O   1 
ATOM   92   C CB  . ASN A 1 41  ? -14.729 -4.321  -1.225  1.00 69.95  ? 41   ASN B CB  1 
ATOM   93   C CG  . ASN A 1 41  ? -15.884 -3.358  -1.053  1.00 69.95  ? 41   ASN B CG  1 
ATOM   94   O OD1 . ASN A 1 41  ? -15.861 -2.492  -0.179  1.00 69.95  ? 41   ASN B OD1 1 
ATOM   95   N ND2 . ASN A 1 41  ? -16.903 -3.501  -1.891  1.00 69.95  ? 41   ASN B ND2 1 
ATOM   96   N N   . LEU A 1 42  ? -13.759 -7.775  -0.566  1.00 73.21  ? 42   LEU B N   1 
ATOM   97   C CA  . LEU A 1 42  ? -12.692 -8.716  -0.863  1.00 73.21  ? 42   LEU B CA  1 
ATOM   98   C C   . LEU A 1 42  ? -13.224 -10.139 -0.773  1.00 73.21  ? 42   LEU B C   1 
ATOM   99   O O   . LEU A 1 42  ? -14.156 -10.424 -0.015  1.00 73.21  ? 42   LEU B O   1 
ATOM   100  C CB  . LEU A 1 42  ? -11.507 -8.524  0.091   1.00 73.21  ? 42   LEU B CB  1 
ATOM   101  C CG  . LEU A 1 42  ? -10.352 -7.693  -0.470  1.00 73.21  ? 42   LEU B CG  1 
ATOM   102  C CD1 . LEU A 1 42  ? -9.311  -7.416  0.600   1.00 73.21  ? 42   LEU B CD1 1 
ATOM   103  C CD2 . LEU A 1 42  ? -9.719  -8.392  -1.661  1.00 73.21  ? 42   LEU B CD2 1 
ATOM   104  N N   . ALA A 1 43  ? -12.622 -11.030 -1.555  1.00 73.33  ? 43   ALA B N   1 
ATOM   105  C CA  . ALA A 1 43  ? -13.018 -12.431 -1.608  1.00 73.33  ? 43   ALA B CA  1 
ATOM   106  C C   . ALA A 1 43  ? -11.885 -13.299 -1.078  1.00 73.33  ? 43   ALA B C   1 
ATOM   107  O O   . ALA A 1 43  ? -10.726 -13.115 -1.464  1.00 73.33  ? 43   ALA B O   1 
ATOM   108  C CB  . ALA A 1 43  ? -13.381 -12.845 -3.035  1.00 73.33  ? 43   ALA B CB  1 
ATOM   109  N N   . ASP A 1 44  ? -12.222 -14.239 -0.200  1.00 71.59  ? 44   ASP B N   1 
ATOM   110  C CA  . ASP A 1 44  ? -11.227 -15.099 0.428   1.00 71.59  ? 44   ASP B CA  1 
ATOM   111  C C   . ASP A 1 44  ? -11.368 -16.531 -0.066  1.00 71.59  ? 44   ASP B C   1 
ATOM   112  O O   . ASP A 1 44  ? -12.374 -17.190 0.240   1.00 71.59  ? 44   ASP B O   1 
ATOM   113  C CB  . ASP A 1 44  ? -11.361 -15.043 1.951   1.00 71.59  ? 44   ASP B CB  1 
ATOM   114  C CG  . ASP A 1 44  ? -12.803 -15.112 2.414   1.00 71.59  ? 44   ASP B CG  1 
ATOM   115  O OD1 . ASP A 1 44  ? -13.708 -15.035 1.555   1.00 71.59  ? 44   ASP B OD1 1 
ATOM   116  O OD2 . ASP A 1 44  ? -13.033 -15.241 3.634   1.00 71.59  ? 44   ASP B OD2 1 
ATOM   117  N N   . PRO A 1 45  ? -10.410 -17.053 -0.836  1.00 70.99  ? 45   PRO B N   1 
ATOM   118  C CA  . PRO A 1 45  ? -10.478 -18.477 -1.198  1.00 70.99  ? 45   PRO B CA  1 
ATOM   119  C C   . PRO A 1 45  ? -10.128 -19.401 -0.047  1.00 70.99  ? 45   PRO B C   1 
ATOM   120  O O   . PRO A 1 45  ? -10.810 -20.414 0.154   1.00 70.99  ? 45   PRO B O   1 
ATOM   121  C CB  . PRO A 1 45  ? -9.467  -18.596 -2.351  1.00 70.99  ? 45   PRO B CB  1 
ATOM   122  C CG  . PRO A 1 45  ? -9.192  -17.183 -2.791  1.00 70.99  ? 45   PRO B CG  1 
ATOM   123  C CD  . PRO A 1 45  ? -9.341  -16.351 -1.561  1.00 70.99  ? 45   PRO B CD  1 
ATOM   124  N N   . ASN A 1 46  ? -9.086  -19.086 0.720   1.00 63.02  ? 46   ASN B N   1 
ATOM   125  C CA  . ASN A 1 46  ? -8.671  -19.913 1.844   1.00 63.02  ? 46   ASN B CA  1 
ATOM   126  C C   . ASN A 1 46  ? -9.422  -19.592 3.128   1.00 63.02  ? 46   ASN B C   1 
ATOM   127  O O   . ASN A 1 46  ? -9.193  -20.257 4.142   1.00 63.02  ? 46   ASN B O   1 
ATOM   128  C CB  . ASN A 1 46  ? -7.167  -19.761 2.090   1.00 63.02  ? 46   ASN B CB  1 
ATOM   129  C CG  . ASN A 1 46  ? -6.333  -20.387 0.997   1.00 63.02  ? 46   ASN B CG  1 
ATOM   130  O OD1 . ASN A 1 46  ? -6.641  -21.473 0.509   1.00 63.02  ? 46   ASN B OD1 1 
ATOM   131  N ND2 . ASN A 1 46  ? -5.259  -19.710 0.613   1.00 63.02  ? 46   ASN B ND2 1 
ATOM   132  N N   . ASN A 1 47  ? -10.305 -18.593 3.106   1.00 61.67  ? 47   ASN B N   1 
ATOM   133  C CA  . ASN A 1 47  ? -11.065 -18.160 4.278   1.00 61.67  ? 47   ASN B CA  1 
ATOM   134  C C   . ASN A 1 47  ? -10.132 -17.752 5.419   1.00 61.67  ? 47   ASN B C   1 
ATOM   135  O O   . ASN A 1 47  ? -10.130 -18.338 6.504   1.00 61.67  ? 47   ASN B O   1 
ATOM   136  C CB  . ASN A 1 47  ? -12.052 -19.241 4.729   1.00 61.67  ? 47   ASN B CB  1 
ATOM   137  C CG  . ASN A 1 47  ? -13.230 -18.670 5.484   1.00 61.67  ? 47   ASN B CG  1 
ATOM   138  O OD1 . ASN A 1 47  ? -13.430 -17.457 5.518   1.00 61.67  ? 47   ASN B OD1 1 
ATOM   139  N ND2 . ASN A 1 47  ? -14.020 -19.541 6.098   1.00 61.67  ? 47   ASN B ND2 1 
ATOM   140  N N   . VAL A 1 48  ? -9.328  -16.724 5.149   1.00 57.73  ? 48   VAL B N   1 
ATOM   141  C CA  . VAL A 1 48  ? -8.435  -16.150 6.146   1.00 57.73  ? 48   VAL B CA  1 
ATOM   142  C C   . VAL A 1 48  ? -8.978  -14.839 6.701   1.00 57.73  ? 48   VAL B C   1 
ATOM   143  O O   . VAL A 1 48  ? -8.254  -14.113 7.387   1.00 57.73  ? 48   VAL B O   1 
ATOM   144  C CB  . VAL A 1 48  ? -7.021  -15.959 5.579   1.00 57.73  ? 48   VAL B CB  1 
ATOM   145  C CG1 . VAL A 1 48  ? -6.389  -17.307 5.275   1.00 57.73  ? 48   VAL B CG1 1 
ATOM   146  C CG2 . VAL A 1 48  ? -7.062  -15.100 4.333   1.00 57.73  ? 48   VAL B CG2 1 
ATOM   147  N N   . LEU A 1 49  ? -10.238 -14.517 6.416   1.00 60.22  ? 49   LEU B N   1 
ATOM   148  C CA  . LEU A 1 49  ? -10.872 -13.302 6.911   1.00 60.22  ? 49   LEU B CA  1 
ATOM   149  C C   . LEU A 1 49  ? -12.081 -13.597 7.785   1.00 60.22  ? 49   LEU B C   1 
ATOM   150  O O   . LEU A 1 49  ? -12.861 -12.681 8.072   1.00 60.22  ? 49   LEU B O   1 
ATOM   151  C CB  . LEU A 1 49  ? -11.292 -12.403 5.745   1.00 60.22  ? 49   LEU B CB  1 
ATOM   152  C CG  . LEU A 1 49  ? -10.284 -11.420 5.144   1.00 60.22  ? 49   LEU B CG  1 
ATOM   153  C CD1 . LEU A 1 49  ? -9.839  -10.413 6.178   1.00 60.22  ? 49   LEU B CD1 1 
ATOM   154  C CD2 . LEU A 1 49  ? -9.089  -12.129 4.533   1.00 60.22  ? 49   LEU B CD2 1 
ATOM   155  N N   . GLN A 1 50  ? -12.262 -14.847 8.214   1.00 61.35  ? 50   GLN B N   1 
ATOM   156  C CA  . GLN A 1 50  ? -13.486 -15.221 8.914   1.00 61.35  ? 50   GLN B CA  1 
ATOM   157  C C   . GLN A 1 50  ? -13.568 -14.603 10.302  1.00 61.35  ? 50   GLN B C   1 
ATOM   158  O O   . GLN A 1 50  ? -14.663 -14.269 10.765  1.00 61.35  ? 50   GLN B O   1 
ATOM   159  C CB  . GLN A 1 50  ? -13.584 -16.741 9.018   1.00 61.35  ? 50   GLN B CB  1 
ATOM   160  C CG  . GLN A 1 50  ? -12.257 -17.418 9.298   1.00 61.35  ? 50   GLN B CG  1 
ATOM   161  C CD  . GLN A 1 50  ? -12.300 -18.911 9.048   1.00 61.35  ? 50   GLN B CD  1 
ATOM   162  O OE1 . GLN A 1 50  ? -13.243 -19.424 8.447   1.00 61.35  ? 50   GLN B OE1 1 
ATOM   163  N NE2 . GLN A 1 50  ? -11.277 -19.617 9.514   1.00 61.35  ? 50   GLN B NE2 1 
ATOM   164  N N   . SER A 1 51  ? -12.430 -14.440 10.977  1.00 60.84  ? 51   SER B N   1 
ATOM   165  C CA  . SER A 1 51  ? -12.428 -14.000 12.365  1.00 60.84  ? 51   SER B CA  1 
ATOM   166  C C   . SER A 1 51  ? -12.835 -12.544 12.528  1.00 60.84  ? 51   SER B C   1 
ATOM   167  O O   . SER A 1 51  ? -13.033 -12.097 13.663  1.00 60.84  ? 51   SER B O   1 
ATOM   168  C CB  . SER A 1 51  ? -11.048 -14.218 12.979  1.00 60.84  ? 51   SER B CB  1 
ATOM   169  O OG  . SER A 1 51  ? -10.142 -13.216 12.563  1.00 60.84  ? 51   SER B OG  1 
ATOM   170  N N   . TRP A 1 52  ? -12.963 -11.801 11.436  1.00 59.75  ? 52   TRP B N   1 
ATOM   171  C CA  . TRP A 1 52  ? -13.290 -10.382 11.498  1.00 59.75  ? 52   TRP B CA  1 
ATOM   172  C C   . TRP A 1 52  ? -14.792 -10.220 11.708  1.00 59.75  ? 52   TRP B C   1 
ATOM   173  O O   . TRP A 1 52  ? -15.585 -10.483 10.799  1.00 59.75  ? 52   TRP B O   1 
ATOM   174  C CB  . TRP A 1 52  ? -12.836 -9.685  10.220  1.00 59.75  ? 52   TRP B CB  1 
ATOM   175  C CG  . TRP A 1 52  ? -11.350 -9.674  10.025  1.00 59.75  ? 52   TRP B CG  1 
ATOM   176  C CD1 . TRP A 1 52  ? -10.436 -10.474 10.643  1.00 59.75  ? 52   TRP B CD1 1 
ATOM   177  C CD2 . TRP A 1 52  ? -10.604 -8.798  9.173   1.00 59.75  ? 52   TRP B CD2 1 
ATOM   178  N NE1 . TRP A 1 52  ? -9.169  -10.161 10.218  1.00 59.75  ? 52   TRP B NE1 1 
ATOM   179  C CE2 . TRP A 1 52  ? -9.246  -9.134  9.316   1.00 59.75  ? 52   TRP B CE2 1 
ATOM   180  C CE3 . TRP A 1 52  ? -10.955 -7.767  8.300   1.00 59.75  ? 52   TRP B CE3 1 
ATOM   181  C CZ2 . TRP A 1 52  ? -8.239  -8.477  8.617   1.00 59.75  ? 52   TRP B CZ2 1 
ATOM   182  C CZ3 . TRP A 1 52  ? -9.953  -7.116  7.609   1.00 59.75  ? 52   TRP B CZ3 1 
ATOM   183  C CH2 . TRP A 1 52  ? -8.612  -7.474  7.771   1.00 59.75  ? 52   TRP B CH2 1 
ATOM   184  N N   . ASP A 1 53  ? -15.187 -9.787  12.905  1.00 58.43  ? 53   ASP B N   1 
ATOM   185  C CA  . ASP A 1 53  ? -16.587 -9.544  13.218  1.00 58.43  ? 53   ASP B CA  1 
ATOM   186  C C   . ASP A 1 53  ? -16.709 -8.185  13.895  1.00 58.43  ? 53   ASP B C   1 
ATOM   187  O O   . ASP A 1 53  ? -15.921 -7.873  14.804  1.00 58.43  ? 53   ASP B O   1 
ATOM   188  C CB  . ASP A 1 53  ? -17.159 -10.643 14.117  1.00 58.43  ? 53   ASP B CB  1 
ATOM   189  C CG  . ASP A 1 53  ? -16.341 -10.853 15.370  1.00 58.43  ? 53   ASP B CG  1 
ATOM   190  O OD1 . ASP A 1 53  ? -15.145 -10.497 15.366  1.00 58.43  ? 53   ASP B OD1 1 
ATOM   191  O OD2 . ASP A 1 53  ? -16.891 -11.378 16.360  1.00 58.43  ? 53   ASP B OD2 1 
ATOM   192  N N   . PRO A 1 54  ? -17.677 -7.356  13.499  1.00 61.54  ? 54   PRO B N   1 
ATOM   193  C CA  . PRO A 1 54  ? -17.749 -5.993  14.043  1.00 61.54  ? 54   PRO B CA  1 
ATOM   194  C C   . PRO A 1 54  ? -18.312 -5.907  15.450  1.00 61.54  ? 54   PRO B C   1 
ATOM   195  O O   . PRO A 1 54  ? -18.261 -4.825  16.048  1.00 61.54  ? 54   PRO B O   1 
ATOM   196  C CB  . PRO A 1 54  ? -18.667 -5.275  13.047  1.00 61.54  ? 54   PRO B CB  1 
ATOM   197  C CG  . PRO A 1 54  ? -19.555 -6.353  12.526  1.00 61.54  ? 54   PRO B CG  1 
ATOM   198  C CD  . PRO A 1 54  ? -18.731 -7.617  12.504  1.00 61.54  ? 54   PRO B CD  1 
ATOM   199  N N   . THR A 1 55  ? -18.841 -7.000  16.000  1.00 63.47  ? 55   THR B N   1 
ATOM   200  C CA  . THR A 1 55  ? -19.491 -6.931  17.304  1.00 63.47  ? 55   THR B CA  1 
ATOM   201  C C   . THR A 1 55  ? -18.517 -6.637  18.437  1.00 63.47  ? 55   THR B C   1 
ATOM   202  O O   . THR A 1 55  ? -18.942 -6.148  19.488  1.00 63.47  ? 55   THR B O   1 
ATOM   203  C CB  . THR A 1 55  ? -20.235 -8.234  17.591  1.00 63.47  ? 55   THR B CB  1 
ATOM   204  O OG1 . THR A 1 55  ? -20.809 -8.178  18.903  1.00 63.47  ? 55   THR B OG1 1 
ATOM   205  C CG2 . THR A 1 55  ? -19.289 -9.420  17.508  1.00 63.47  ? 55   THR B CG2 1 
ATOM   206  N N   . LEU A 1 56  ? -17.229 -6.921  18.257  1.00 60.15  ? 56   LEU B N   1 
ATOM   207  C CA  . LEU A 1 56  ? -16.270 -6.725  19.331  1.00 60.15  ? 56   LEU B CA  1 
ATOM   208  C C   . LEU A 1 56  ? -15.968 -5.242  19.531  1.00 60.15  ? 56   LEU B C   1 
ATOM   209  O O   . LEU A 1 56  ? -16.101 -4.421  18.620  1.00 60.15  ? 56   LEU B O   1 
ATOM   210  C CB  . LEU A 1 56  ? -14.982 -7.492  19.046  1.00 60.15  ? 56   LEU B CB  1 
ATOM   211  C CG  . LEU A 1 56  ? -15.110 -9.009  19.164  1.00 60.15  ? 56   LEU B CG  1 
ATOM   212  C CD1 . LEU A 1 56  ? -13.984 -9.700  18.420  1.00 60.15  ? 56   LEU B CD1 1 
ATOM   213  C CD2 . LEU A 1 56  ? -15.127 -9.429  20.623  1.00 60.15  ? 56   LEU B CD2 1 
ATOM   214  N N   . VAL A 1 57  ? -15.553 -4.908  20.752  1.00 56.07  ? 57   VAL B N   1 
ATOM   215  C CA  . VAL A 1 57  ? -15.334 -3.511  21.111  1.00 56.07  ? 57   VAL B CA  1 
ATOM   216  C C   . VAL A 1 57  ? -14.162 -2.926  20.332  1.00 56.07  ? 57   VAL B C   1 
ATOM   217  O O   . VAL A 1 57  ? -14.175 -1.748  19.962  1.00 56.07  ? 57   VAL B O   1 
ATOM   218  C CB  . VAL A 1 57  ? -15.142 -3.373  22.633  1.00 56.07  ? 57   VAL B CB  1 
ATOM   219  C CG1 . VAL A 1 57  ? -13.881 -4.090  23.095  1.00 56.07  ? 57   VAL B CG1 1 
ATOM   220  C CG2 . VAL A 1 57  ? -15.102 -1.906  23.032  1.00 56.07  ? 57   VAL B CG2 1 
ATOM   221  N N   . ASN A 1 58  ? -13.141 -3.726  20.068  1.00 60.27  ? 58   ASN B N   1 
ATOM   222  C CA  . ASN A 1 58  ? -11.959 -3.256  19.368  1.00 60.27  ? 58   ASN B CA  1 
ATOM   223  C C   . ASN A 1 58  ? -11.514 -4.302  18.358  1.00 60.27  ? 58   ASN B C   1 
ATOM   224  O O   . ASN A 1 58  ? -11.840 -5.486  18.494  1.00 60.27  ? 58   ASN B O   1 
ATOM   225  C CB  . ASN A 1 58  ? -10.829 -2.905  20.350  1.00 60.27  ? 58   ASN B CB  1 
ATOM   226  C CG  . ASN A 1 58  ? -10.327 -4.099  21.151  1.00 60.27  ? 58   ASN B CG  1 
ATOM   227  O OD1 . ASN A 1 58  ? -10.714 -5.243  20.919  1.00 60.27  ? 58   ASN B OD1 1 
ATOM   228  N ND2 . ASN A 1 58  ? -9.451  -3.826  22.111  1.00 60.27  ? 58   ASN B ND2 1 
ATOM   229  N N   . PRO A 1 59  ? -10.795 -3.890  17.315  1.00 57.18  ? 59   PRO B N   1 
ATOM   230  C CA  . PRO A 1 59  ? -10.335 -4.854  16.308  1.00 57.18  ? 59   PRO B CA  1 
ATOM   231  C C   . PRO A 1 59  ? -9.068  -5.579  16.715  1.00 57.18  ? 59   PRO B C   1 
ATOM   232  O O   . PRO A 1 59  ? -8.370  -6.131  15.860  1.00 57.18  ? 59   PRO B O   1 
ATOM   233  C CB  . PRO A 1 59  ? -10.091 -3.983  15.072  1.00 57.18  ? 59   PRO B CB  1 
ATOM   234  C CG  . PRO A 1 59  ? -9.777  -2.643  15.628  1.00 57.18  ? 59   PRO B CG  1 
ATOM   235  C CD  . PRO A 1 59  ? -10.616 -2.497  16.865  1.00 57.18  ? 59   PRO B CD  1 
ATOM   236  N N   . CYS A 1 60  ? -8.742  -5.575  18.007  1.00 59.18  ? 60   CYS B N   1 
ATOM   237  C CA  . CYS A 1 60  ? -7.392  -5.949  18.403  1.00 59.18  ? 60   CYS B CA  1 
ATOM   238  C C   . CYS A 1 60  ? -7.160  -7.456  18.330  1.00 59.18  ? 60   CYS B C   1 
ATOM   239  O O   . CYS A 1 60  ? -6.079  -7.898  17.923  1.00 59.18  ? 60   CYS B O   1 
ATOM   240  C CB  . CYS A 1 60  ? -7.094  -5.438  19.809  1.00 59.18  ? 60   CYS B CB  1 
ATOM   241  S SG  . CYS A 1 60  ? -5.406  -5.798  20.237  1.00 59.18  ? 60   CYS B SG  1 
ATOM   242  N N   . THR A 1 61  ? -8.150  -8.264  18.712  1.00 56.18  ? 61   THR B N   1 
ATOM   243  C CA  . THR A 1 61  ? -7.994  -9.715  18.683  1.00 56.18  ? 61   THR B CA  1 
ATOM   244  C C   . THR A 1 61  ? -8.136  -10.301 17.285  1.00 56.18  ? 61   THR B C   1 
ATOM   245  O O   . THR A 1 61  ? -7.920  -11.504 17.108  1.00 56.18  ? 61   THR B O   1 
ATOM   246  C CB  . THR A 1 61  ? -9.013  -10.377 19.611  1.00 56.18  ? 61   THR B CB  1 
ATOM   247  O OG1 . THR A 1 61  ? -8.736  -11.779 19.700  1.00 56.18  ? 61   THR B OG1 1 
ATOM   248  C CG2 . THR A 1 61  ? -10.421 -10.178 19.079  1.00 56.18  ? 61   THR B CG2 1 
ATOM   249  N N   . TRP A 1 62  ? -8.496  -9.479  16.305  1.00 57.56  ? 62   TRP B N   1 
ATOM   250  C CA  . TRP A 1 62  ? -8.626  -9.904  14.918  1.00 57.56  ? 62   TRP B CA  1 
ATOM   251  C C   . TRP A 1 62  ? -7.327  -10.507 14.404  1.00 57.56  ? 62   TRP B C   1 
ATOM   252  O O   . TRP A 1 62  ? -6.235  -10.008 14.687  1.00 57.56  ? 62   TRP B O   1 
ATOM   253  C CB  . TRP A 1 62  ? -9.026  -8.689  14.081  1.00 57.56  ? 62   TRP B CB  1 
ATOM   254  C CG  . TRP A 1 62  ? -10.389 -8.149  14.406  1.00 57.56  ? 62   TRP B CG  1 
ATOM   255  C CD1 . TRP A 1 62  ? -10.940 -8.006  15.644  1.00 57.56  ? 62   TRP B CD1 1 
ATOM   256  C CD2 . TRP A 1 62  ? -11.286 -7.498  13.500  1.00 57.56  ? 62   TRP B CD2 1 
ATOM   257  N NE1 . TRP A 1 62  ? -12.174 -7.413  15.551  1.00 57.56  ? 62   TRP B NE1 1 
ATOM   258  C CE2 . TRP A 1 62  ? -12.401 -7.075  14.245  1.00 57.56  ? 62   TRP B CE2 1 
ATOM   259  C CE3 . TRP A 1 62  ? -11.270 -7.265  12.124  1.00 57.56  ? 62   TRP B CE3 1 
ATOM   260  C CZ2 . TRP A 1 62  ? -13.490 -6.437  13.660  1.00 57.56  ? 62   TRP B CZ2 1 
ATOM   261  C CZ3 . TRP A 1 62  ? -12.353 -6.632  11.546  1.00 57.56  ? 62   TRP B CZ3 1 
ATOM   262  C CH2 . TRP A 1 62  ? -13.449 -6.227  12.312  1.00 57.56  ? 62   TRP B CH2 1 
ATOM   263  N N   . PHE A 1 63  ? -7.451  -11.594 13.647  1.00 47.26  ? 63   PHE B N   1 
ATOM   264  C CA  . PHE A 1 63  ? -6.285  -12.269 13.100  1.00 47.26  ? 63   PHE B CA  1 
ATOM   265  C C   . PHE A 1 63  ? -5.628  -11.427 12.015  1.00 47.26  ? 63   PHE B C   1 
ATOM   266  O O   . PHE A 1 63  ? -6.276  -10.624 11.340  1.00 47.26  ? 63   PHE B O   1 
ATOM   267  C CB  . PHE A 1 63  ? -6.675  -13.631 12.532  1.00 47.26  ? 63   PHE B CB  1 
ATOM   268  C CG  . PHE A 1 63  ? -6.741  -14.720 13.558  1.00 47.26  ? 63   PHE B CG  1 
ATOM   269  C CD1 . PHE A 1 63  ? -5.665  -14.973 14.387  1.00 47.26  ? 63   PHE B CD1 1 
ATOM   270  C CD2 . PHE A 1 63  ? -7.874  -15.498 13.687  1.00 47.26  ? 63   PHE B CD2 1 
ATOM   271  C CE1 . PHE A 1 63  ? -5.719  -15.974 15.326  1.00 47.26  ? 63   PHE B CE1 1 
ATOM   272  C CE2 . PHE A 1 63  ? -7.933  -16.500 14.626  1.00 47.26  ? 63   PHE B CE2 1 
ATOM   273  C CZ  . PHE A 1 63  ? -6.854  -16.738 15.446  1.00 47.26  ? 63   PHE B CZ  1 
ATOM   274  N N   . HIS A 1 64  ? -4.318  -11.614 11.861  1.00 49.02  ? 64   HIS B N   1 
ATOM   275  C CA  . HIS A 1 64  ? -3.486  -10.922 10.880  1.00 49.02  ? 64   HIS B CA  1 
ATOM   276  C C   . HIS A 1 64  ? -3.466  -9.410  11.078  1.00 49.02  ? 64   HIS B C   1 
ATOM   277  O O   . HIS A 1 64  ? -3.020  -8.681  10.184  1.00 49.02  ? 64   HIS B O   1 
ATOM   278  C CB  . HIS A 1 64  ? -3.917  -11.250 9.446   1.00 49.02  ? 64   HIS B CB  1 
ATOM   279  C CG  . HIS A 1 64  ? -3.939  -12.714 9.138   1.00 49.02  ? 64   HIS B CG  1 
ATOM   280  N ND1 . HIS A 1 64  ? -5.099  -13.458 9.144   1.00 49.02  ? 64   HIS B ND1 1 
ATOM   281  C CD2 . HIS A 1 64  ? -2.945  -13.569 8.805   1.00 49.02  ? 64   HIS B CD2 1 
ATOM   282  C CE1 . HIS A 1 64  ? -4.818  -14.710 8.832   1.00 49.02  ? 64   HIS B CE1 1 
ATOM   283  N NE2 . HIS A 1 64  ? -3.518  -14.805 8.621   1.00 49.02  ? 64   HIS B NE2 1 
ATOM   284  N N   . VAL A 1 65  ? -3.934  -8.917  12.221  1.00 50.30  ? 65   VAL B N   1 
ATOM   285  C CA  . VAL A 1 65  ? -3.928  -7.495  12.542  1.00 50.30  ? 65   VAL B CA  1 
ATOM   286  C C   . VAL A 1 65  ? -3.202  -7.317  13.866  1.00 50.30  ? 65   VAL B C   1 
ATOM   287  O O   . VAL A 1 65  ? -3.524  -7.993  14.850  1.00 50.30  ? 65   VAL B O   1 
ATOM   288  C CB  . VAL A 1 65  ? -5.354  -6.925  12.621  1.00 50.30  ? 65   VAL B CB  1 
ATOM   289  C CG1 . VAL A 1 65  ? -5.320  -5.475  13.058  1.00 50.30  ? 65   VAL B CG1 1 
ATOM   290  C CG2 . VAL A 1 65  ? -6.055  -7.065  11.282  1.00 50.30  ? 65   VAL B CG2 1 
ATOM   291  N N   . THR A 1 66  ? -2.231  -6.410  13.893  1.00 56.79  ? 66   THR B N   1 
ATOM   292  C CA  . THR A 1 66  ? -1.409  -6.181  15.072  1.00 56.79  ? 66   THR B CA  1 
ATOM   293  C C   . THR A 1 66  ? -1.790  -4.866  15.738  1.00 56.79  ? 66   THR B C   1 
ATOM   294  O O   . THR A 1 66  ? -2.087  -3.874  15.063  1.00 56.79  ? 66   THR B O   1 
ATOM   295  C CB  . THR A 1 66  ? 0.077   -6.177  14.717  1.00 56.79  ? 66   THR B CB  1 
ATOM   296  O OG1 . THR A 1 66  ? 0.359   -7.275  13.843  1.00 56.79  ? 66   THR B OG1 1 
ATOM   297  C CG2 . THR A 1 66  ? 0.927   -6.308  15.972  1.00 56.79  ? 66   THR B CG2 1 
ATOM   298  N N   . CYS A 1 67  ? -1.777  -4.869  17.066  1.00 63.00  ? 67   CYS B N   1 
ATOM   299  C CA  . CYS A 1 67  ? -2.227  -3.760  17.882  1.00 63.00  ? 67   CYS B CA  1 
ATOM   300  C C   . CYS A 1 67  ? -1.030  -3.021  18.465  1.00 63.00  ? 67   CYS B C   1 
ATOM   301  O O   . CYS A 1 67  ? 0.130   -3.354  18.205  1.00 63.00  ? 67   CYS B O   1 
ATOM   302  C CB  . CYS A 1 67  ? -3.114  -4.273  19.012  1.00 63.00  ? 67   CYS B CB  1 
ATOM   303  S SG  . CYS A 1 67  ? -4.492  -5.279  18.498  1.00 63.00  ? 67   CYS B SG  1 
ATOM   304  N N   . ASN A 1 68  ? -1.316  -2.014  19.281  1.00 67.69  ? 68   ASN B N   1 
ATOM   305  C CA  . ASN A 1 68  ? -0.345  -1.452  20.206  1.00 67.69  ? 68   ASN B CA  1 
ATOM   306  C C   . ASN A 1 68  ? -1.090  -1.146  21.499  1.00 67.69  ? 68   ASN B C   1 
ATOM   307  O O   . ASN A 1 68  ? -2.229  -1.581  21.697  1.00 67.69  ? 68   ASN B O   1 
ATOM   308  C CB  . ASN A 1 68  ? 0.348   -0.220  19.612  1.00 67.69  ? 68   ASN B CB  1 
ATOM   309  C CG  . ASN A 1 68  ? -0.564  0.982   19.530  1.00 67.69  ? 68   ASN B CG  1 
ATOM   310  O OD1 . ASN A 1 68  ? -1.776  0.846   19.375  1.00 67.69  ? 68   ASN B OD1 1 
ATOM   311  N ND2 . ASN A 1 68  ? 0.016   2.171   19.629  1.00 67.69  ? 68   ASN B ND2 1 
ATOM   312  N N   . SER A 1 69  ? -0.451  -0.399  22.391  1.00 64.35  ? 69   SER B N   1 
ATOM   313  C CA  . SER A 1 69  ? -1.149  0.039   23.582  1.00 64.35  ? 69   SER B CA  1 
ATOM   314  C C   . SER A 1 69  ? -2.262  1.013   23.199  1.00 64.35  ? 69   SER B C   1 
ATOM   315  O O   . SER A 1 69  ? -2.257  1.620   22.127  1.00 64.35  ? 69   SER B O   1 
ATOM   316  C CB  . SER A 1 69  ? -0.171  0.678   24.566  1.00 64.35  ? 69   SER B CB  1 
ATOM   317  O OG  . SER A 1 69  ? 0.910   -0.193  24.845  1.00 64.35  ? 69   SER B OG  1 
ATOM   318  N N   . GLU A 1 70  ? -3.224  1.166   24.108  1.00 70.27  ? 70   GLU B N   1 
ATOM   319  C CA  . GLU A 1 70  ? -4.462  1.909   23.865  1.00 70.27  ? 70   GLU B CA  1 
ATOM   320  C C   . GLU A 1 70  ? -5.171  1.475   22.582  1.00 70.27  ? 70   GLU B C   1 
ATOM   321  O O   . GLU A 1 70  ? -5.889  2.272   21.970  1.00 70.27  ? 70   GLU B O   1 
ATOM   322  C CB  . GLU A 1 70  ? -4.229  3.427   23.845  1.00 70.27  ? 70   GLU B CB  1 
ATOM   323  C CG  . GLU A 1 70  ? -3.825  4.040   25.184  1.00 70.27  ? 70   GLU B CG  1 
ATOM   324  C CD  . GLU A 1 70  ? -2.345  3.923   25.483  1.00 70.27  ? 70   GLU B CD  1 
ATOM   325  O OE1 . GLU A 1 70  ? -1.597  3.421   24.624  1.00 70.27  ? 70   GLU B OE1 1 
ATOM   326  O OE2 . GLU A 1 70  ? -1.929  4.336   26.587  1.00 70.27  ? 70   GLU B OE2 1 
ATOM   327  N N   . ASN A 1 71  ? -4.985  0.219   22.169  1.00 70.66  ? 71   ASN B N   1 
ATOM   328  C CA  . ASN A 1 71  ? -5.845  -0.456  21.194  1.00 70.66  ? 71   ASN B CA  1 
ATOM   329  C C   . ASN A 1 71  ? -5.994  0.353   19.900  1.00 70.66  ? 71   ASN B C   1 
ATOM   330  O O   . ASN A 1 71  ? -7.076  0.825   19.545  1.00 70.66  ? 71   ASN B O   1 
ATOM   331  C CB  . ASN A 1 71  ? -7.215  -0.755  21.812  1.00 70.66  ? 71   ASN B CB  1 
ATOM   332  C CG  . ASN A 1 71  ? -7.128  -1.709  22.980  1.00 70.66  ? 71   ASN B CG  1 
ATOM   333  O OD1 . ASN A 1 71  ? -6.761  -2.871  22.819  1.00 70.66  ? 71   ASN B OD1 1 
ATOM   334  N ND2 . ASN A 1 71  ? -7.463  -1.221  24.168  1.00 70.66  ? 71   ASN B ND2 1 
ATOM   335  N N   . SER A 1 72  ? -4.873  0.507   19.200  1.00 70.91  ? 72   SER B N   1 
ATOM   336  C CA  . SER A 1 72  ? -4.873  1.102   17.871  1.00 70.91  ? 72   SER B CA  1 
ATOM   337  C C   . SER A 1 72  ? -4.132  0.186   16.909  1.00 70.91  ? 72   SER B C   1 
ATOM   338  O O   . SER A 1 72  ? -3.080  -0.365  17.247  1.00 70.91  ? 72   SER B O   1 
ATOM   339  C CB  . SER A 1 72  ? -4.236  2.496   17.877  1.00 70.91  ? 72   SER B CB  1 
ATOM   340  O OG  . SER A 1 72  ? -2.855  2.431   18.182  1.00 70.91  ? 72   SER B OG  1 
ATOM   341  N N   . VAL A 1 73  ? -4.689  0.021   15.710  1.00 66.19  ? 73   VAL B N   1 
ATOM   342  C CA  . VAL A 1 73  ? -4.114  -0.892  14.729  1.00 66.19  ? 73   VAL B CA  1 
ATOM   343  C C   . VAL A 1 73  ? -2.817  -0.305  14.194  1.00 66.19  ? 73   VAL B C   1 
ATOM   344  O O   . VAL A 1 73  ? -2.767  0.864   13.788  1.00 66.19  ? 73   VAL B O   1 
ATOM   345  C CB  . VAL A 1 73  ? -5.114  -1.161  13.597  1.00 66.19  ? 73   VAL B CB  1 
ATOM   346  C CG1 . VAL A 1 73  ? -4.415  -1.795  12.409  1.00 66.19  ? 73   VAL B CG1 1 
ATOM   347  C CG2 . VAL A 1 73  ? -6.240  -2.047  14.090  1.00 66.19  ? 73   VAL B CG2 1 
ATOM   348  N N   . THR A 1 74  ? -1.755  -1.112  14.185  1.00 63.40  ? 74   THR B N   1 
ATOM   349  C CA  . THR A 1 74  ? -0.458  -0.644  13.723  1.00 63.40  ? 74   THR B CA  1 
ATOM   350  C C   . THR A 1 74  ? 0.180   -1.519  12.658  1.00 63.40  ? 74   THR B C   1 
ATOM   351  O O   . THR A 1 74  ? 1.202   -1.112  12.097  1.00 63.40  ? 74   THR B O   1 
ATOM   352  C CB  . THR A 1 74  ? 0.525   -0.518  14.895  1.00 63.40  ? 74   THR B CB  1 
ATOM   353  O OG1 . THR A 1 74  ? 1.732   0.102   14.439  1.00 63.40  ? 74   THR B OG1 1 
ATOM   354  C CG2 . THR A 1 74  ? 0.859   -1.889  15.451  1.00 63.40  ? 74   THR B CG2 1 
ATOM   355  N N   . ARG A 1 75  ? -0.358  -2.705  12.376  1.00 59.53  ? 75   ARG B N   1 
ATOM   356  C CA  . ARG A 1 75  ? 0.141   -3.544  11.296  1.00 59.53  ? 75   ARG B CA  1 
ATOM   357  C C   . ARG A 1 75  ? -1.026  -4.284  10.662  1.00 59.53  ? 75   ARG B C   1 
ATOM   358  O O   . ARG A 1 75  ? -1.948  -4.715  11.358  1.00 59.53  ? 75   ARG B O   1 
ATOM   359  C CB  . ARG A 1 75  ? 1.185   -4.558  11.778  1.00 59.53  ? 75   ARG B CB  1 
ATOM   360  C CG  . ARG A 1 75  ? 2.385   -3.966  12.486  1.00 59.53  ? 75   ARG B CG  1 
ATOM   361  C CD  . ARG A 1 75  ? 3.465   -5.005  12.680  1.00 59.53  ? 75   ARG B CD  1 
ATOM   362  N NE  . ARG A 1 75  ? 3.607   -5.855  11.506  1.00 59.53  ? 75   ARG B NE  1 
ATOM   363  C CZ  . ARG A 1 75  ? 4.762   -6.127  10.916  1.00 59.53  ? 75   ARG B CZ  1 
ATOM   364  N NH1 . ARG A 1 75  ? 5.901   -5.630  11.366  1.00 59.53  ? 75   ARG B NH1 1 
ATOM   365  N NH2 . ARG A 1 75  ? 4.773   -6.920  9.847   1.00 59.53  ? 75   ARG B NH2 1 
ATOM   366  N N   . VAL A 1 76  ? -0.974  -4.427  9.341   1.00 56.18  ? 76   VAL B N   1 
ATOM   367  C CA  . VAL A 1 76  ? -1.962  -5.178  8.572   1.00 56.18  ? 76   VAL B CA  1 
ATOM   368  C C   . VAL A 1 76  ? -1.168  -6.084  7.641   1.00 56.18  ? 76   VAL B C   1 
ATOM   369  O O   . VAL A 1 76  ? -0.745  -5.657  6.561   1.00 56.18  ? 76   VAL B O   1 
ATOM   370  C CB  . VAL A 1 76  ? -2.913  -4.269  7.787   1.00 56.18  ? 76   VAL B CB  1 
ATOM   371  C CG1 . VAL A 1 76  ? -3.923  -5.093  7.019   1.00 56.18  ? 76   VAL B CG1 1 
ATOM   372  C CG2 . VAL A 1 76  ? -3.623  -3.304  8.722   1.00 56.18  ? 76   VAL B CG2 1 
ATOM   373  N N   . ASP A 1 77  ? -0.956  -7.333  8.052   1.00 55.00  ? 77   ASP B N   1 
ATOM   374  C CA  . ASP A 1 77  ? -0.086  -8.265  7.339   1.00 55.00  ? 77   ASP B CA  1 
ATOM   375  C C   . ASP A 1 77  ? -0.934  -9.317  6.636   1.00 55.00  ? 77   ASP B C   1 
ATOM   376  O O   . ASP A 1 77  ? -1.609  -10.118 7.290   1.00 55.00  ? 77   ASP B O   1 
ATOM   377  C CB  . ASP A 1 77  ? 0.904   -8.919  8.299   1.00 55.00  ? 77   ASP B CB  1 
ATOM   378  C CG  . ASP A 1 77  ? 2.119   -9.475  7.588   1.00 55.00  ? 77   ASP B CG  1 
ATOM   379  O OD1 . ASP A 1 77  ? 1.969   -10.453 6.826   1.00 55.00  ? 77   ASP B OD1 1 
ATOM   380  O OD2 . ASP A 1 77  ? 3.226   -8.935  7.791   1.00 55.00  ? 77   ASP B OD2 1 
ATOM   381  N N   . LEU A 1 78  ? -0.890  -9.317  5.305   1.00 56.31  ? 78   LEU B N   1 
ATOM   382  C CA  . LEU A 1 78  ? -1.534  -10.336 4.479   1.00 56.31  ? 78   LEU B CA  1 
ATOM   383  C C   . LEU A 1 78  ? -0.614  -10.609 3.293   1.00 56.31  ? 78   LEU B C   1 
ATOM   384  O O   . LEU A 1 78  ? -0.582  -9.832  2.333   1.00 56.31  ? 78   LEU B O   1 
ATOM   385  C CB  . LEU A 1 78  ? -2.917  -9.896  4.016   1.00 56.31  ? 78   LEU B CB  1 
ATOM   386  C CG  . LEU A 1 78  ? -4.024  -9.819  5.068   1.00 56.31  ? 78   LEU B CG  1 
ATOM   387  C CD1 . LEU A 1 78  ? -4.130  -8.419  5.629   1.00 56.31  ? 78   LEU B CD1 1 
ATOM   388  C CD2 . LEU A 1 78  ? -5.352  -10.258 4.487   1.00 56.31  ? 78   LEU B CD2 1 
ATOM   389  N N   . GLY A 1 79  ? 0.131   -11.707 3.359   1.00 61.55  ? 79   GLY B N   1 
ATOM   390  C CA  . GLY A 1 79  ? 1.044   -12.069 2.292   1.00 61.55  ? 79   GLY B CA  1 
ATOM   391  C C   . GLY A 1 79  ? 0.404   -12.960 1.248   1.00 61.55  ? 79   GLY B C   1 
ATOM   392  O O   . GLY A 1 79  ? -0.567  -12.563 0.599   1.00 61.55  ? 79   GLY B O   1 
ATOM   393  N N   . ASN A 1 80  ? 0.935   -14.169 1.077   1.00 60.40  ? 80   ASN B N   1 
ATOM   394  C CA  . ASN A 1 80  ? 0.399   -15.117 0.101   1.00 60.40  ? 80   ASN B CA  1 
ATOM   395  C C   . ASN A 1 80  ? -0.885  -15.714 0.669   1.00 60.40  ? 80   ASN B C   1 
ATOM   396  O O   . ASN A 1 80  ? -0.920  -16.833 1.183   1.00 60.40  ? 80   ASN B O   1 
ATOM   397  C CB  . ASN A 1 80  ? 1.417   -16.202 -0.222  1.00 60.40  ? 80   ASN B CB  1 
ATOM   398  C CG  . ASN A 1 80  ? 2.797   -15.646 -0.475  1.00 60.40  ? 80   ASN B CG  1 
ATOM   399  O OD1 . ASN A 1 80  ? 2.952   -14.484 -0.838  1.00 60.40  ? 80   ASN B OD1 1 
ATOM   400  N ND2 . ASN A 1 80  ? 3.814   -16.479 -0.287  1.00 60.40  ? 80   ASN B ND2 1 
ATOM   401  N N   . ALA A 1 81  ? -1.966  -14.943 0.572   1.00 65.28  ? 81   ALA B N   1 
ATOM   402  C CA  . ALA A 1 81  ? -3.246  -15.337 1.139   1.00 65.28  ? 81   ALA B CA  1 
ATOM   403  C C   . ALA A 1 81  ? -4.362  -15.406 0.104   1.00 65.28  ? 81   ALA B C   1 
ATOM   404  O O   . ALA A 1 81  ? -5.536  -15.490 0.481   1.00 65.28  ? 81   ALA B O   1 
ATOM   405  C CB  . ALA A 1 81  ? -3.630  -14.387 2.272   1.00 65.28  ? 81   ALA B CB  1 
ATOM   406  N N   . ASN A 1 82  ? -4.029  -15.362 -1.185  1.00 74.36  ? 82   ASN B N   1 
ATOM   407  C CA  . ASN A 1 82  ? -4.947  -15.623 -2.293  1.00 74.36  ? 82   ASN B CA  1 
ATOM   408  C C   . ASN A 1 82  ? -6.076  -14.604 -2.409  1.00 74.36  ? 82   ASN B C   1 
ATOM   409  O O   . ASN A 1 82  ? -7.015  -14.826 -3.182  1.00 74.36  ? 82   ASN B O   1 
ATOM   410  C CB  . ASN A 1 82  ? -5.561  -17.026 -2.198  1.00 74.36  ? 82   ASN B CB  1 
ATOM   411  C CG  . ASN A 1 82  ? -4.648  -18.108 -2.728  1.00 74.36  ? 82   ASN B CG  1 
ATOM   412  O OD1 . ASN A 1 82  ? -3.735  -17.847 -3.511  1.00 74.36  ? 82   ASN B OD1 1 
ATOM   413  N ND2 . ASN A 1 82  ? -4.899  -19.342 -2.299  1.00 74.36  ? 82   ASN B ND2 1 
ATOM   414  N N   . LEU A 1 83  ? -6.027  -13.497 -1.669  1.00 70.00  ? 83   LEU B N   1 
ATOM   415  C CA  . LEU A 1 83  ? -7.120  -12.533 -1.722  1.00 70.00  ? 83   LEU B CA  1 
ATOM   416  C C   . LEU A 1 83  ? -7.290  -11.964 -3.125  1.00 70.00  ? 83   LEU B C   1 
ATOM   417  O O   . LEU A 1 83  ? -6.317  -11.667 -3.820  1.00 70.00  ? 83   LEU B O   1 
ATOM   418  C CB  . LEU A 1 83  ? -6.893  -11.399 -0.724  1.00 70.00  ? 83   LEU B CB  1 
ATOM   419  C CG  . LEU A 1 83  ? -7.365  -11.621 0.714   1.00 70.00  ? 83   LEU B CG  1 
ATOM   420  C CD1 . LEU A 1 83  ? -6.490  -12.601 1.446   1.00 70.00  ? 83   LEU B CD1 1 
ATOM   421  C CD2 . LEU A 1 83  ? -7.411  -10.301 1.457   1.00 70.00  ? 83   LEU B CD2 1 
ATOM   422  N N   . SER A 1 84  ? -8.548  -11.821 -3.538  1.00 72.67  ? 84   SER B N   1 
ATOM   423  C CA  . SER A 1 84  ? -8.904  -11.290 -4.846  1.00 72.67  ? 84   SER B CA  1 
ATOM   424  C C   . SER A 1 84  ? -10.011 -10.263 -4.676  1.00 72.67  ? 84   SER B C   1 
ATOM   425  O O   . SER A 1 84  ? -10.998 -10.522 -3.980  1.00 72.67  ? 84   SER B O   1 
ATOM   426  C CB  . SER A 1 84  ? -9.359  -12.406 -5.787  1.00 72.67  ? 84   SER B CB  1 
ATOM   427  O OG  . SER A 1 84  ? -8.308  -13.319 -6.046  1.00 72.67  ? 84   SER B OG  1 
ATOM   428  N N   . GLY A 1 85  ? -9.852  -9.111  -5.309  1.00 71.13  ? 85   GLY B N   1 
ATOM   429  C CA  . GLY A 1 85  ? -10.840 -8.051  -5.189  1.00 71.13  ? 85   GLY B CA  1 
ATOM   430  C C   . GLY A 1 85  ? -10.227 -6.704  -5.538  1.00 71.13  ? 85   GLY B C   1 
ATOM   431  O O   . GLY A 1 85  ? -9.291  -6.623  -6.331  1.00 71.13  ? 85   GLY B O   1 
ATOM   432  N N   . GLN A 1 86  ? -10.780 -5.660  -4.926  1.00 79.48  ? 86   GLN B N   1 
ATOM   433  C CA  . GLN A 1 86  ? -10.341 -4.294  -5.162  1.00 79.48  ? 86   GLN B CA  1 
ATOM   434  C C   . GLN A 1 86  ? -10.105 -3.590  -3.834  1.00 79.48  ? 86   GLN B C   1 
ATOM   435  O O   . GLN A 1 86  ? -10.740 -3.907  -2.824  1.00 79.48  ? 86   GLN B O   1 
ATOM   436  C CB  . GLN A 1 86  ? -11.365 -3.508  -5.992  1.00 79.48  ? 86   GLN B CB  1 
ATOM   437  C CG  . GLN A 1 86  ? -12.756 -3.461  -5.381  1.00 79.48  ? 86   GLN B CG  1 
ATOM   438  C CD  . GLN A 1 86  ? -13.758 -2.752  -6.272  1.00 79.48  ? 86   GLN B CD  1 
ATOM   439  O OE1 . GLN A 1 86  ? -13.418 -2.285  -7.359  1.00 79.48  ? 86   GLN B OE1 1 
ATOM   440  N NE2 . GLN A 1 86  ? -15.002 -2.669  -5.814  1.00 79.48  ? 86   GLN B NE2 1 
ATOM   441  N N   . LEU A 1 87  ? -9.182  -2.632  -3.844  1.00 80.73  ? 87   LEU B N   1 
ATOM   442  C CA  . LEU A 1 87  ? -8.902  -1.858  -2.646  1.00 80.73  ? 87   LEU B CA  1 
ATOM   443  C C   . LEU A 1 87  ? -10.079 -0.944  -2.316  1.00 80.73  ? 87   LEU B C   1 
ATOM   444  O O   . LEU A 1 87  ? -10.929 -0.644  -3.159  1.00 80.73  ? 87   LEU B O   1 
ATOM   445  C CB  . LEU A 1 87  ? -7.621  -1.043  -2.816  1.00 80.73  ? 87   LEU B CB  1 
ATOM   446  C CG  . LEU A 1 87  ? -6.321  -1.849  -2.756  1.00 80.73  ? 87   LEU B CG  1 
ATOM   447  C CD1 . LEU A 1 87  ? -5.112  -0.934  -2.822  1.00 80.73  ? 87   LEU B CD1 1 
ATOM   448  C CD2 . LEU A 1 87  ? -6.281  -2.702  -1.501  1.00 80.73  ? 87   LEU B CD2 1 
ATOM   449  N N   . VAL A 1 88  ? -10.120 -0.499  -1.065  1.00 79.31  ? 88   VAL B N   1 
ATOM   450  C CA  . VAL A 1 88  ? -11.295 0.167   -0.512  1.00 79.31  ? 88   VAL B CA  1 
ATOM   451  C C   . VAL A 1 88  ? -10.940 1.603   -0.147  1.00 79.31  ? 88   VAL B C   1 
ATOM   452  O O   . VAL A 1 88  ? -9.868  1.847   0.426   1.00 79.31  ? 88   VAL B O   1 
ATOM   453  C CB  . VAL A 1 88  ? -11.830 -0.612  0.701   1.00 79.31  ? 88   VAL B CB  1 
ATOM   454  C CG1 . VAL A 1 88  ? -13.047 0.063   1.292   1.00 79.31  ? 88   VAL B CG1 1 
ATOM   455  C CG2 . VAL A 1 88  ? -12.158 -2.043  0.302   1.00 79.31  ? 88   VAL B CG2 1 
ATOM   456  N N   . PRO A 1 89  ? -11.793 2.580   -0.456  1.00 83.80  ? 89   PRO B N   1 
ATOM   457  C CA  . PRO A 1 89  ? -11.504 3.975   -0.102  1.00 83.80  ? 89   PRO B CA  1 
ATOM   458  C C   . PRO A 1 89  ? -11.667 4.308   1.373   1.00 83.80  ? 89   PRO B C   1 
ATOM   459  O O   . PRO A 1 89  ? -11.537 5.479   1.735   1.00 83.80  ? 89   PRO B O   1 
ATOM   460  C CB  . PRO A 1 89  ? -12.523 4.758   -0.946  1.00 83.80  ? 89   PRO B CB  1 
ATOM   461  C CG  . PRO A 1 89  ? -13.645 3.814   -1.151  1.00 83.80  ? 89   PRO B CG  1 
ATOM   462  C CD  . PRO A 1 89  ? -13.020 2.455   -1.263  1.00 83.80  ? 89   PRO B CD  1 
ATOM   463  N N   . GLN A 1 90  ? -11.955 3.333   2.230   1.00 84.10  ? 90   GLN B N   1 
ATOM   464  C CA  . GLN A 1 90  ? -11.994 3.557   3.669   1.00 84.10  ? 90   GLN B CA  1 
ATOM   465  C C   . GLN A 1 90  ? -10.785 2.983   4.392   1.00 84.10  ? 90   GLN B C   1 
ATOM   466  O O   . GLN A 1 90  ? -10.770 2.961   5.626   1.00 84.10  ? 90   GLN B O   1 
ATOM   467  C CB  . GLN A 1 90  ? -13.281 2.980   4.267   1.00 84.10  ? 90   GLN B CB  1 
ATOM   468  C CG  . GLN A 1 90  ? -14.528 3.805   3.982   1.00 84.10  ? 90   GLN B CG  1 
ATOM   469  C CD  . GLN A 1 90  ? -15.129 3.523   2.621   1.00 84.10  ? 90   GLN B CD  1 
ATOM   470  O OE1 . GLN A 1 90  ? -14.840 2.502   2.003   1.00 84.10  ? 90   GLN B OE1 1 
ATOM   471  N NE2 . GLN A 1 90  ? -15.973 4.433   2.147   1.00 84.10  ? 90   GLN B NE2 1 
ATOM   472  N N   . LEU A 1 91  ? -9.769  2.525   3.658   1.00 80.39  ? 91   LEU B N   1 
ATOM   473  C CA  . LEU A 1 91  ? -8.575  1.992   4.304   1.00 80.39  ? 91   LEU B CA  1 
ATOM   474  C C   . LEU A 1 91  ? -7.744  3.101   4.932   1.00 80.39  ? 91   LEU B C   1 
ATOM   475  O O   . LEU A 1 91  ? -6.953  2.841   5.845   1.00 80.39  ? 91   LEU B O   1 
ATOM   476  C CB  . LEU A 1 91  ? -7.753  1.193   3.288   1.00 80.39  ? 91   LEU B CB  1 
ATOM   477  C CG  . LEU A 1 91  ? -6.544  0.359   3.725   1.00 80.39  ? 91   LEU B CG  1 
ATOM   478  C CD1 . LEU A 1 91  ? -6.353  -0.802  2.769   1.00 80.39  ? 91   LEU B CD1 1 
ATOM   479  C CD2 . LEU A 1 91  ? -5.272  1.187   3.770   1.00 80.39  ? 91   LEU B CD2 1 
ATOM   480  N N   . GLY A 1 92  ? -7.926  4.336   4.483   1.00 78.13  ? 92   GLY B N   1 
ATOM   481  C CA  . GLY A 1 92  ? -7.137  5.449   4.959   1.00 78.13  ? 92   GLY B CA  1 
ATOM   482  C C   . GLY A 1 92  ? -7.574  6.054   6.268   1.00 78.13  ? 92   GLY B C   1 
ATOM   483  O O   . GLY A 1 92  ? -6.978  7.038   6.714   1.00 78.13  ? 92   GLY B O   1 
ATOM   484  N N   . GLN A 1 93  ? -8.596  5.493   6.904   1.00 80.33  ? 93   GLN B N   1 
ATOM   485  C CA  . GLN A 1 93  ? -9.150  6.050   8.129   1.00 80.33  ? 93   GLN B CA  1 
ATOM   486  C C   . GLN A 1 93  ? -8.488  5.497   9.385   1.00 80.33  ? 93   GLN B C   1 
ATOM   487  O O   . GLN A 1 93  ? -8.935  5.807   10.493  1.00 80.33  ? 93   GLN B O   1 
ATOM   488  C CB  . GLN A 1 93  ? -10.659 5.794   8.176   1.00 80.33  ? 93   GLN B CB  1 
ATOM   489  C CG  . GLN A 1 93  ? -11.460 6.893   8.845   1.00 80.33  ? 93   GLN B CG  1 
ATOM   490  C CD  . GLN A 1 93  ? -12.945 6.770   8.576   1.00 80.33  ? 93   GLN B CD  1 
ATOM   491  O OE1 . GLN A 1 93  ? -13.386 5.858   7.878   1.00 80.33  ? 93   GLN B OE1 1 
ATOM   492  N NE2 . GLN A 1 93  ? -13.725 7.695   9.123   1.00 80.33  ? 93   GLN B NE2 1 
ATOM   493  N N   . LEU A 1 94  ? -7.438  4.690   9.240   1.00 77.96  ? 94   LEU B N   1 
ATOM   494  C CA  . LEU A 1 94  ? -6.685  4.171   10.375  1.00 77.96  ? 94   LEU B CA  1 
ATOM   495  C C   . LEU A 1 94  ? -5.482  5.074   10.618  1.00 77.96  ? 94   LEU B C   1 
ATOM   496  O O   . LEU A 1 94  ? -4.448  4.920   9.958   1.00 77.96  ? 94   LEU B O   1 
ATOM   497  C CB  . LEU A 1 94  ? -6.234  2.735   10.113  1.00 77.96  ? 94   LEU B CB  1 
ATOM   498  C CG  . LEU A 1 94  ? -7.313  1.778   9.608   1.00 77.96  ? 94   LEU B CG  1 
ATOM   499  C CD1 . LEU A 1 94  ? -6.695  0.491   9.095   1.00 77.96  ? 94   LEU B CD1 1 
ATOM   500  C CD2 . LEU A 1 94  ? -8.325  1.491   10.695  1.00 77.96  ? 94   LEU B CD2 1 
ATOM   501  N N   . PRO A 1 95  ? -5.578  6.026   11.549  1.00 73.16  ? 95   PRO B N   1 
ATOM   502  C CA  . PRO A 1 95  ? -4.522  7.043   11.654  1.00 73.16  ? 95   PRO B CA  1 
ATOM   503  C C   . PRO A 1 95  ? -3.187  6.497   12.119  1.00 73.16  ? 95   PRO B C   1 
ATOM   504  O O   . PRO A 1 95  ? -2.143  6.977   11.665  1.00 73.16  ? 95   PRO B O   1 
ATOM   505  C CB  . PRO A 1 95  ? -5.099  8.047   12.658  1.00 73.16  ? 95   PRO B CB  1 
ATOM   506  C CG  . PRO A 1 95  ? -6.060  7.261   13.476  1.00 73.16  ? 95   PRO B CG  1 
ATOM   507  C CD  . PRO A 1 95  ? -6.547  6.101   12.654  1.00 73.16  ? 95   PRO B CD  1 
ATOM   508  N N   . ASN A 1 96  ? -3.184  5.506   13.008  1.00 72.67  ? 96   ASN B N   1 
ATOM   509  C CA  . ASN A 1 96  ? -1.965  5.008   13.630  1.00 72.67  ? 96   ASN B CA  1 
ATOM   510  C C   . ASN A 1 96  ? -1.398  3.793   12.907  1.00 72.67  ? 96   ASN B C   1 
ATOM   511  O O   . ASN A 1 96  ? -0.720  2.966   13.522  1.00 72.67  ? 96   ASN B O   1 
ATOM   512  C CB  . ASN A 1 96  ? -2.230  4.679   15.098  1.00 72.67  ? 96   ASN B CB  1 
ATOM   513  C CG  . ASN A 1 96  ? -1.021  4.912   15.973  1.00 72.67  ? 96   ASN B CG  1 
ATOM   514  O OD1 . ASN A 1 96  ? 0.097   5.057   15.482  1.00 72.67  ? 96   ASN B OD1 1 
ATOM   515  N ND2 . ASN A 1 96  ? -1.239  4.951   17.281  1.00 72.67  ? 96   ASN B ND2 1 
ATOM   516  N N   . LEU A 1 97  ? -1.662  3.668   11.609  1.00 71.31  ? 97   LEU B N   1 
ATOM   517  C CA  . LEU A 1 97  ? -1.246  2.498   10.852  1.00 71.31  ? 97   LEU B CA  1 
ATOM   518  C C   . LEU A 1 97  ? 0.226   2.583   10.474  1.00 71.31  ? 97   LEU B C   1 
ATOM   519  O O   . LEU A 1 97  ? 0.737   3.655   10.138  1.00 71.31  ? 97   LEU B O   1 
ATOM   520  C CB  . LEU A 1 97  ? -2.091  2.338   9.587   1.00 71.31  ? 97   LEU B CB  1 
ATOM   521  C CG  . LEU A 1 97  ? -1.898  1.021   8.828   1.00 71.31  ? 97   LEU B CG  1 
ATOM   522  C CD1 . LEU A 1 97  ? -3.227  0.488   8.336   1.00 71.31  ? 97   LEU B CD1 1 
ATOM   523  C CD2 . LEU A 1 97  ? -0.923  1.171   7.669   1.00 71.31  ? 97   LEU B CD2 1 
ATOM   524  N N   . GLN A 1 98  ? 0.898   1.440   10.535  1.00 68.96  ? 98   GLN B N   1 
ATOM   525  C CA  . GLN A 1 98  ? 2.244   1.255   10.018  1.00 68.96  ? 98   GLN B CA  1 
ATOM   526  C C   . GLN A 1 98  ? 2.300   -0.100  9.329   1.00 68.96  ? 98   GLN B C   1 
ATOM   527  O O   . GLN A 1 98  ? 1.409   -0.937  9.492   1.00 68.96  ? 98   GLN B O   1 
ATOM   528  C CB  . GLN A 1 98  ? 3.300   1.330   11.130  1.00 68.96  ? 98   GLN B CB  1 
ATOM   529  C CG  . GLN A 1 98  ? 3.264   2.597   11.967  1.00 68.96  ? 98   GLN B CG  1 
ATOM   530  C CD  . GLN A 1 98  ? 4.036   2.461   13.266  1.00 68.96  ? 98   GLN B CD  1 
ATOM   531  O OE1 . GLN A 1 98  ? 4.488   1.375   13.622  1.00 68.96  ? 98   GLN B OE1 1 
ATOM   532  N NE2 . GLN A 1 98  ? 4.190   3.569   13.980  1.00 68.96  ? 98   GLN B NE2 1 
ATOM   533  N N   . TYR A 1 99  ? 3.348   -0.303  8.535   1.00 63.82  ? 99   TYR B N   1 
ATOM   534  C CA  . TYR A 1 99  ? 3.680   -1.608  7.964   1.00 63.82  ? 99   TYR B CA  1 
ATOM   535  C C   . TYR A 1 99  ? 2.461   -2.284  7.329   1.00 63.82  ? 99   TYR B C   1 
ATOM   536  O O   . TYR A 1 99  ? 2.014   -3.347  7.759   1.00 63.82  ? 99   TYR B O   1 
ATOM   537  C CB  . TYR A 1 99  ? 4.297   -2.514  9.028   1.00 63.82  ? 99   TYR B CB  1 
ATOM   538  C CG  . TYR A 1 99  ? 5.671   -2.099  9.489   1.00 63.82  ? 99   TYR B CG  1 
ATOM   539  C CD1 . TYR A 1 99  ? 5.832   -1.133  10.467  1.00 63.82  ? 99   TYR B CD1 1 
ATOM   540  C CD2 . TYR A 1 99  ? 6.807   -2.682  8.952   1.00 63.82  ? 99   TYR B CD2 1 
ATOM   541  C CE1 . TYR A 1 99  ? 7.084   -0.754  10.895  1.00 63.82  ? 99   TYR B CE1 1 
ATOM   542  C CE2 . TYR A 1 99  ? 8.066   -2.310  9.373   1.00 63.82  ? 99   TYR B CE2 1 
ATOM   543  C CZ  . TYR A 1 99  ? 8.198   -1.346  10.344  1.00 63.82  ? 99   TYR B CZ  1 
ATOM   544  O OH  . TYR A 1 99  ? 9.451   -0.971  10.769  1.00 63.82  ? 99   TYR B OH  1 
ATOM   545  N N   . LEU A 1 100 ? 1.919   -1.649  6.297   1.00 60.62  ? 100  LEU B N   1 
ATOM   546  C CA  . LEU A 1 100 ? 0.817   -2.228  5.541   1.00 60.62  ? 100  LEU B CA  1 
ATOM   547  C C   . LEU A 1 100 ? 1.388   -3.128  4.454   1.00 60.62  ? 100  LEU B C   1 
ATOM   548  O O   . LEU A 1 100 ? 2.143   -2.666  3.592   1.00 60.62  ? 100  LEU B O   1 
ATOM   549  C CB  . LEU A 1 100 ? -0.063  -1.140  4.931   1.00 60.62  ? 100  LEU B CB  1 
ATOM   550  C CG  . LEU A 1 100 ? -1.034  -1.613  3.851   1.00 60.62  ? 100  LEU B CG  1 
ATOM   551  C CD1 . LEU A 1 100 ? -2.071  -2.550  4.438   1.00 60.62  ? 100  LEU B CD1 1 
ATOM   552  C CD2 . LEU A 1 100 ? -1.702  -0.427  3.188   1.00 60.62  ? 100  LEU B CD2 1 
ATOM   553  N N   . GLU A 1 101 ? 1.030   -4.410  4.492   1.00 62.09  ? 101  GLU B N   1 
ATOM   554  C CA  . GLU A 1 101 ? 1.589   -5.412  3.588   1.00 62.09  ? 101  GLU B CA  1 
ATOM   555  C C   . GLU A 1 101 ? 0.450   -6.202  2.954   1.00 62.09  ? 101  GLU B C   1 
ATOM   556  O O   . GLU A 1 101 ? -0.141  -7.077  3.594   1.00 62.09  ? 101  GLU B O   1 
ATOM   557  C CB  . GLU A 1 101 ? 2.551   -6.337  4.328   1.00 62.09  ? 101  GLU B CB  1 
ATOM   558  C CG  . GLU A 1 101 ? 3.655   -5.617  5.078   1.00 62.09  ? 101  GLU B CG  1 
ATOM   559  C CD  . GLU A 1 101 ? 4.880   -5.376  4.220   1.00 62.09  ? 101  GLU B CD  1 
ATOM   560  O OE1 . GLU A 1 101 ? 5.269   -6.292  3.466   1.00 62.09  ? 101  GLU B OE1 1 
ATOM   561  O OE2 . GLU A 1 101 ? 5.456   -4.270  4.301   1.00 62.09  ? 101  GLU B OE2 1 
ATOM   562  N N   . LEU A 1 102 ? 0.143   -5.891  1.696   1.00 59.78  ? 102  LEU B N   1 
ATOM   563  C CA  . LEU A 1 102 ? -0.818  -6.643  0.890   1.00 59.78  ? 102  LEU B CA  1 
ATOM   564  C C   . LEU A 1 102 ? -0.125  -6.956  -0.429  1.00 59.78  ? 102  LEU B C   1 
ATOM   565  O O   . LEU A 1 102 ? -0.285  -6.228  -1.410  1.00 59.78  ? 102  LEU B O   1 
ATOM   566  C CB  . LEU A 1 102 ? -2.106  -5.858  0.679   1.00 59.78  ? 102  LEU B CB  1 
ATOM   567  C CG  . LEU A 1 102 ? -3.094  -5.797  1.840   1.00 59.78  ? 102  LEU B CG  1 
ATOM   568  C CD1 . LEU A 1 102 ? -3.974  -4.566  1.720   1.00 59.78  ? 102  LEU B CD1 1 
ATOM   569  C CD2 . LEU A 1 102 ? -3.938  -7.057  1.880   1.00 59.78  ? 102  LEU B CD2 1 
ATOM   570  N N   . TYR A 1 103 ? 0.638   -8.045  -0.457  1.00 63.68  ? 103  TYR B N   1 
ATOM   571  C CA  . TYR A 1 103 ? 1.391   -8.420  -1.641  1.00 63.68  ? 103  TYR B CA  1 
ATOM   572  C C   . TYR A 1 103 ? 1.125   -9.876  -1.987  1.00 63.68  ? 103  TYR B C   1 
ATOM   573  O O   . TYR A 1 103 ? 0.703   -10.672 -1.143  1.00 63.68  ? 103  TYR B O   1 
ATOM   574  C CB  . TYR A 1 103 ? 2.899   -8.181  -1.465  1.00 63.68  ? 103  TYR B CB  1 
ATOM   575  C CG  . TYR A 1 103 ? 3.533   -8.874  -0.278  1.00 63.68  ? 103  TYR B CG  1 
ATOM   576  C CD1 . TYR A 1 103 ? 3.435   -8.340  0.998   1.00 63.68  ? 103  TYR B CD1 1 
ATOM   577  C CD2 . TYR A 1 103 ? 4.248   -10.049 -0.440  1.00 63.68  ? 103  TYR B CD2 1 
ATOM   578  C CE1 . TYR A 1 103 ? 4.021   -8.966  2.079   1.00 63.68  ? 103  TYR B CE1 1 
ATOM   579  C CE2 . TYR A 1 103 ? 4.836   -10.681 0.633   1.00 63.68  ? 103  TYR B CE2 1 
ATOM   580  C CZ  . TYR A 1 103 ? 4.720   -10.136 1.890   1.00 63.68  ? 103  TYR B CZ  1 
ATOM   581  O OH  . TYR A 1 103 ? 5.306   -10.765 2.963   1.00 63.68  ? 103  TYR B OH  1 
ATOM   582  N N   . SER A 1 104 ? 1.374   -10.208 -3.254  1.00 67.20  ? 104  SER B N   1 
ATOM   583  C CA  . SER A 1 104 ? 1.119   -11.537 -3.806  1.00 67.20  ? 104  SER B CA  1 
ATOM   584  C C   . SER A 1 104 ? -0.357  -11.911 -3.664  1.00 67.20  ? 104  SER B C   1 
ATOM   585  O O   . SER A 1 104 ? -0.727  -12.873 -2.989  1.00 67.20  ? 104  SER B O   1 
ATOM   586  C CB  . SER A 1 104 ? 2.024   -12.588 -3.156  1.00 67.20  ? 104  SER B CB  1 
ATOM   587  O OG  . SER A 1 104 ? 3.364   -12.449 -3.591  1.00 67.20  ? 104  SER B OG  1 
ATOM   588  N N   . ASN A 1 105 ? -1.199  -11.119 -4.321  1.00 69.23  ? 105  ASN B N   1 
ATOM   589  C CA  . ASN A 1 105 ? -2.633  -11.349 -4.314  1.00 69.23  ? 105  ASN B CA  1 
ATOM   590  C C   . ASN A 1 105 ? -3.211  -10.878 -5.639  1.00 69.23  ? 105  ASN B C   1 
ATOM   591  O O   . ASN A 1 105 ? -2.600  -10.082 -6.356  1.00 69.23  ? 105  ASN B O   1 
ATOM   592  C CB  . ASN A 1 105 ? -3.316  -10.624 -3.151  1.00 69.23  ? 105  ASN B CB  1 
ATOM   593  C CG  . ASN A 1 105 ? -3.180  -11.364 -1.843  1.00 69.23  ? 105  ASN B CG  1 
ATOM   594  O OD1 . ASN A 1 105 ? -3.517  -12.543 -1.747  1.00 69.23  ? 105  ASN B OD1 1 
ATOM   595  N ND2 . ASN A 1 105 ? -2.690  -10.674 -0.823  1.00 69.23  ? 105  ASN B ND2 1 
ATOM   596  N N   . ASN A 1 106 ? -4.398  -11.380 -5.959  1.00 78.99  ? 106  ASN B N   1 
ATOM   597  C CA  . ASN A 1 106 ? -5.128  -10.925 -7.141  1.00 78.99  ? 106  ASN B CA  1 
ATOM   598  C C   . ASN A 1 106 ? -6.035  -9.748  -6.805  1.00 78.99  ? 106  ASN B C   1 
ATOM   599  O O   . ASN A 1 106 ? -7.226  -9.745  -7.108  1.00 78.99  ? 106  ASN B O   1 
ATOM   600  C CB  . ASN A 1 106 ? -5.927  -12.074 -7.741  1.00 78.99  ? 106  ASN B CB  1 
ATOM   601  C CG  . ASN A 1 106 ? -5.046  -13.158 -8.325  1.00 78.99  ? 106  ASN B CG  1 
ATOM   602  O OD1 . ASN A 1 106 ? -3.863  -12.938 -8.583  1.00 78.99  ? 106  ASN B OD1 1 
ATOM   603  N ND2 . ASN A 1 106 ? -5.629  -14.338 -8.539  1.00 78.99  ? 106  ASN B ND2 1 
ATOM   604  N N   . ILE A 1 107 ? -5.461  -8.724  -6.176  1.00 75.88  ? 107  ILE B N   1 
ATOM   605  C CA  . ILE A 1 107 ? -6.201  -7.518  -5.813  1.00 75.88  ? 107  ILE B CA  1 
ATOM   606  C C   . ILE A 1 107 ? -6.239  -6.627  -7.051  1.00 75.88  ? 107  ILE B C   1 
ATOM   607  O O   . ILE A 1 107 ? -5.261  -5.952  -7.375  1.00 75.88  ? 107  ILE B O   1 
ATOM   608  C CB  . ILE A 1 107 ? -5.572  -6.802  -4.616  1.00 75.88  ? 107  ILE B CB  1 
ATOM   609  C CG1 . ILE A 1 107 ? -5.576  -7.717  -3.392  1.00 75.88  ? 107  ILE B CG1 1 
ATOM   610  C CG2 . ILE A 1 107 ? -6.321  -5.514  -4.316  1.00 75.88  ? 107  ILE B CG2 1 
ATOM   611  C CD1 . ILE A 1 107 ? -4.934  -7.104  -2.167  1.00 75.88  ? 107  ILE B CD1 1 
ATOM   612  N N   . SER A 1 108 ? -7.370  -6.627  -7.752  1.00 75.62  ? 108  SER B N   1 
ATOM   613  C CA  . SER A 1 108 ? -7.524  -5.885  -8.996  1.00 75.62  ? 108  SER B CA  1 
ATOM   614  C C   . SER A 1 108 ? -8.270  -4.589  -8.719  1.00 75.62  ? 108  SER B C   1 
ATOM   615  O O   . SER A 1 108 ? -9.421  -4.617  -8.276  1.00 75.62  ? 108  SER B O   1 
ATOM   616  C CB  . SER A 1 108 ? -8.267  -6.719  -10.040 1.00 75.62  ? 108  SER B CB  1 
ATOM   617  O OG  . SER A 1 108 ? -8.481  -5.977  -11.228 1.00 75.62  ? 108  SER B OG  1 
ATOM   618  N N   . GLY A 1 109 ? -7.621  -3.462  -8.989  1.00 81.56  ? 109  GLY B N   1 
ATOM   619  C CA  . GLY A 1 109 ? -8.253  -2.180  -8.743  1.00 81.56  ? 109  GLY B CA  1 
ATOM   620  C C   . GLY A 1 109 ? -7.262  -1.041  -8.874  1.00 81.56  ? 109  GLY B C   1 
ATOM   621  O O   . GLY A 1 109 ? -6.235  -1.165  -9.542  1.00 81.56  ? 109  GLY B O   1 
ATOM   622  N N   . ARG A 1 110 ? -7.596  0.069   -8.220  1.00 84.63  ? 110  ARG B N   1 
ATOM   623  C CA  . ARG A 1 110 ? -6.825  1.301   -8.280  1.00 84.63  ? 110  ARG B CA  1 
ATOM   624  C C   . ARG A 1 110 ? -6.390  1.700   -6.877  1.00 84.63  ? 110  ARG B C   1 
ATOM   625  O O   . ARG A 1 110 ? -7.149  1.543   -5.915  1.00 84.63  ? 110  ARG B O   1 
ATOM   626  C CB  . ARG A 1 110 ? -7.650  2.422   -8.916  1.00 84.63  ? 110  ARG B CB  1 
ATOM   627  C CG  . ARG A 1 110 ? -6.836  3.547   -9.526  1.00 84.63  ? 110  ARG B CG  1 
ATOM   628  C CD  . ARG A 1 110 ? -7.750  4.566   -10.185 1.00 84.63  ? 110  ARG B CD  1 
ATOM   629  N NE  . ARG A 1 110 ? -7.223  5.922   -10.091 1.00 84.63  ? 110  ARG B NE  1 
ATOM   630  C CZ  . ARG A 1 110 ? -6.980  6.704   -11.133 1.00 84.63  ? 110  ARG B CZ  1 
ATOM   631  N NH1 . ARG A 1 110 ? -7.205  6.297   -12.371 1.00 84.63  ? 110  ARG B NH1 1 
ATOM   632  N NH2 . ARG A 1 110 ? -6.498  7.926   -10.927 1.00 84.63  ? 110  ARG B NH2 1 
ATOM   633  N N   . ILE A 1 111 ? -5.168  2.214   -6.764  1.00 82.42  ? 111  ILE B N   1 
ATOM   634  C CA  . ILE A 1 111 ? -4.623  2.639   -5.476  1.00 82.42  ? 111  ILE B CA  1 
ATOM   635  C C   . ILE A 1 111 ? -5.407  3.851   -4.988  1.00 82.42  ? 111  ILE B C   1 
ATOM   636  O O   . ILE A 1 111 ? -5.448  4.880   -5.677  1.00 82.42  ? 111  ILE B O   1 
ATOM   637  C CB  . ILE A 1 111 ? -3.125  2.959   -5.582  1.00 82.42  ? 111  ILE B CB  1 
ATOM   638  C CG1 . ILE A 1 111 ? -2.325  1.685   -5.857  1.00 82.42  ? 111  ILE B CG1 1 
ATOM   639  C CG2 . ILE A 1 111 ? -2.639  3.634   -4.312  1.00 82.42  ? 111  ILE B CG2 1 
ATOM   640  C CD1 . ILE A 1 111 ? -0.828  1.876   -5.774  1.00 82.42  ? 111  ILE B CD1 1 
ATOM   641  N N   . PRO A 1 112 ? -6.036  3.780   -3.820  1.00 84.54  ? 112  PRO B N   1 
ATOM   642  C CA  . PRO A 1 112 ? -6.880  4.888   -3.367  1.00 84.54  ? 112  PRO B CA  1 
ATOM   643  C C   . PRO A 1 112 ? -6.064  6.117   -2.996  1.00 84.54  ? 112  PRO B C   1 
ATOM   644  O O   . PRO A 1 112 ? -4.876  6.044   -2.672  1.00 84.54  ? 112  PRO B O   1 
ATOM   645  C CB  . PRO A 1 112 ? -7.596  4.311   -2.141  1.00 84.54  ? 112  PRO B CB  1 
ATOM   646  C CG  . PRO A 1 112 ? -7.480  2.827   -2.288  1.00 84.54  ? 112  PRO B CG  1 
ATOM   647  C CD  . PRO A 1 112 ? -6.156  2.607   -2.943  1.00 84.54  ? 112  PRO B CD  1 
ATOM   648  N N   . PHE A 1 113 ? -6.734  7.271   -3.059  1.00 91.33  ? 113  PHE B N   1 
ATOM   649  C CA  . PHE A 1 113 ? -6.122  8.527   -2.644  1.00 91.33  ? 113  PHE B CA  1 
ATOM   650  C C   . PHE A 1 113 ? -6.055  8.654   -1.126  1.00 91.33  ? 113  PHE B C   1 
ATOM   651  O O   . PHE A 1 113 ? -5.190  9.366   -0.603  1.00 91.33  ? 113  PHE B O   1 
ATOM   652  C CB  . PHE A 1 113 ? -6.898  9.709   -3.227  1.00 91.33  ? 113  PHE B CB  1 
ATOM   653  C CG  . PHE A 1 113 ? -6.377  10.186  -4.554  1.00 91.33  ? 113  PHE B CG  1 
ATOM   654  C CD1 . PHE A 1 113 ? -5.747  9.312   -5.424  1.00 91.33  ? 113  PHE B CD1 1 
ATOM   655  C CD2 . PHE A 1 113 ? -6.520  11.511  -4.931  1.00 91.33  ? 113  PHE B CD2 1 
ATOM   656  C CE1 . PHE A 1 113 ? -5.268  9.752   -6.646  1.00 91.33  ? 113  PHE B CE1 1 
ATOM   657  C CE2 . PHE A 1 113 ? -6.043  11.955  -6.151  1.00 91.33  ? 113  PHE B CE2 1 
ATOM   658  C CZ  . PHE A 1 113 ? -5.416  11.074  -7.008  1.00 91.33  ? 113  PHE B CZ  1 
ATOM   659  N N   . GLU A 1 114 ? -6.943  7.962   -0.410  1.00 93.79  ? 114  GLU B N   1 
ATOM   660  C CA  . GLU A 1 114 ? -7.022  8.109   1.038   1.00 93.79  ? 114  GLU B CA  1 
ATOM   661  C C   . GLU A 1 114 ? -5.749  7.658   1.739   1.00 93.79  ? 114  GLU B C   1 
ATOM   662  O O   . GLU A 1 114 ? -5.546  8.000   2.910   1.00 93.79  ? 114  GLU B O   1 
ATOM   663  C CB  . GLU A 1 114 ? -8.223  7.332   1.581   1.00 93.79  ? 114  GLU B CB  1 
ATOM   664  C CG  . GLU A 1 114 ? -9.566  7.962   1.247   1.00 93.79  ? 114  GLU B CG  1 
ATOM   665  C CD  . GLU A 1 114 ? -10.067 7.580   -0.133  1.00 93.79  ? 114  GLU B CD  1 
ATOM   666  O OE1 . GLU A 1 114 ? -9.413  6.748   -0.797  1.00 93.79  ? 114  GLU B OE1 1 
ATOM   667  O OE2 . GLU A 1 114 ? -11.116 8.113   -0.554  1.00 93.79  ? 114  GLU B OE2 1 
ATOM   668  N N   . LEU A 1 115 ? -4.879  6.919   1.046   1.00 88.10  ? 115  LEU B N   1 
ATOM   669  C CA  . LEU A 1 115 ? -3.589  6.566   1.623   1.00 88.10  ? 115  LEU B CA  1 
ATOM   670  C C   . LEU A 1 115 ? -2.779  7.799   1.992   1.00 88.10  ? 115  LEU B C   1 
ATOM   671  O O   . LEU A 1 115 ? -1.875  7.705   2.828   1.00 88.10  ? 115  LEU B O   1 
ATOM   672  C CB  . LEU A 1 115 ? -2.788  5.694   0.656   1.00 88.10  ? 115  LEU B CB  1 
ATOM   673  C CG  . LEU A 1 115 ? -3.274  4.262   0.446   1.00 88.10  ? 115  LEU B CG  1 
ATOM   674  C CD1 . LEU A 1 115 ? -2.309  3.497   -0.443  1.00 88.10  ? 115  LEU B CD1 1 
ATOM   675  C CD2 . LEU A 1 115 ? -3.435  3.565   1.779   1.00 88.10  ? 115  LEU B CD2 1 
ATOM   676  N N   . GLY A 1 116 ? -3.083  8.949   1.391   1.00 90.97  ? 116  GLY B N   1 
ATOM   677  C CA  . GLY A 1 116 ? -2.407  10.176  1.764   1.00 90.97  ? 116  GLY B CA  1 
ATOM   678  C C   . GLY A 1 116 ? -2.663  10.607  3.193   1.00 90.97  ? 116  GLY B C   1 
ATOM   679  O O   . GLY A 1 116 ? -1.895  11.411  3.733   1.00 90.97  ? 116  GLY B O   1 
ATOM   680  N N   . ASN A 1 117 ? -3.721  10.095  3.821   1.00 91.00  ? 117  ASN B N   1 
ATOM   681  C CA  . ASN A 1 117 ? -4.029  10.481  5.191   1.00 91.00  ? 117  ASN B CA  1 
ATOM   682  C C   . ASN A 1 117 ? -3.317  9.629   6.234   1.00 91.00  ? 117  ASN B C   1 
ATOM   683  O O   . ASN A 1 117 ? -3.504  9.866   7.432   1.00 91.00  ? 117  ASN B O   1 
ATOM   684  C CB  . ASN A 1 117 ? -5.539  10.421  5.435   1.00 91.00  ? 117  ASN B CB  1 
ATOM   685  C CG  . ASN A 1 117 ? -6.312  11.357  4.531   1.00 91.00  ? 117  ASN B CG  1 
ATOM   686  O OD1 . ASN A 1 117 ? -5.754  12.301  3.972   1.00 91.00  ? 117  ASN B OD1 1 
ATOM   687  N ND2 . ASN A 1 117 ? -7.610  11.101  4.388   1.00 91.00  ? 117  ASN B ND2 1 
ATOM   688  N N   . LEU A 1 118 ? -2.510  8.654   5.820   1.00 87.70  ? 118  LEU B N   1 
ATOM   689  C CA  . LEU A 1 118 ? -1.768  7.810   6.756   1.00 87.70  ? 118  LEU B CA  1 
ATOM   690  C C   . LEU A 1 118 ? -0.474  8.523   7.125   1.00 87.70  ? 118  LEU B C   1 
ATOM   691  O O   . LEU A 1 118 ? 0.585   8.284   6.544   1.00 87.70  ? 118  LEU B O   1 
ATOM   692  C CB  . LEU A 1 118 ? -1.494  6.435   6.158   1.00 87.70  ? 118  LEU B CB  1 
ATOM   693  C CG  . LEU A 1 118 ? -2.644  5.425   6.136   1.00 87.70  ? 118  LEU B CG  1 
ATOM   694  C CD1 . LEU A 1 118 ? -3.691  5.812   5.121   1.00 87.70  ? 118  LEU B CD1 1 
ATOM   695  C CD2 . LEU A 1 118 ? -2.126  4.029   5.853   1.00 87.70  ? 118  LEU B CD2 1 
ATOM   696  N N   . THR A 1 119 ? -0.562  9.407   8.119   1.00 80.59  ? 119  THR B N   1 
ATOM   697  C CA  . THR A 1 119 ? 0.571   10.239  8.500   1.00 80.59  ? 119  THR B CA  1 
ATOM   698  C C   . THR A 1 119 ? 1.700   9.457   9.161   1.00 80.59  ? 119  THR B C   1 
ATOM   699  O O   . THR A 1 119 ? 2.776   10.026  9.368   1.00 80.59  ? 119  THR B O   1 
ATOM   700  C CB  . THR A 1 119 ? 0.112   11.352  9.442   1.00 80.59  ? 119  THR B CB  1 
ATOM   701  O OG1 . THR A 1 119 ? -0.070  10.820  10.760  1.00 80.59  ? 119  THR B OG1 1 
ATOM   702  C CG2 . THR A 1 119 ? -1.199  11.951  8.960   1.00 80.59  ? 119  THR B CG2 1 
ATOM   703  N N   . ASN A 1 120 ? 1.491   8.183   9.493   1.00 75.56  ? 120  ASN B N   1 
ATOM   704  C CA  . ASN A 1 120 ? 2.482   7.409   10.233  1.00 75.56  ? 120  ASN B CA  1 
ATOM   705  C C   . ASN A 1 120 ? 2.889   6.129   9.511   1.00 75.56  ? 120  ASN B C   1 
ATOM   706  O O   . ASN A 1 120 ? 3.430   5.217   10.141  1.00 75.56  ? 120  ASN B O   1 
ATOM   707  C CB  . ASN A 1 120 ? 1.958   7.075   11.629  1.00 75.56  ? 120  ASN B CB  1 
ATOM   708  C CG  . ASN A 1 120 ? 1.878   8.289   12.526  1.00 75.56  ? 120  ASN B CG  1 
ATOM   709  O OD1 . ASN A 1 120 ? 2.888   8.755   13.052  1.00 75.56  ? 120  ASN B OD1 1 
ATOM   710  N ND2 . ASN A 1 120 ? 0.671   8.806   12.713  1.00 75.56  ? 120  ASN B ND2 1 
ATOM   711  N N   . LEU A 1 121 ? 2.648   6.037   8.207   1.00 71.41  ? 121  LEU B N   1 
ATOM   712  C CA  . LEU A 1 121 ? 3.007   4.833   7.471   1.00 71.41  ? 121  LEU B CA  1 
ATOM   713  C C   . LEU A 1 121 ? 4.522   4.689   7.384   1.00 71.41  ? 121  LEU B C   1 
ATOM   714  O O   . LEU A 1 121 ? 5.264   5.674   7.360   1.00 71.41  ? 121  LEU B O   1 
ATOM   715  C CB  . LEU A 1 121 ? 2.394   4.859   6.071   1.00 71.41  ? 121  LEU B CB  1 
ATOM   716  C CG  . LEU A 1 121 ? 2.418   3.566   5.254   1.00 71.41  ? 121  LEU B CG  1 
ATOM   717  C CD1 . LEU A 1 121 ? 1.157   3.458   4.423   1.00 71.41  ? 121  LEU B CD1 1 
ATOM   718  C CD2 . LEU A 1 121 ? 3.640   3.508   4.352   1.00 71.41  ? 121  LEU B CD2 1 
ATOM   719  N N   . VAL A 1 122 ? 4.980   3.441   7.341   1.00 69.06  ? 122  VAL B N   1 
ATOM   720  C CA  . VAL A 1 122 ? 6.407   3.151   7.295   1.00 69.06  ? 122  VAL B CA  1 
ATOM   721  C C   . VAL A 1 122 ? 6.740   2.385   6.023   1.00 69.06  ? 122  VAL B C   1 
ATOM   722  O O   . VAL A 1 122 ? 7.553   2.836   5.208   1.00 69.06  ? 122  VAL B O   1 
ATOM   723  C CB  . VAL A 1 122 ? 6.856   2.369   8.540   1.00 69.06  ? 122  VAL B CB  1 
ATOM   724  C CG1 . VAL A 1 122 ? 8.323   1.998   8.429   1.00 69.06  ? 122  VAL B CG1 1 
ATOM   725  C CG2 . VAL A 1 122 ? 6.602   3.185   9.798   1.00 69.06  ? 122  VAL B CG2 1 
ATOM   726  N N   . SER A 1 123 ? 6.123   1.220   5.841   1.00 65.72  ? 123  SER B N   1 
ATOM   727  C CA  . SER A 1 123 ? 6.375   0.367   4.687   1.00 65.72  ? 123  SER B CA  1 
ATOM   728  C C   . SER A 1 123 ? 5.060   0.066   3.987   1.00 65.72  ? 123  SER B C   1 
ATOM   729  O O   . SER A 1 123 ? 4.136   -0.475  4.602   1.00 65.72  ? 123  SER B O   1 
ATOM   730  C CB  . SER A 1 123 ? 7.065   -0.931  5.106   1.00 65.72  ? 123  SER B CB  1 
ATOM   731  O OG  . SER A 1 123 ? 7.282   -1.775  3.989   1.00 65.72  ? 123  SER B OG  1 
ATOM   732  N N   . LEU A 1 124 ? 4.978   0.415   2.708   1.00 64.57  ? 124  LEU B N   1 
ATOM   733  C CA  . LEU A 1 124 ? 3.824   0.110   1.869   1.00 64.57  ? 124  LEU B CA  1 
ATOM   734  C C   . LEU A 1 124 ? 4.302   -0.839  0.778   1.00 64.57  ? 124  LEU B C   1 
ATOM   735  O O   . LEU A 1 124 ? 4.953   -0.420  -0.183  1.00 64.57  ? 124  LEU B O   1 
ATOM   736  C CB  . LEU A 1 124 ? 3.213   1.379   1.285   1.00 64.57  ? 124  LEU B CB  1 
ATOM   737  C CG  . LEU A 1 124 ? 2.182   1.181   0.175   1.00 64.57  ? 124  LEU B CG  1 
ATOM   738  C CD1 . LEU A 1 124 ? 0.900   0.602   0.735   1.00 64.57  ? 124  LEU B CD1 1 
ATOM   739  C CD2 . LEU A 1 124 ? 1.909   2.487   -0.540  1.00 64.57  ? 124  LEU B CD2 1 
ATOM   740  N N   . ASP A 1 125 ? 3.984   -2.120  0.932   1.00 67.29  ? 125  ASP B N   1 
ATOM   741  C CA  . ASP A 1 125 ? 4.437   -3.162  0.019   1.00 67.29  ? 125  ASP B CA  1 
ATOM   742  C C   . ASP A 1 125 ? 3.235   -3.694  -0.751  1.00 67.29  ? 125  ASP B C   1 
ATOM   743  O O   . ASP A 1 125 ? 2.338   -4.311  -0.167  1.00 67.29  ? 125  ASP B O   1 
ATOM   744  C CB  . ASP A 1 125 ? 5.141   -4.282  0.781   1.00 67.29  ? 125  ASP B CB  1 
ATOM   745  C CG  . ASP A 1 125 ? 6.487   -3.854  1.329   1.00 67.29  ? 125  ASP B CG  1 
ATOM   746  O OD1 . ASP A 1 125 ? 6.863   -2.679  1.138   1.00 67.29  ? 125  ASP B OD1 1 
ATOM   747  O OD2 . ASP A 1 125 ? 7.172   -4.696  1.950   1.00 67.29  ? 125  ASP B OD2 1 
ATOM   748  N N   . LEU A 1 126 ? 3.219   -3.452  -2.062  1.00 65.06  ? 126  LEU B N   1 
ATOM   749  C CA  . LEU A 1 126 ? 2.199   -3.996  -2.961  1.00 65.06  ? 126  LEU B CA  1 
ATOM   750  C C   . LEU A 1 126 ? 2.926   -4.463  -4.221  1.00 65.06  ? 126  LEU B C   1 
ATOM   751  O O   . LEU A 1 126 ? 3.086   -3.700  -5.176  1.00 65.06  ? 126  LEU B O   1 
ATOM   752  C CB  . LEU A 1 126 ? 1.125   -2.965  -3.280  1.00 65.06  ? 126  LEU B CB  1 
ATOM   753  C CG  . LEU A 1 126 ? 0.483   -2.195  -2.127  1.00 65.06  ? 126  LEU B CG  1 
ATOM   754  C CD1 . LEU A 1 126 ? -0.150  -0.917  -2.642  1.00 65.06  ? 126  LEU B CD1 1 
ATOM   755  C CD2 . LEU A 1 126 ? -0.548  -3.052  -1.423  1.00 65.06  ? 126  LEU B CD2 1 
ATOM   756  N N   . TYR A 1 127 ? 3.362   -5.720  -4.218  1.00 67.49  ? 127  TYR B N   1 
ATOM   757  C CA  . TYR A 1 127 ? 4.086   -6.291  -5.342  1.00 67.49  ? 127  TYR B CA  1 
ATOM   758  C C   . TYR A 1 127 ? 3.562   -7.685  -5.655  1.00 67.49  ? 127  TYR B C   1 
ATOM   759  O O   . TYR A 1 127 ? 3.061   -8.391  -4.776  1.00 67.49  ? 127  TYR B O   1 
ATOM   760  C CB  . TYR A 1 127 ? 5.603   -6.289  -5.072  1.00 67.49  ? 127  TYR B CB  1 
ATOM   761  C CG  . TYR A 1 127 ? 6.070   -7.126  -3.903  1.00 67.49  ? 127  TYR B CG  1 
ATOM   762  C CD1 . TYR A 1 127 ? 6.152   -6.577  -2.632  1.00 67.49  ? 127  TYR B CD1 1 
ATOM   763  C CD2 . TYR A 1 127 ? 6.471   -8.441  -4.068  1.00 67.49  ? 127  TYR B CD2 1 
ATOM   764  C CE1 . TYR A 1 127 ? 6.590   -7.321  -1.557  1.00 67.49  ? 127  TYR B CE1 1 
ATOM   765  C CE2 . TYR A 1 127 ? 6.913   -9.194  -2.997  1.00 67.49  ? 127  TYR B CE2 1 
ATOM   766  C CZ  . TYR A 1 127 ? 6.971   -8.626  -1.746  1.00 67.49  ? 127  TYR B CZ  1 
ATOM   767  O OH  . TYR A 1 127 ? 7.409   -9.368  -0.675  1.00 67.49  ? 127  TYR B OH  1 
ATOM   768  N N   . LEU A 1 128 ? 3.675   -8.061  -6.932  1.00 72.10  ? 128  LEU B N   1 
ATOM   769  C CA  . LEU A 1 128 ? 3.019   -9.246  -7.490  1.00 72.10  ? 128  LEU B CA  1 
ATOM   770  C C   . LEU A 1 128 ? 1.502   -9.177  -7.341  1.00 72.10  ? 128  LEU B C   1 
ATOM   771  O O   . LEU A 1 128 ? 0.832   -10.205 -7.217  1.00 72.10  ? 128  LEU B O   1 
ATOM   772  C CB  . LEU A 1 128 ? 3.560   -10.547 -6.886  1.00 72.10  ? 128  LEU B CB  1 
ATOM   773  C CG  . LEU A 1 128 ? 4.911   -11.063 -7.395  1.00 72.10  ? 128  LEU B CG  1 
ATOM   774  C CD1 . LEU A 1 128 ? 6.069   -10.214 -6.918  1.00 72.10  ? 128  LEU B CD1 1 
ATOM   775  C CD2 . LEU A 1 128 ? 5.116   -12.517 -6.992  1.00 72.10  ? 128  LEU B CD2 1 
ATOM   776  N N   . ASN A 1 129 ? 0.950   -7.971  -7.353  1.00 73.73  ? 129  ASN B N   1 
ATOM   777  C CA  . ASN A 1 129 ? -0.485  -7.745  -7.429  1.00 73.73  ? 129  ASN B CA  1 
ATOM   778  C C   . ASN A 1 129 ? -0.849  -7.321  -8.847  1.00 73.73  ? 129  ASN B C   1 
ATOM   779  O O   . ASN A 1 129 ? 0.003   -7.247  -9.736  1.00 73.73  ? 129  ASN B O   1 
ATOM   780  C CB  . ASN A 1 129 ? -0.922  -6.692  -6.409  1.00 73.73  ? 129  ASN B CB  1 
ATOM   781  C CG  . ASN A 1 129 ? -1.009  -7.244  -5.004  1.00 73.73  ? 129  ASN B CG  1 
ATOM   782  O OD1 . ASN A 1 129 ? 0.005   -7.410  -4.329  1.00 73.73  ? 129  ASN B OD1 1 
ATOM   783  N ND2 . ASN A 1 129 ? -2.225  -7.534  -4.555  1.00 73.73  ? 129  ASN B ND2 1 
ATOM   784  N N   . ARG A 1 130 ? -2.136  -7.045  -9.065  1.00 78.09  ? 130  ARG B N   1 
ATOM   785  C CA  . ARG A 1 130 ? -2.631  -6.578  -10.363 1.00 78.09  ? 130  ARG B CA  1 
ATOM   786  C C   . ARG A 1 130 ? -3.478  -5.332  -10.125 1.00 78.09  ? 130  ARG B C   1 
ATOM   787  O O   . ARG A 1 130 ? -4.704  -5.406  -10.057 1.00 78.09  ? 130  ARG B O   1 
ATOM   788  C CB  . ARG A 1 130 ? -3.426  -7.674  -11.068 1.00 78.09  ? 130  ARG B CB  1 
ATOM   789  C CG  . ARG A 1 130 ? -2.757  -9.040  -11.049 1.00 78.09  ? 130  ARG B CG  1 
ATOM   790  C CD  . ARG A 1 130 ? -2.898  -9.760  -12.383 1.00 78.09  ? 130  ARG B CD  1 
ATOM   791  N NE  . ARG A 1 130 ? -4.213  -9.569  -12.983 1.00 78.09  ? 130  ARG B NE  1 
ATOM   792  C CZ  . ARG A 1 130 ? -5.340  -10.086 -12.510 1.00 78.09  ? 130  ARG B CZ  1 
ATOM   793  N NH1 . ARG A 1 130 ? -5.352  -10.851 -11.431 1.00 78.09  ? 130  ARG B NH1 1 
ATOM   794  N NH2 . ARG A 1 130 ? -6.482  -9.831  -13.139 1.00 78.09  ? 130  ARG B NH2 1 
ATOM   795  N N   . LEU A 1 131 ? -2.824  -4.179  -10.029 1.00 85.22  ? 131  LEU B N   1 
ATOM   796  C CA  . LEU A 1 131 ? -3.498  -2.916  -9.763  1.00 85.22  ? 131  LEU B CA  1 
ATOM   797  C C   . LEU A 1 131 ? -3.233  -1.955  -10.910 1.00 85.22  ? 131  LEU B C   1 
ATOM   798  O O   . LEU A 1 131 ? -2.083  -1.790  -11.330 1.00 85.22  ? 131  LEU B O   1 
ATOM   799  C CB  . LEU A 1 131 ? -3.028  -2.307  -8.439  1.00 85.22  ? 131  LEU B CB  1 
ATOM   800  C CG  . LEU A 1 131 ? -3.429  -3.038  -7.157  1.00 85.22  ? 131  LEU B CG  1 
ATOM   801  C CD1 . LEU A 1 131 ? -2.508  -2.649  -6.010  1.00 85.22  ? 131  LEU B CD1 1 
ATOM   802  C CD2 . LEU A 1 131 ? -4.879  -2.747  -6.804  1.00 85.22  ? 131  LEU B CD2 1 
ATOM   803  N N   . ASN A 1 132 ? -4.289  -1.322  -11.408 1.00 85.71  ? 132  ASN B N   1 
ATOM   804  C CA  . ASN A 1 132 ? -4.197  -0.399  -12.528 1.00 85.71  ? 132  ASN B CA  1 
ATOM   805  C C   . ASN A 1 132 ? -4.371  1.041   -12.060 1.00 85.71  ? 132  ASN B C   1 
ATOM   806  O O   . ASN A 1 132 ? -4.868  1.313   -10.965 1.00 85.71  ? 132  ASN B O   1 
ATOM   807  C CB  . ASN A 1 132 ? -5.221  -0.760  -13.615 1.00 85.71  ? 132  ASN B CB  1 
ATOM   808  C CG  . ASN A 1 132 ? -6.664  -0.632  -13.147 1.00 85.71  ? 132  ASN B CG  1 
ATOM   809  O OD1 . ASN A 1 132 ? -6.945  -0.161  -12.047 1.00 85.71  ? 132  ASN B OD1 1 
ATOM   810  N ND2 . ASN A 1 132 ? -7.592  -1.058  -13.996 1.00 85.71  ? 132  ASN B ND2 1 
ATOM   811  N N   . GLY A 1 133 ? -3.939  1.968   -12.909 1.00 84.87  ? 133  GLY B N   1 
ATOM   812  C CA  . GLY A 1 133 ? -4.034  3.375   -12.610 1.00 84.87  ? 133  GLY B CA  1 
ATOM   813  C C   . GLY A 1 133 ? -2.674  4.019   -12.454 1.00 84.87  ? 133  GLY B C   1 
ATOM   814  O O   . GLY A 1 133 ? -1.639  3.409   -12.729 1.00 84.87  ? 133  GLY B O   1 
ATOM   815  N N   . PRO A 1 134 ? -2.648  5.281   -12.038 1.00 86.26  ? 134  PRO B N   1 
ATOM   816  C CA  . PRO A 1 134 ? -1.367  5.937   -11.766 1.00 86.26  ? 134  PRO B CA  1 
ATOM   817  C C   . PRO A 1 134 ? -0.977  5.853   -10.301 1.00 86.26  ? 134  PRO B C   1 
ATOM   818  O O   . PRO A 1 134 ? -1.792  5.469   -9.456  1.00 86.26  ? 134  PRO B O   1 
ATOM   819  C CB  . PRO A 1 134 ? -1.630  7.383   -12.194 1.00 86.26  ? 134  PRO B CB  1 
ATOM   820  C CG  . PRO A 1 134 ? -3.096  7.581   -11.899 1.00 86.26  ? 134  PRO B CG  1 
ATOM   821  C CD  . PRO A 1 134 ? -3.774  6.222   -11.932 1.00 86.26  ? 134  PRO B CD  1 
ATOM   822  N N   . ILE A 1 135 ? 0.265   6.207   -9.987  1.00 86.77  ? 135  ILE B N   1 
ATOM   823  C CA  . ILE A 1 135 ? 0.698   6.330   -8.598  1.00 86.77  ? 135  ILE B CA  1 
ATOM   824  C C   . ILE A 1 135 ? 0.307   7.723   -8.123  1.00 86.77  ? 135  ILE B C   1 
ATOM   825  O O   . ILE A 1 135 ? 0.793   8.719   -8.676  1.00 86.77  ? 135  ILE B O   1 
ATOM   826  C CB  . ILE A 1 135 ? 2.207   6.095   -8.452  1.00 86.77  ? 135  ILE B CB  1 
ATOM   827  C CG1 . ILE A 1 135 ? 2.643   4.878   -9.266  1.00 86.77  ? 135  ILE B CG1 1 
ATOM   828  C CG2 . ILE A 1 135 ? 2.574   5.921   -6.994  1.00 86.77  ? 135  ILE B CG2 1 
ATOM   829  C CD1 . ILE A 1 135 ? 4.134   4.803   -9.490  1.00 86.77  ? 135  ILE B CD1 1 
ATOM   830  N N   . PRO A 1 136 ? -0.568  7.845   -7.128  1.00 90.57  ? 136  PRO B N   1 
ATOM   831  C CA  . PRO A 1 136 ? -1.035  9.175   -6.721  1.00 90.57  ? 136  PRO B CA  1 
ATOM   832  C C   . PRO A 1 136 ? 0.104   10.043  -6.212  1.00 90.57  ? 136  PRO B C   1 
ATOM   833  O O   . PRO A 1 136 ? 1.028   9.566   -5.551  1.00 90.57  ? 136  PRO B O   1 
ATOM   834  C CB  . PRO A 1 136 ? -2.049  8.870   -5.612  1.00 90.57  ? 136  PRO B CB  1 
ATOM   835  C CG  . PRO A 1 136 ? -2.464  7.455   -5.851  1.00 90.57  ? 136  PRO B CG  1 
ATOM   836  C CD  . PRO A 1 136 ? -1.248  6.769   -6.391  1.00 90.57  ? 136  PRO B CD  1 
ATOM   837  N N   . ASP A 1 137 ? 0.031   11.334  -6.537  1.00 96.97  ? 137  ASP B N   1 
ATOM   838  C CA  . ASP A 1 137 ? 1.005   12.281  -6.009  1.00 96.97  ? 137  ASP B CA  1 
ATOM   839  C C   . ASP A 1 137 ? 0.865   12.431  -4.502  1.00 96.97  ? 137  ASP B C   1 
ATOM   840  O O   . ASP A 1 137 ? 1.866   12.622  -3.801  1.00 96.97  ? 137  ASP B O   1 
ATOM   841  C CB  . ASP A 1 137 ? 0.845   13.639  -6.693  1.00 96.97  ? 137  ASP B CB  1 
ATOM   842  C CG  . ASP A 1 137 ? 0.940   13.548  -8.204  1.00 96.97  ? 137  ASP B CG  1 
ATOM   843  O OD1 . ASP A 1 137 ? 1.611   12.623  -8.706  1.00 96.97  ? 137  ASP B OD1 1 
ATOM   844  O OD2 . ASP A 1 137 ? 0.343   14.405  -8.890  1.00 96.97  ? 137  ASP B OD2 1 
ATOM   845  N N   . THR A 1 138 ? -0.364  12.327  -3.987  1.00 94.56  ? 138  THR B N   1 
ATOM   846  C CA  . THR A 1 138 ? -0.598  12.462  -2.556  1.00 94.56  ? 138  THR B CA  1 
ATOM   847  C C   . THR A 1 138 ? 0.103   11.378  -1.753  1.00 94.56  ? 138  THR B C   1 
ATOM   848  O O   . THR A 1 138 ? 0.253   11.523  -0.534  1.00 94.56  ? 138  THR B O   1 
ATOM   849  C CB  . THR A 1 138 ? -2.098  12.432  -2.265  1.00 94.56  ? 138  THR B CB  1 
ATOM   850  O OG1 . THR A 1 138 ? -2.321  12.654  -0.867  1.00 94.56  ? 138  THR B OG1 1 
ATOM   851  C CG2 . THR A 1 138 ? -2.689  11.092  -2.661  1.00 94.56  ? 138  THR B CG2 1 
ATOM   852  N N   . LEU A 1 139 ? 0.528   10.293  -2.405  1.00 94.27  ? 139  LEU B N   1 
ATOM   853  C CA  . LEU A 1 139 ? 1.310   9.274   -1.717  1.00 94.27  ? 139  LEU B CA  1 
ATOM   854  C C   . LEU A 1 139 ? 2.620   9.844   -1.189  1.00 94.27  ? 139  LEU B C   1 
ATOM   855  O O   . LEU A 1 139 ? 3.143   9.365   -0.176  1.00 94.27  ? 139  LEU B O   1 
ATOM   856  C CB  . LEU A 1 139 ? 1.569   8.096   -2.656  1.00 94.27  ? 139  LEU B CB  1 
ATOM   857  C CG  . LEU A 1 139 ? 2.569   7.032   -2.213  1.00 94.27  ? 139  LEU B CG  1 
ATOM   858  C CD1 . LEU A 1 139 ? 1.927   6.090   -1.213  1.00 94.27  ? 139  LEU B CD1 1 
ATOM   859  C CD2 . LEU A 1 139 ? 3.083   6.267   -3.416  1.00 94.27  ? 139  LEU B CD2 1 
ATOM   860  N N   . GLY A 1 140 ? 3.155   10.872  -1.845  1.00 92.61  ? 140  GLY B N   1 
ATOM   861  C CA  . GLY A 1 140 ? 4.336   11.533  -1.326  1.00 92.61  ? 140  GLY B CA  1 
ATOM   862  C C   . GLY A 1 140 ? 4.081   12.397  -0.111  1.00 92.61  ? 140  GLY B C   1 
ATOM   863  O O   . GLY A 1 140 ? 5.043   12.835  0.529   1.00 92.61  ? 140  GLY B O   1 
ATOM   864  N N   . LYS A 1 141 ? 2.812   12.658  0.215   1.00 94.79  ? 141  LYS B N   1 
ATOM   865  C CA  . LYS A 1 141 ? 2.492   13.446  1.399   1.00 94.79  ? 141  LYS B CA  1 
ATOM   866  C C   . LYS A 1 141 ? 2.945   12.750  2.675   1.00 94.79  ? 141  LYS B C   1 
ATOM   867  O O   . LYS A 1 141 ? 3.221   13.413  3.680   1.00 94.79  ? 141  LYS B O   1 
ATOM   868  C CB  . LYS A 1 141 ? 0.990   13.724  1.447   1.00 94.79  ? 141  LYS B CB  1 
ATOM   869  C CG  . LYS A 1 141 ? 0.575   14.764  2.471   1.00 94.79  ? 141  LYS B CG  1 
ATOM   870  C CD  . LYS A 1 141 ? -0.934  14.922  2.508   1.00 94.79  ? 141  LYS B CD  1 
ATOM   871  C CE  . LYS A 1 141 ? -1.494  15.188  1.121   1.00 94.79  ? 141  LYS B CE  1 
ATOM   872  N NZ  . LYS A 1 141 ? -2.972  15.356  1.143   1.00 94.79  ? 141  LYS B NZ  1 
ATOM   873  N N   . LEU A 1 142 ? 3.029   11.422  2.654   1.00 91.74  ? 142  LEU B N   1 
ATOM   874  C CA  . LEU A 1 142 ? 3.515   10.665  3.802   1.00 91.74  ? 142  LEU B CA  1 
ATOM   875  C C   . LEU A 1 142 ? 4.996   10.961  3.982   1.00 91.74  ? 142  LEU B C   1 
ATOM   876  O O   . LEU A 1 142 ? 5.811   10.613  3.125   1.00 91.74  ? 142  LEU B O   1 
ATOM   877  C CB  . LEU A 1 142 ? 3.276   9.174   3.591   1.00 91.74  ? 142  LEU B CB  1 
ATOM   878  C CG  . LEU A 1 142 ? 1.983   8.775   2.874   1.00 91.74  ? 142  LEU B CG  1 
ATOM   879  C CD1 . LEU A 1 142 ? 1.883   7.261   2.757   1.00 91.74  ? 142  LEU B CD1 1 
ATOM   880  C CD2 . LEU A 1 142 ? 0.762   9.343   3.578   1.00 91.74  ? 142  LEU B CD2 1 
ATOM   881  N N   . GLN A 1 143 ? 5.351   11.611  5.083   1.00 88.76  ? 143  GLN B N   1 
ATOM   882  C CA  . GLN A 1 143 ? 6.699   12.125  5.267   1.00 88.76  ? 143  GLN B CA  1 
ATOM   883  C C   . GLN A 1 143 ? 7.609   11.159  6.022   1.00 88.76  ? 143  GLN B C   1 
ATOM   884  O O   . GLN A 1 143 ? 8.825   11.372  6.055   1.00 88.76  ? 143  GLN B O   1 
ATOM   885  C CB  . GLN A 1 143 ? 6.630   13.476  5.997   1.00 88.76  ? 143  GLN B CB  1 
ATOM   886  C CG  . GLN A 1 143 ? 7.952   14.213  6.152   1.00 88.76  ? 143  GLN B CG  1 
ATOM   887  C CD  . GLN A 1 143 ? 8.572   14.577  4.818   1.00 88.76  ? 143  GLN B CD  1 
ATOM   888  O OE1 . GLN A 1 143 ? 9.535   13.952  4.377   1.00 88.76  ? 143  GLN B OE1 1 
ATOM   889  N NE2 . GLN A 1 143 ? 8.018   15.593  4.165   1.00 88.76  ? 143  GLN B NE2 1 
ATOM   890  N N   . LYS A 1 144 ? 7.065   10.081  6.588   1.00 78.82  ? 144  LYS B N   1 
ATOM   891  C CA  . LYS A 1 144 ? 7.825   9.249   7.512   1.00 78.82  ? 144  LYS B CA  1 
ATOM   892  C C   . LYS A 1 144 ? 8.010   7.810   7.045   1.00 78.82  ? 144  LYS B C   1 
ATOM   893  O O   . LYS A 1 144 ? 8.225   6.930   7.885   1.00 78.82  ? 144  LYS B O   1 
ATOM   894  C CB  . LYS A 1 144 ? 7.155   9.248   8.891   1.00 78.82  ? 144  LYS B CB  1 
ATOM   895  C CG  . LYS A 1 144 ? 7.795   10.179  9.903   1.00 78.82  ? 144  LYS B CG  1 
ATOM   896  C CD  . LYS A 1 144 ? 7.340   9.846   11.312  1.00 78.82  ? 144  LYS B CD  1 
ATOM   897  C CE  . LYS A 1 144 ? 5.828   9.940   11.435  1.00 78.82  ? 144  LYS B CE  1 
ATOM   898  N NZ  . LYS A 1 144 ? 5.363   9.699   12.827  1.00 78.82  ? 144  LYS B NZ  1 
ATOM   899  N N   . LEU A 1 145 ? 7.938   7.535   5.748   1.00 73.78  ? 145  LEU B N   1 
ATOM   900  C CA  . LEU A 1 145 ? 8.059   6.157   5.301   1.00 73.78  ? 145  LEU B CA  1 
ATOM   901  C C   . LEU A 1 145 ? 9.494   5.855   4.887   1.00 73.78  ? 145  LEU B C   1 
ATOM   902  O O   . LEU A 1 145 ? 10.281  6.752   4.579   1.00 73.78  ? 145  LEU B O   1 
ATOM   903  C CB  . LEU A 1 145 ? 7.115   5.856   4.136   1.00 73.78  ? 145  LEU B CB  1 
ATOM   904  C CG  . LEU A 1 145 ? 7.409   6.406   2.741   1.00 73.78  ? 145  LEU B CG  1 
ATOM   905  C CD1 . LEU A 1 145 ? 6.558   5.672   1.722   1.00 73.78  ? 145  LEU B CD1 1 
ATOM   906  C CD2 . LEU A 1 145 ? 7.182   7.898   2.648   1.00 73.78  ? 145  LEU B CD2 1 
ATOM   907  N N   . ARG A 1 146 ? 9.827   4.565   4.884   1.00 73.36  ? 146  ARG B N   1 
ATOM   908  C CA  . ARG A 1 146 ? 11.142  4.106   4.466   1.00 73.36  ? 146  ARG B CA  1 
ATOM   909  C C   . ARG A 1 146 ? 11.111  3.091   3.335   1.00 73.36  ? 146  ARG B C   1 
ATOM   910  O O   . ARG A 1 146 ? 12.104  2.979   2.609   1.00 73.36  ? 146  ARG B O   1 
ATOM   911  C CB  . ARG A 1 146 ? 11.901  3.487   5.649   1.00 73.36  ? 146  ARG B CB  1 
ATOM   912  C CG  . ARG A 1 146 ? 12.432  4.493   6.653   1.00 73.36  ? 146  ARG B CG  1 
ATOM   913  C CD  . ARG A 1 146 ? 13.369  3.823   7.644   1.00 73.36  ? 146  ARG B CD  1 
ATOM   914  N NE  . ARG A 1 146 ? 12.680  2.832   8.458   1.00 73.36  ? 146  ARG B NE  1 
ATOM   915  C CZ  . ARG A 1 146 ? 13.281  2.021   9.317   1.00 73.36  ? 146  ARG B CZ  1 
ATOM   916  N NH1 . ARG A 1 146 ? 14.590  2.055   9.499   1.00 73.36  ? 146  ARG B NH1 1 
ATOM   917  N NH2 . ARG A 1 146 ? 12.549  1.153   10.011  1.00 73.36  ? 146  ARG B NH2 1 
ATOM   918  N N   . PHE A 1 147 ? 10.020  2.352   3.168   1.00 72.75  ? 147  PHE B N   1 
ATOM   919  C CA  . PHE A 1 147 ? 9.914   1.323   2.145   1.00 72.75  ? 147  PHE B CA  1 
ATOM   920  C C   . PHE A 1 147 ? 8.719   1.622   1.253   1.00 72.75  ? 147  PHE B C   1 
ATOM   921  O O   . PHE A 1 147 ? 7.660   2.029   1.739   1.00 72.75  ? 147  PHE B O   1 
ATOM   922  C CB  . PHE A 1 147 ? 9.755   -0.077  2.759   1.00 72.75  ? 147  PHE B CB  1 
ATOM   923  C CG  . PHE A 1 147 ? 10.932  -0.532  3.584   1.00 72.75  ? 147  PHE B CG  1 
ATOM   924  C CD1 . PHE A 1 147 ? 11.247  0.085   4.782   1.00 72.75  ? 147  PHE B CD1 1 
ATOM   925  C CD2 . PHE A 1 147 ? 11.707  -1.598  3.167   1.00 72.75  ? 147  PHE B CD2 1 
ATOM   926  C CE1 . PHE A 1 147 ? 12.323  -0.341  5.534   1.00 72.75  ? 147  PHE B CE1 1 
ATOM   927  C CE2 . PHE A 1 147 ? 12.781  -2.028  3.916   1.00 72.75  ? 147  PHE B CE2 1 
ATOM   928  C CZ  . PHE A 1 147 ? 13.088  -1.399  5.101   1.00 72.75  ? 147  PHE B CZ  1 
ATOM   929  N N   . LEU A 1 148 ? 8.892   1.415   -0.052  1.00 72.92  ? 148  LEU B N   1 
ATOM   930  C CA  . LEU A 1 148 ? 7.794   1.565   -1.005  1.00 72.92  ? 148  LEU B CA  1 
ATOM   931  C C   . LEU A 1 148 ? 8.084   0.628   -2.172  1.00 72.92  ? 148  LEU B C   1 
ATOM   932  O O   . LEU A 1 148 ? 8.891   0.954   -3.046  1.00 72.92  ? 148  LEU B O   1 
ATOM   933  C CB  . LEU A 1 148 ? 7.651   3.007   -1.467  1.00 72.92  ? 148  LEU B CB  1 
ATOM   934  C CG  . LEU A 1 148 ? 6.332   3.367   -2.155  1.00 72.92  ? 148  LEU B CG  1 
ATOM   935  C CD1 . LEU A 1 148 ? 5.957   4.797   -1.826  1.00 72.92  ? 148  LEU B CD1 1 
ATOM   936  C CD2 . LEU A 1 148 ? 6.427   3.176   -3.658  1.00 72.92  ? 148  LEU B CD2 1 
ATOM   937  N N   . ARG A 1 149 ? 7.425   -0.527  -2.180  1.00 72.94  ? 149  ARG B N   1 
ATOM   938  C CA  . ARG A 1 149 ? 7.651   -1.553  -3.187  1.00 72.94  ? 149  ARG B CA  1 
ATOM   939  C C   . ARG A 1 149 ? 6.389   -1.721  -4.017  1.00 72.94  ? 149  ARG B C   1 
ATOM   940  O O   . ARG A 1 149 ? 5.329   -2.058  -3.480  1.00 72.94  ? 149  ARG B O   1 
ATOM   941  C CB  . ARG A 1 149 ? 8.049   -2.879  -2.538  1.00 72.94  ? 149  ARG B CB  1 
ATOM   942  C CG  . ARG A 1 149 ? 9.145   -2.749  -1.496  1.00 72.94  ? 149  ARG B CG  1 
ATOM   943  C CD  . ARG A 1 149 ? 10.145  -3.882  -1.606  1.00 72.94  ? 149  ARG B CD  1 
ATOM   944  N NE  . ARG A 1 149 ? 11.055  -3.920  -0.468  1.00 72.94  ? 149  ARG B NE  1 
ATOM   945  C CZ  . ARG A 1 149 ? 10.755  -4.439  0.714   1.00 72.94  ? 149  ARG B CZ  1 
ATOM   946  N NH1 . ARG A 1 149 ? 9.566   -4.966  0.955   1.00 72.94  ? 149  ARG B NH1 1 
ATOM   947  N NH2 . ARG A 1 149 ? 11.671  -4.431  1.677   1.00 72.94  ? 149  ARG B NH2 1 
ATOM   948  N N   . LEU A 1 150 ? 6.507   -1.487  -5.323  1.00 73.37  ? 150  LEU B N   1 
ATOM   949  C CA  . LEU A 1 150 ? 5.429   -1.721  -6.284  1.00 73.37  ? 150  LEU B CA  1 
ATOM   950  C C   . LEU A 1 150 ? 6.057   -2.430  -7.483  1.00 73.37  ? 150  LEU B C   1 
ATOM   951  O O   . LEU A 1 150 ? 6.506   -1.783  -8.432  1.00 73.37  ? 150  LEU B O   1 
ATOM   952  C CB  . LEU A 1 150 ? 4.748   -0.418  -6.681  1.00 73.37  ? 150  LEU B CB  1 
ATOM   953  C CG  . LEU A 1 150 ? 4.137   0.405   -5.551  1.00 73.37  ? 150  LEU B CG  1 
ATOM   954  C CD1 . LEU A 1 150 ? 3.720   1.777   -6.050  1.00 73.37  ? 150  LEU B CD1 1 
ATOM   955  C CD2 . LEU A 1 150 ? 2.953   -0.323  -4.952  1.00 73.37  ? 150  LEU B CD2 1 
ATOM   956  N N   . ASN A 1 151 ? 6.085   -3.756  -7.434  1.00 78.68  ? 151  ASN B N   1 
ATOM   957  C CA  . ASN A 1 151 ? 6.698   -4.574  -8.469  1.00 78.68  ? 151  ASN B CA  1 
ATOM   958  C C   . ASN A 1 151 ? 5.657   -5.446  -9.151  1.00 78.68  ? 151  ASN B C   1 
ATOM   959  O O   . ASN A 1 151 ? 4.641   -5.812  -8.553  1.00 78.68  ? 151  ASN B O   1 
ATOM   960  C CB  . ASN A 1 151 ? 7.795   -5.470  -7.891  1.00 78.68  ? 151  ASN B CB  1 
ATOM   961  C CG  . ASN A 1 151 ? 8.944   -4.684  -7.323  1.00 78.68  ? 151  ASN B CG  1 
ATOM   962  O OD1 . ASN A 1 151 ? 9.107   -3.506  -7.628  1.00 78.68  ? 151  ASN B OD1 1 
ATOM   963  N ND2 . ASN A 1 151 ? 9.748   -5.327  -6.486  1.00 78.68  ? 151  ASN B ND2 1 
ATOM   964  N N   . ASN A 1 152 ? 5.931   -5.778  -10.411 1.00 84.41  ? 152  ASN B N   1 
ATOM   965  C CA  . ASN A 1 152 ? 5.133   -6.741  -11.164 1.00 84.41  ? 152  ASN B CA  1 
ATOM   966  C C   . ASN A 1 152 ? 3.662   -6.340  -11.188 1.00 84.41  ? 152  ASN B C   1 
ATOM   967  O O   . ASN A 1 152 ? 2.760   -7.177  -11.110 1.00 84.41  ? 152  ASN B O   1 
ATOM   968  C CB  . ASN A 1 152 ? 5.321   -8.148  -10.599 1.00 84.41  ? 152  ASN B CB  1 
ATOM   969  C CG  . ASN A 1 152 ? 6.623   -8.775  -11.050 1.00 84.41  ? 152  ASN B CG  1 
ATOM   970  O OD1 . ASN A 1 152 ? 7.704   -8.324  -10.674 1.00 84.41  ? 152  ASN B OD1 1 
ATOM   971  N ND2 . ASN A 1 152 ? 6.526   -9.822  -11.860 1.00 84.41  ? 152  ASN B ND2 1 
ATOM   972  N N   . ASN A 1 153 ? 3.423   -5.041  -11.297 1.00 85.67  ? 153  ASN B N   1 
ATOM   973  C CA  . ASN A 1 153 ? 2.091   -4.467  -11.389 1.00 85.67  ? 153  ASN B CA  1 
ATOM   974  C C   . ASN A 1 153 ? 1.856   -3.951  -12.801 1.00 85.67  ? 153  ASN B C   1 
ATOM   975  O O   . ASN A 1 153 ? 2.772   -3.876  -13.622 1.00 85.67  ? 153  ASN B O   1 
ATOM   976  C CB  . ASN A 1 153 ? 1.921   -3.335  -10.373 1.00 85.67  ? 153  ASN B CB  1 
ATOM   977  C CG  . ASN A 1 153 ? 0.593   -3.392  -9.654  1.00 85.67  ? 153  ASN B CG  1 
ATOM   978  O OD1 . ASN A 1 153 ? -0.001  -4.458  -9.509  1.00 85.67  ? 153  ASN B OD1 1 
ATOM   979  N ND2 . ASN A 1 153 ? 0.124   -2.241  -9.191  1.00 85.67  ? 153  ASN B ND2 1 
ATOM   980  N N   . SER A 1 154 ? 0.607   -3.597  -13.084 1.00 89.74  ? 154  SER B N   1 
ATOM   981  C CA  . SER A 1 154 ? 0.244   -2.973  -14.354 1.00 89.74  ? 154  SER B CA  1 
ATOM   982  C C   . SER A 1 154 ? -0.434  -1.647  -14.035 1.00 89.74  ? 154  SER B C   1 
ATOM   983  O O   . SER A 1 154 ? -1.660  -1.549  -14.017 1.00 89.74  ? 154  SER B O   1 
ATOM   984  C CB  . SER A 1 154 ? -0.660  -3.891  -15.179 1.00 89.74  ? 154  SER B CB  1 
ATOM   985  O OG  . SER A 1 154 ? -1.119  -3.237  -16.349 1.00 89.74  ? 154  SER B OG  1 
ATOM   986  N N   . LEU A 1 155 ? 0.376   -0.617  -13.812 1.00 91.20  ? 155  LEU B N   1 
ATOM   987  C CA  . LEU A 1 155 ? -0.110  0.709   -13.460 1.00 91.20  ? 155  LEU B CA  1 
ATOM   988  C C   . LEU A 1 155 ? 0.118   1.651   -14.632 1.00 91.20  ? 155  LEU B C   1 
ATOM   989  O O   . LEU A 1 155 ? 1.225   1.711   -15.177 1.00 91.20  ? 155  LEU B O   1 
ATOM   990  C CB  . LEU A 1 155 ? 0.597   1.242   -12.210 1.00 91.20  ? 155  LEU B CB  1 
ATOM   991  C CG  . LEU A 1 155 ? 0.162   0.694   -10.849 1.00 91.20  ? 155  LEU B CG  1 
ATOM   992  C CD1 . LEU A 1 155 ? 1.171   1.071   -9.774  1.00 91.20  ? 155  LEU B CD1 1 
ATOM   993  C CD2 . LEU A 1 155 ? -1.224  1.193   -10.473 1.00 91.20  ? 155  LEU B CD2 1 
ATOM   994  N N   . ASN A 1 156 ? -0.924  2.383   -15.015 1.00 93.58  ? 156  ASN B N   1 
ATOM   995  C CA  . ASN A 1 156 ? -0.867  3.291   -16.155 1.00 93.58  ? 156  ASN B CA  1 
ATOM   996  C C   . ASN A 1 156 ? -0.633  4.706   -15.645 1.00 93.58  ? 156  ASN B C   1 
ATOM   997  O O   . ASN A 1 156 ? -1.504  5.290   -14.992 1.00 93.58  ? 156  ASN B O   1 
ATOM   998  C CB  . ASN A 1 156 ? -2.152  3.209   -16.977 1.00 93.58  ? 156  ASN B CB  1 
ATOM   999  C CG  . ASN A 1 156 ? -2.357  1.845   -17.605 1.00 93.58  ? 156  ASN B CG  1 
ATOM   1000 O OD1 . ASN A 1 156 ? -1.421  1.245   -18.132 1.00 93.58  ? 156  ASN B OD1 1 
ATOM   1001 N ND2 . ASN A 1 156 ? -3.588  1.349   -17.553 1.00 93.58  ? 156  ASN B ND2 1 
ATOM   1002 N N   . GLY A 1 157 ? 0.537   5.256   -15.941 1.00 91.16  ? 157  GLY B N   1 
ATOM   1003 C CA  . GLY A 1 157 ? 0.827   6.621   -15.549 1.00 91.16  ? 157  GLY B CA  1 
ATOM   1004 C C   . GLY A 1 157 ? 2.326   6.870   -15.518 1.00 91.16  ? 157  GLY B C   1 
ATOM   1005 O O   . GLY A 1 157 ? 3.112   6.072   -16.024 1.00 91.16  ? 157  GLY B O   1 
ATOM   1006 N N   . ARG A 1 158 ? 2.685   7.998   -14.916 1.00 96.29  ? 158  ARG B N   1 
ATOM   1007 C CA  . ARG A 1 158 ? 4.065   8.427   -14.769 1.00 96.29  ? 158  ARG B CA  1 
ATOM   1008 C C   . ARG A 1 158 ? 4.423   8.506   -13.290 1.00 96.29  ? 158  ARG B C   1 
ATOM   1009 O O   . ARG A 1 158 ? 3.549   8.530   -12.418 1.00 96.29  ? 158  ARG B O   1 
ATOM   1010 C CB  . ARG A 1 158 ? 4.304   9.787   -15.439 1.00 96.29  ? 158  ARG B CB  1 
ATOM   1011 C CG  . ARG A 1 158 ? 3.725   10.978  -14.682 1.00 96.29  ? 158  ARG B CG  1 
ATOM   1012 C CD  . ARG A 1 158 ? 2.227   11.122  -14.911 1.00 96.29  ? 158  ARG B CD  1 
ATOM   1013 N NE  . ARG A 1 158 ? 1.712   12.384  -14.394 1.00 96.29  ? 158  ARG B NE  1 
ATOM   1014 C CZ  . ARG A 1 158 ? 0.424   12.672  -14.274 1.00 96.29  ? 158  ARG B CZ  1 
ATOM   1015 N NH1 . ARG A 1 158 ? -0.514  11.805  -14.619 1.00 96.29  ? 158  ARG B NH1 1 
ATOM   1016 N NH2 . ARG A 1 158 ? 0.066   13.860  -13.792 1.00 96.29  ? 158  ARG B NH2 1 
ATOM   1017 N N   . ILE A 1 159 ? 5.720   8.539   -13.017 1.00 92.20  ? 159  ILE B N   1 
ATOM   1018 C CA  . ILE A 1 159 ? 6.193   8.616   -11.630 1.00 92.20  ? 159  ILE B CA  1 
ATOM   1019 C C   . ILE A 1 159 ? 5.776   9.955   -11.033 1.00 92.20  ? 159  ILE B C   1 
ATOM   1020 O O   . ILE A 1 159 ? 5.984   11.003  -11.668 1.00 92.20  ? 159  ILE B O   1 
ATOM   1021 C CB  . ILE A 1 159 ? 7.711   8.438   -11.576 1.00 92.20  ? 159  ILE B CB  1 
ATOM   1022 C CG1 . ILE A 1 159 ? 8.074   6.953   -11.582 1.00 92.20  ? 159  ILE B CG1 1 
ATOM   1023 C CG2 . ILE A 1 159 ? 8.286   9.102   -10.340 1.00 92.20  ? 159  ILE B CG2 1 
ATOM   1024 C CD1 . ILE A 1 159 ? 9.560   6.696   -11.673 1.00 92.20  ? 159  ILE B CD1 1 
ATOM   1025 N N   . PRO A 1 160 ? 5.156   9.976   -9.854  1.00 90.89  ? 160  PRO B N   1 
ATOM   1026 C CA  . PRO A 1 160 ? 4.832   11.259  -9.218  1.00 90.89  ? 160  PRO B CA  1 
ATOM   1027 C C   . PRO A 1 160 ? 6.084   12.082  -8.957  1.00 90.89  ? 160  PRO B C   1 
ATOM   1028 O O   . PRO A 1 160 ? 7.128   11.557  -8.568  1.00 90.89  ? 160  PRO B O   1 
ATOM   1029 C CB  . PRO A 1 160 ? 4.148   10.854  -7.906  1.00 90.89  ? 160  PRO B CB  1 
ATOM   1030 C CG  . PRO A 1 160 ? 3.930   9.389   -7.961  1.00 90.89  ? 160  PRO B CG  1 
ATOM   1031 C CD  . PRO A 1 160 ? 4.489   8.829   -9.222  1.00 90.89  ? 160  PRO B CD  1 
ATOM   1032 N N   . MET A 1 161 ? 5.965   13.393  -9.173  1.00 95.74  ? 161  MET B N   1 
ATOM   1033 C CA  . MET A 1 161 ? 7.082   14.297  -8.922  1.00 95.74  ? 161  MET B CA  1 
ATOM   1034 C C   . MET A 1 161 ? 7.293   14.561  -7.439  1.00 95.74  ? 161  MET B C   1 
ATOM   1035 O O   . MET A 1 161 ? 8.437   14.725  -7.001  1.00 95.74  ? 161  MET B O   1 
ATOM   1036 C CB  . MET A 1 161 ? 6.859   15.623  -9.654  1.00 95.74  ? 161  MET B CB  1 
ATOM   1037 C CG  . MET A 1 161 ? 6.864   15.537  -11.175 1.00 95.74  ? 161  MET B CG  1 
ATOM   1038 S SD  . MET A 1 161 ? 8.437   14.964  -11.854 1.00 95.74  ? 161  MET B SD  1 
ATOM   1039 C CE  . MET A 1 161 ? 8.066   13.258  -12.248 1.00 95.74  ? 161  MET B CE  1 
ATOM   1040 N N   . LEU A 1 162 ? 6.216   14.601  -6.654  1.00 93.24  ? 162  LEU B N   1 
ATOM   1041 C CA  . LEU A 1 162 ? 6.312   15.028  -5.265  1.00 93.24  ? 162  LEU B CA  1 
ATOM   1042 C C   . LEU A 1 162 ? 7.002   13.996  -4.376  1.00 93.24  ? 162  LEU B C   1 
ATOM   1043 O O   . LEU A 1 162 ? 7.403   14.339  -3.260  1.00 93.24  ? 162  LEU B O   1 
ATOM   1044 C CB  . LEU A 1 162 ? 4.906   15.367  -4.751  1.00 93.24  ? 162  LEU B CB  1 
ATOM   1045 C CG  . LEU A 1 162 ? 4.638   16.016  -3.389  1.00 93.24  ? 162  LEU B CG  1 
ATOM   1046 C CD1 . LEU A 1 162 ? 3.338   16.794  -3.456  1.00 93.24  ? 162  LEU B CD1 1 
ATOM   1047 C CD2 . LEU A 1 162 ? 4.547   14.995  -2.276  1.00 93.24  ? 162  LEU B CD2 1 
ATOM   1048 N N   . LEU A 1 163 ? 7.188   12.762  -4.858  1.00 93.50  ? 163  LEU B N   1 
ATOM   1049 C CA  . LEU A 1 163 ? 7.842   11.731  -4.057  1.00 93.50  ? 163  LEU B CA  1 
ATOM   1050 C C   . LEU A 1 163 ? 9.270   12.096  -3.681  1.00 93.50  ? 163  LEU B C   1 
ATOM   1051 O O   . LEU A 1 163 ? 9.822   11.505  -2.748  1.00 93.50  ? 163  LEU B O   1 
ATOM   1052 C CB  . LEU A 1 163 ? 7.846   10.394  -4.796  1.00 93.50  ? 163  LEU B CB  1 
ATOM   1053 C CG  . LEU A 1 163 ? 6.510   9.704   -5.061  1.00 93.50  ? 163  LEU B CG  1 
ATOM   1054 C CD1 . LEU A 1 163 ? 6.727   8.472   -5.925  1.00 93.50  ? 163  LEU B CD1 1 
ATOM   1055 C CD2 . LEU A 1 163 ? 5.838   9.330   -3.754  1.00 93.50  ? 163  LEU B CD2 1 
ATOM   1056 N N   . THR A 1 164 ? 9.889   13.038  -4.394  1.00 92.39  ? 164  THR B N   1 
ATOM   1057 C CA  . THR A 1 164 ? 11.220  13.496  -4.021  1.00 92.39  ? 164  THR B CA  1 
ATOM   1058 C C   . THR A 1 164 ? 11.226  14.156  -2.648  1.00 92.39  ? 164  THR B C   1 
ATOM   1059 O O   . THR A 1 164 ? 12.259  14.150  -1.968  1.00 92.39  ? 164  THR B O   1 
ATOM   1060 C CB  . THR A 1 164 ? 11.743  14.464  -5.087  1.00 92.39  ? 164  THR B CB  1 
ATOM   1061 O OG1 . THR A 1 164 ? 11.804  13.791  -6.351  1.00 92.39  ? 164  THR B OG1 1 
ATOM   1062 C CG2 . THR A 1 164 ? 13.134  14.974  -4.739  1.00 92.39  ? 164  THR B CG2 1 
ATOM   1063 N N   . THR A 1 165 ? 10.081  14.681  -2.206  1.00 92.39  ? 165  THR B N   1 
ATOM   1064 C CA  . THR A 1 165 ? 10.003  15.486  -0.993  1.00 92.39  ? 165  THR B CA  1 
ATOM   1065 C C   . THR A 1 165 ? 10.318  14.710  0.281   1.00 92.39  ? 165  THR B C   1 
ATOM   1066 O O   . THR A 1 165 ? 10.524  15.338  1.324   1.00 92.39  ? 165  THR B O   1 
ATOM   1067 C CB  . THR A 1 165 ? 8.613   16.109  -0.870  1.00 92.39  ? 165  THR B CB  1 
ATOM   1068 O OG1 . THR A 1 165 ? 7.618   15.111  -1.128  1.00 92.39  ? 165  THR B OG1 1 
ATOM   1069 C CG2 . THR A 1 165 ? 8.450   17.247  -1.866  1.00 92.39  ? 165  THR B CG2 1 
ATOM   1070 N N   . VAL A 1 166 ? 10.356  13.382  0.237   1.00 89.68  ? 166  VAL B N   1 
ATOM   1071 C CA  . VAL A 1 166 ? 10.639  12.569  1.414   1.00 89.68  ? 166  VAL B CA  1 
ATOM   1072 C C   . VAL A 1 166 ? 12.115  12.195  1.410   1.00 89.68  ? 166  VAL B C   1 
ATOM   1073 O O   . VAL A 1 166 ? 12.664  11.796  0.376   1.00 89.68  ? 166  VAL B O   1 
ATOM   1074 C CB  . VAL A 1 166 ? 9.744   11.320  1.465   1.00 89.68  ? 166  VAL B CB  1 
ATOM   1075 C CG1 . VAL A 1 166 ? 8.300   11.732  1.641   1.00 89.68  ? 166  VAL B CG1 1 
ATOM   1076 C CG2 . VAL A 1 166 ? 9.903   10.478  0.214   1.00 89.68  ? 166  VAL B CG2 1 
ATOM   1077 N N   . ILE A 1 167 ? 12.766  12.352  2.561   1.00 85.74  ? 167  ILE B N   1 
ATOM   1078 C CA  . ILE A 1 167 ? 14.191  12.070  2.694   1.00 85.74  ? 167  ILE B CA  1 
ATOM   1079 C C   . ILE A 1 167 ? 14.470  10.802  3.479   1.00 85.74  ? 167  ILE B C   1 
ATOM   1080 O O   . ILE A 1 167 ? 15.636  10.378  3.545   1.00 85.74  ? 167  ILE B O   1 
ATOM   1081 C CB  . ILE A 1 167 ? 14.944  13.254  3.333   1.00 85.74  ? 167  ILE B CB  1 
ATOM   1082 C CG1 . ILE A 1 167 ? 14.476  13.467  4.773   1.00 85.74  ? 167  ILE B CG1 1 
ATOM   1083 C CG2 . ILE A 1 167 ? 14.744  14.518  2.511   1.00 85.74  ? 167  ILE B CG2 1 
ATOM   1084 C CD1 . ILE A 1 167 ? 15.014  14.728  5.413   1.00 85.74  ? 167  ILE B CD1 1 
ATOM   1085 N N   . SER A 1 168 ? 13.454  10.183  4.076   1.00 81.23  ? 168  SER B N   1 
ATOM   1086 C CA  . SER A 1 168 ? 13.647  8.974   4.862   1.00 81.23  ? 168  SER B CA  1 
ATOM   1087 C C   . SER A 1 168 ? 13.555  7.701   4.035   1.00 81.23  ? 168  SER B C   1 
ATOM   1088 O O   . SER A 1 168 ? 13.791  6.615   4.576   1.00 81.23  ? 168  SER B O   1 
ATOM   1089 C CB  . SER A 1 168 ? 12.620  8.915   5.995   1.00 81.23  ? 168  SER B CB  1 
ATOM   1090 O OG  . SER A 1 168 ? 11.320  8.673   5.489   1.00 81.23  ? 168  SER B OG  1 
ATOM   1091 N N   . LEU A 1 169 ? 13.219  7.799   2.753   1.00 79.18  ? 169  LEU B N   1 
ATOM   1092 C CA  . LEU A 1 169 ? 13.059  6.607   1.932   1.00 79.18  ? 169  LEU B CA  1 
ATOM   1093 C C   . LEU A 1 169 ? 14.412  5.949   1.713   1.00 79.18  ? 169  LEU B C   1 
ATOM   1094 O O   . LEU A 1 169 ? 15.405  6.625   1.426   1.00 79.18  ? 169  LEU B O   1 
ATOM   1095 C CB  . LEU A 1 169 ? 12.408  6.966   0.598   1.00 79.18  ? 169  LEU B CB  1 
ATOM   1096 C CG  . LEU A 1 169 ? 11.793  5.838   -0.239  1.00 79.18  ? 169  LEU B CG  1 
ATOM   1097 C CD1 . LEU A 1 169 ? 10.681  6.391   -1.117  1.00 79.18  ? 169  LEU B CD1 1 
ATOM   1098 C CD2 . LEU A 1 169 ? 12.818  5.109   -1.088  1.00 79.18  ? 169  LEU B CD2 1 
ATOM   1099 N N   . GLN A 1 170 ? 14.455  4.626   1.849   1.00 76.59  ? 170  GLN B N   1 
ATOM   1100 C CA  . GLN A 1 170 ? 15.700  3.881   1.745   1.00 76.59  ? 170  GLN B CA  1 
ATOM   1101 C C   . GLN A 1 170 ? 15.755  2.944   0.553   1.00 76.59  ? 170  GLN B C   1 
ATOM   1102 O O   . GLN A 1 170 ? 16.821  2.803   -0.051  1.00 76.59  ? 170  GLN B O   1 
ATOM   1103 C CB  . GLN A 1 170 ? 15.939  3.070   3.024   1.00 76.59  ? 170  GLN B CB  1 
ATOM   1104 C CG  . GLN A 1 170 ? 16.669  3.839   4.112   1.00 76.59  ? 170  GLN B CG  1 
ATOM   1105 C CD  . GLN A 1 170 ? 16.952  2.990   5.334   1.00 76.59  ? 170  GLN B CD  1 
ATOM   1106 O OE1 . GLN A 1 170 ? 16.041  2.640   6.085   1.00 76.59  ? 170  GLN B OE1 1 
ATOM   1107 N NE2 . GLN A 1 170 ? 18.220  2.656   5.542   1.00 76.59  ? 170  GLN B NE2 1 
ATOM   1108 N N   . VAL A 1 171 ? 14.647  2.299   0.199   1.00 78.84  ? 171  VAL B N   1 
ATOM   1109 C CA  . VAL A 1 171 ? 14.598  1.392   -0.941  1.00 78.84  ? 171  VAL B CA  1 
ATOM   1110 C C   . VAL A 1 171 ? 13.319  1.660   -1.722  1.00 78.84  ? 171  VAL B C   1 
ATOM   1111 O O   . VAL A 1 171 ? 12.246  1.829   -1.132  1.00 78.84  ? 171  VAL B O   1 
ATOM   1112 C CB  . VAL A 1 171 ? 14.684  -0.084  -0.505  1.00 78.84  ? 171  VAL B CB  1 
ATOM   1113 C CG1 . VAL A 1 171 ? 13.590  -0.419  0.492   1.00 78.84  ? 171  VAL B CG1 1 
ATOM   1114 C CG2 . VAL A 1 171 ? 14.614  -1.006  -1.714  1.00 78.84  ? 171  VAL B CG2 1 
ATOM   1115 N N   . LEU A 1 172 ? 13.440  1.724   -3.046  1.00 84.20  ? 172  LEU B N   1 
ATOM   1116 C CA  . LEU A 1 172 ? 12.309  1.922   -3.940  1.00 84.20  ? 172  LEU B CA  1 
ATOM   1117 C C   . LEU A 1 172 ? 12.381  0.897   -5.059  1.00 84.20  ? 172  LEU B C   1 
ATOM   1118 O O   . LEU A 1 172 ? 13.450  0.668   -5.633  1.00 84.20  ? 172  LEU B O   1 
ATOM   1119 C CB  . LEU A 1 172 ? 12.297  3.331   -4.528  1.00 84.20  ? 172  LEU B CB  1 
ATOM   1120 C CG  . LEU A 1 172 ? 11.259  3.577   -5.622  1.00 84.20  ? 172  LEU B CG  1 
ATOM   1121 C CD1 . LEU A 1 172 ? 9.918   3.961   -5.015  1.00 84.20  ? 172  LEU B CD1 1 
ATOM   1122 C CD2 . LEU A 1 172 ? 11.746  4.638   -6.595  1.00 84.20  ? 172  LEU B CD2 1 
ATOM   1123 N N   . ASP A 1 173 ? 11.241  0.282   -5.369  1.00 82.75  ? 173  ASP B N   1 
ATOM   1124 C CA  . ASP A 1 173 ? 11.196  -0.751  -6.402  1.00 82.75  ? 173  ASP B CA  1 
ATOM   1125 C C   . ASP A 1 173 ? 9.920   -0.546  -7.212  1.00 82.75  ? 173  ASP B C   1 
ATOM   1126 O O   . ASP A 1 173 ? 8.838   -0.958  -6.785  1.00 82.75  ? 173  ASP B O   1 
ATOM   1127 C CB  . ASP A 1 173 ? 11.257  -2.141  -5.788  1.00 82.75  ? 173  ASP B CB  1 
ATOM   1128 C CG  . ASP A 1 173 ? 11.981  -3.137  -6.673  1.00 82.75  ? 173  ASP B CG  1 
ATOM   1129 O OD1 . ASP A 1 173 ? 12.218  -2.816  -7.857  1.00 82.75  ? 173  ASP B OD1 1 
ATOM   1130 O OD2 . ASP A 1 173 ? 12.312  -4.238  -6.186  1.00 82.75  ? 173  ASP B OD2 1 
ATOM   1131 N N   . LEU A 1 174 ? 10.050  0.111   -8.361  1.00 79.25  ? 174  LEU B N   1 
ATOM   1132 C CA  . LEU A 1 174 ? 8.960   0.285   -9.318  1.00 79.25  ? 174  LEU B CA  1 
ATOM   1133 C C   . LEU A 1 174 ? 9.418   -0.324  -10.638 1.00 79.25  ? 174  LEU B C   1 
ATOM   1134 O O   . LEU A 1 174 ? 9.899   0.380   -11.527 1.00 79.25  ? 174  LEU B O   1 
ATOM   1135 C CB  . LEU A 1 174 ? 8.599   1.758   -9.474  1.00 79.25  ? 174  LEU B CB  1 
ATOM   1136 C CG  . LEU A 1 174 ? 8.352   2.559   -8.199  1.00 79.25  ? 174  LEU B CG  1 
ATOM   1137 C CD1 . LEU A 1 174 ? 8.551   4.039   -8.461  1.00 79.25  ? 174  LEU B CD1 1 
ATOM   1138 C CD2 . LEU A 1 174 ? 6.959   2.299   -7.673  1.00 79.25  ? 174  LEU B CD2 1 
ATOM   1139 N N   . SER A 1 175 ? 9.246   -1.634  -10.774 1.00 82.08  ? 175  SER B N   1 
ATOM   1140 C CA  . SER A 1 175 ? 9.725   -2.359  -11.938 1.00 82.08  ? 175  SER B CA  1 
ATOM   1141 C C   . SER A 1 175 ? 8.629   -3.275  -12.462 1.00 82.08  ? 175  SER B C   1 
ATOM   1142 O O   . SER A 1 175 ? 7.662   -3.585  -11.761 1.00 82.08  ? 175  SER B O   1 
ATOM   1143 C CB  . SER A 1 175 ? 10.981  -3.178  -11.615 1.00 82.08  ? 175  SER B CB  1 
ATOM   1144 O OG  . SER A 1 175 ? 10.638  -4.472  -11.154 1.00 82.08  ? 175  SER B OG  1 
ATOM   1145 N N   . ASN A 1 176 ? 8.803   -3.706  -13.712 1.00 85.16  ? 176  ASN B N   1 
ATOM   1146 C CA  . ASN A 1 176 ? 7.841   -4.575  -14.388 1.00 85.16  ? 176  ASN B CA  1 
ATOM   1147 C C   . ASN A 1 176 ? 6.445   -3.960  -14.378 1.00 85.16  ? 176  ASN B C   1 
ATOM   1148 O O   . ASN A 1 176 ? 5.442   -4.640  -14.153 1.00 85.16  ? 176  ASN B O   1 
ATOM   1149 C CB  . ASN A 1 176 ? 7.833   -5.972  -13.768 1.00 85.16  ? 176  ASN B CB  1 
ATOM   1150 C CG  . ASN A 1 176 ? 9.182   -6.650  -13.851 1.00 85.16  ? 176  ASN B CG  1 
ATOM   1151 O OD1 . ASN A 1 176 ? 9.950   -6.651  -12.889 1.00 85.16  ? 176  ASN B OD1 1 
ATOM   1152 N ND2 . ASN A 1 176 ? 9.480   -7.235  -15.004 1.00 85.16  ? 176  ASN B ND2 1 
ATOM   1153 N N   . ASN A 1 177 ? 6.384   -2.655  -14.622 1.00 88.10  ? 177  ASN B N   1 
ATOM   1154 C CA  . ASN A 1 177 ? 5.136   -1.911  -14.619 1.00 88.10  ? 177  ASN B CA  1 
ATOM   1155 C C   . ASN A 1 177 ? 5.076   -1.021  -15.852 1.00 88.10  ? 177  ASN B C   1 
ATOM   1156 O O   . ASN A 1 177 ? 6.101   -0.664  -16.437 1.00 88.10  ? 177  ASN B O   1 
ATOM   1157 C CB  . ASN A 1 177 ? 4.996   -1.064  -13.349 1.00 88.10  ? 177  ASN B CB  1 
ATOM   1158 C CG  . ASN A 1 177 ? 3.565   -0.656  -13.074 1.00 88.10  ? 177  ASN B CG  1 
ATOM   1159 O OD1 . ASN A 1 177 ? 2.773   -0.464  -13.995 1.00 88.10  ? 177  ASN B OD1 1 
ATOM   1160 N ND2 . ASN A 1 177 ? 3.227   -0.524  -11.800 1.00 88.10  ? 177  ASN B ND2 1 
ATOM   1161 N N   . ASN A 1 178 ? 3.855   -0.659  -16.241 1.00 93.17  ? 178  ASN B N   1 
ATOM   1162 C CA  . ASN A 1 178 ? 3.660   0.204   -17.398 1.00 93.17  ? 178  ASN B CA  1 
ATOM   1163 C C   . ASN A 1 178 ? 4.056   1.633   -17.055 1.00 93.17  ? 178  ASN B C   1 
ATOM   1164 O O   . ASN A 1 178 ? 3.200   2.516   -16.948 1.00 93.17  ? 178  ASN B O   1 
ATOM   1165 C CB  . ASN A 1 178 ? 2.209   0.149   -17.876 1.00 93.17  ? 178  ASN B CB  1 
ATOM   1166 C CG  . ASN A 1 178 ? 1.828   -1.212  -18.422 1.00 93.17  ? 178  ASN B CG  1 
ATOM   1167 O OD1 . ASN A 1 178 ? 1.419   -2.101  -17.676 1.00 93.17  ? 178  ASN B OD1 1 
ATOM   1168 N ND2 . ASN A 1 178 ? 1.961   -1.382  -19.732 1.00 93.17  ? 178  ASN B ND2 1 
ATOM   1169 N N   . LEU A 1 179 ? 5.354   1.869   -16.890 1.00 95.96  ? 179  LEU B N   1 
ATOM   1170 C CA  . LEU A 1 179 ? 5.870   3.151   -16.437 1.00 95.96  ? 179  LEU B CA  1 
ATOM   1171 C C   . LEU A 1 179 ? 6.396   3.945   -17.624 1.00 95.96  ? 179  LEU B C   1 
ATOM   1172 O O   . LEU A 1 179 ? 7.072   3.391   -18.498 1.00 95.96  ? 179  LEU B O   1 
ATOM   1173 C CB  . LEU A 1 179 ? 6.973   2.948   -15.399 1.00 95.96  ? 179  LEU B CB  1 
ATOM   1174 C CG  . LEU A 1 179 ? 7.168   4.061   -14.370 1.00 95.96  ? 179  LEU B CG  1 
ATOM   1175 C CD1 . LEU A 1 179 ? 5.909   4.243   -13.541 1.00 95.96  ? 179  LEU B CD1 1 
ATOM   1176 C CD2 . LEU A 1 179 ? 8.358   3.749   -13.481 1.00 95.96  ? 179  LEU B CD2 1 
ATOM   1177 N N   . THR A 1 180 ? 6.085   5.239   -17.652 1.00 98.47  ? 180  THR B N   1 
ATOM   1178 C CA  . THR A 1 180 ? 6.495   6.113   -18.740 1.00 98.47  ? 180  THR B CA  1 
ATOM   1179 C C   . THR A 1 180 ? 6.767   7.506   -18.195 1.00 98.47  ? 180  THR B C   1 
ATOM   1180 O O   . THR A 1 180 ? 6.322   7.867   -17.103 1.00 98.47  ? 180  THR B O   1 
ATOM   1181 C CB  . THR A 1 180 ? 5.432   6.182   -19.843 1.00 98.47  ? 180  THR B CB  1 
ATOM   1182 O OG1 . THR A 1 180 ? 5.843   7.121   -20.845 1.00 98.47  ? 180  THR B OG1 1 
ATOM   1183 C CG2 . THR A 1 180 ? 4.095   6.617   -19.266 1.00 98.47  ? 180  THR B CG2 1 
ATOM   1184 N N   . GLY A 1 181 ? 7.511   8.288   -18.971 1.00 98.48  ? 181  GLY B N   1 
ATOM   1185 C CA  . GLY A 1 181 ? 7.872   9.628   -18.582 1.00 98.48  ? 181  GLY B CA  1 
ATOM   1186 C C   . GLY A 1 181 ? 9.350   9.749   -18.275 1.00 98.48  ? 181  GLY B C   1 
ATOM   1187 O O   . GLY A 1 181 ? 10.167  8.934   -18.713 1.00 98.48  ? 181  GLY B O   1 
ATOM   1188 N N   . PRO A 1 182 ? 9.723   10.772  -17.516 1.00 95.72  ? 182  PRO B N   1 
ATOM   1189 C CA  . PRO A 1 182 ? 11.120  10.947  -17.125 1.00 95.72  ? 182  PRO B CA  1 
ATOM   1190 C C   . PRO A 1 182 ? 11.430  10.214  -15.823 1.00 95.72  ? 182  PRO B C   1 
ATOM   1191 O O   . PRO A 1 182 ? 10.543  9.718   -15.127 1.00 95.72  ? 182  PRO B O   1 
ATOM   1192 C CB  . PRO A 1 182 ? 11.231  12.463  -16.944 1.00 95.72  ? 182  PRO B CB  1 
ATOM   1193 C CG  . PRO A 1 182 ? 9.863   12.874  -16.482 1.00 95.72  ? 182  PRO B CG  1 
ATOM   1194 C CD  . PRO A 1 182 ? 8.868   11.843  -16.978 1.00 95.72  ? 182  PRO B CD  1 
ATOM   1195 N N   . VAL A 1 183 ? 12.720  10.155  -15.511 1.00 93.51  ? 183  VAL B N   1 
ATOM   1196 C CA  . VAL A 1 183 ? 13.223  9.501   -14.309 1.00 93.51  ? 183  VAL B CA  1 
ATOM   1197 C C   . VAL A 1 183 ? 13.739  10.588  -13.369 1.00 93.51  ? 183  VAL B C   1 
ATOM   1198 O O   . VAL A 1 183 ? 14.711  11.284  -13.703 1.00 93.51  ? 183  VAL B O   1 
ATOM   1199 C CB  . VAL A 1 183 ? 14.321  8.482   -14.638 1.00 93.51  ? 183  VAL B CB  1 
ATOM   1200 C CG1 . VAL A 1 183 ? 15.097  8.124   -13.387 1.00 93.51  ? 183  VAL B CG1 1 
ATOM   1201 C CG2 . VAL A 1 183 ? 13.715  7.239   -15.263 1.00 93.51  ? 183  VAL B CG2 1 
ATOM   1202 N N   . PRO A 1 184 ? 13.127  10.782  -12.201 1.00 94.18  ? 184  PRO B N   1 
ATOM   1203 C CA  . PRO A 1 184 ? 13.633  11.789  -11.255 1.00 94.18  ? 184  PRO B CA  1 
ATOM   1204 C C   . PRO A 1 184 ? 14.932  11.312  -10.623 1.00 94.18  ? 184  PRO B C   1 
ATOM   1205 O O   . PRO A 1 184 ? 14.983  10.240  -10.019 1.00 94.18  ? 184  PRO B O   1 
ATOM   1206 C CB  . PRO A 1 184 ? 12.507  11.908  -10.219 1.00 94.18  ? 184  PRO B CB  1 
ATOM   1207 C CG  . PRO A 1 184 ? 11.338  11.141  -10.788 1.00 94.18  ? 184  PRO B CG  1 
ATOM   1208 C CD  . PRO A 1 184 ? 11.915  10.117  -11.704 1.00 94.18  ? 184  PRO B CD  1 
ATOM   1209 N N   . VAL A 1 185 ? 15.988  12.109  -10.779 1.00 95.69  ? 185  VAL B N   1 
ATOM   1210 C CA  . VAL A 1 185 ? 17.296  11.751  -10.244 1.00 95.69  ? 185  VAL B CA  1 
ATOM   1211 C C   . VAL A 1 185 ? 17.764  12.908  -9.365  1.00 95.69  ? 185  VAL B C   1 
ATOM   1212 O O   . VAL A 1 185 ? 18.962  13.191  -9.261  1.00 95.69  ? 185  VAL B O   1 
ATOM   1213 C CB  . VAL A 1 185 ? 18.297  11.430  -11.377 1.00 95.69  ? 185  VAL B CB  1 
ATOM   1214 C CG1 . VAL A 1 185 ? 19.594  10.826  -10.832 1.00 95.69  ? 185  VAL B CG1 1 
ATOM   1215 C CG2 . VAL A 1 185 ? 17.671  10.497  -12.399 1.00 95.69  ? 185  VAL B CG2 1 
ATOM   1216 N N   . ASN A 1 186 ? 16.818  13.606  -8.745  1.00 96.02  ? 186  ASN B N   1 
ATOM   1217 C CA  . ASN A 1 186 ? 17.136  14.686  -7.824  1.00 96.02  ? 186  ASN B CA  1 
ATOM   1218 C C   . ASN A 1 186 ? 16.628  14.357  -6.427  1.00 96.02  ? 186  ASN B C   1 
ATOM   1219 O O   . ASN A 1 186 ? 15.642  13.635  -6.259  1.00 96.02  ? 186  ASN B O   1 
ATOM   1220 C CB  . ASN A 1 186 ? 16.544  16.019  -8.292  1.00 96.02  ? 186  ASN B CB  1 
ATOM   1221 C CG  . ASN A 1 186 ? 15.035  15.988  -8.396  1.00 96.02  ? 186  ASN B CG  1 
ATOM   1222 O OD1 . ASN A 1 186 ? 14.425  14.924  -8.486  1.00 96.02  ? 186  ASN B OD1 1 
ATOM   1223 N ND2 . ASN A 1 186 ? 14.423  17.165  -8.385  1.00 96.02  ? 186  ASN B ND2 1 
ATOM   1224 N N   . GLY A 1 187 ? 17.320  14.893  -5.428  1.00 96.41  ? 187  GLY B N   1 
ATOM   1225 C CA  . GLY A 1 187 ? 16.919  14.655  -4.052  1.00 96.41  ? 187  GLY B CA  1 
ATOM   1226 C C   . GLY A 1 187 ? 17.161  13.213  -3.656  1.00 96.41  ? 187  GLY B C   1 
ATOM   1227 O O   . GLY A 1 187 ? 18.191  12.615  -3.991  1.00 96.41  ? 187  GLY B O   1 
ATOM   1228 N N   . SER A 1 188 ? 16.193  12.640  -2.937  1.00 93.71  ? 188  SER B N   1 
ATOM   1229 C CA  . SER A 1 188 ? 16.328  11.268  -2.462  1.00 93.71  ? 188  SER B CA  1 
ATOM   1230 C C   . SER A 1 188 ? 16.477  10.298  -3.625  1.00 93.71  ? 188  SER B C   1 
ATOM   1231 O O   . SER A 1 188 ? 17.305  9.379   -3.585  1.00 93.71  ? 188  SER B O   1 
ATOM   1232 C CB  . SER A 1 188 ? 15.122  10.898  -1.599  1.00 93.71  ? 188  SER B CB  1 
ATOM   1233 O OG  . SER A 1 188 ? 13.918  11.044  -2.329  1.00 93.71  ? 188  SER B OG  1 
ATOM   1234 N N   . PHE A 1 189 ? 15.698  10.504  -4.688  1.00 92.71  ? 189  PHE B N   1 
ATOM   1235 C CA  . PHE A 1 189 ? 15.792  9.641   -5.858  1.00 92.71  ? 189  PHE B CA  1 
ATOM   1236 C C   . PHE A 1 189 ? 17.168  9.699   -6.502  1.00 92.71  ? 189  PHE B C   1 
ATOM   1237 O O   . PHE A 1 189 ? 17.514  8.805   -7.281  1.00 92.71  ? 189  PHE B O   1 
ATOM   1238 C CB  . PHE A 1 189 ? 14.725  10.026  -6.880  1.00 92.71  ? 189  PHE B CB  1 
ATOM   1239 C CG  . PHE A 1 189 ? 13.412  9.327   -6.681  1.00 92.71  ? 189  PHE B CG  1 
ATOM   1240 C CD1 . PHE A 1 189 ? 12.859  9.210   -5.419  1.00 92.71  ? 189  PHE B CD1 1 
ATOM   1241 C CD2 . PHE A 1 189 ? 12.730  8.791   -7.760  1.00 92.71  ? 189  PHE B CD2 1 
ATOM   1242 C CE1 . PHE A 1 189 ? 11.649  8.570   -5.235  1.00 92.71  ? 189  PHE B CE1 1 
ATOM   1243 C CE2 . PHE A 1 189 ? 11.522  8.150   -7.584  1.00 92.71  ? 189  PHE B CE2 1 
ATOM   1244 C CZ  . PHE A 1 189 ? 10.980  8.041   -6.319  1.00 92.71  ? 189  PHE B CZ  1 
ATOM   1245 N N   . SER A 1 190 ? 17.958  10.731  -6.199  1.00 98.60  ? 190  SER B N   1 
ATOM   1246 C CA  . SER A 1 190 ? 19.316  10.813  -6.720  1.00 98.60  ? 190  SER B CA  1 
ATOM   1247 C C   . SER A 1 190 ? 20.226  9.737   -6.143  1.00 98.60  ? 190  SER B C   1 
ATOM   1248 O O   . SER A 1 190 ? 21.323  9.526   -6.668  1.00 98.60  ? 190  SER B O   1 
ATOM   1249 C CB  . SER A 1 190 ? 19.908  12.193  -6.433  1.00 98.60  ? 190  SER B CB  1 
ATOM   1250 O OG  . SER A 1 190 ? 20.248  12.329  -5.064  1.00 98.60  ? 190  SER B OG  1 
ATOM   1251 N N   . LEU A 1 191 ? 19.800  9.055   -5.079  1.00 93.60  ? 191  LEU B N   1 
ATOM   1252 C CA  . LEU A 1 191 ? 20.650  8.069   -4.429  1.00 93.60  ? 191  LEU B CA  1 
ATOM   1253 C C   . LEU A 1 191 ? 20.380  6.643   -4.891  1.00 93.60  ? 191  LEU B C   1 
ATOM   1254 O O   . LEU A 1 191 ? 21.289  5.807   -4.833  1.00 93.60  ? 191  LEU B O   1 
ATOM   1255 C CB  . LEU A 1 191 ? 20.477  8.158   -2.908  1.00 93.60  ? 191  LEU B CB  1 
ATOM   1256 C CG  . LEU A 1 191 ? 21.339  7.242   -2.037  1.00 93.60  ? 191  LEU B CG  1 
ATOM   1257 C CD1 . LEU A 1 191 ? 22.813  7.563   -2.223  1.00 93.60  ? 191  LEU B CD1 1 
ATOM   1258 C CD2 . LEU A 1 191 ? 20.940  7.361   -0.575  1.00 93.60  ? 191  LEU B CD2 1 
ATOM   1259 N N   . PHE A 1 192 ? 19.173  6.350   -5.362  1.00 93.25  ? 192  PHE B N   1 
ATOM   1260 C CA  . PHE A 1 192 ? 18.797  4.989   -5.718  1.00 93.25  ? 192  PHE B CA  1 
ATOM   1261 C C   . PHE A 1 192 ? 19.257  4.660   -7.131  1.00 93.25  ? 192  PHE B C   1 
ATOM   1262 O O   . PHE A 1 192 ? 19.120  5.472   -8.050  1.00 93.25  ? 192  PHE B O   1 
ATOM   1263 C CB  . PHE A 1 192 ? 17.284  4.803   -5.598  1.00 93.25  ? 192  PHE B CB  1 
ATOM   1264 C CG  . PHE A 1 192 ? 16.689  5.478   -4.399  1.00 93.25  ? 192  PHE B CG  1 
ATOM   1265 C CD1 . PHE A 1 192 ? 17.244  5.302   -3.143  1.00 93.25  ? 192  PHE B CD1 1 
ATOM   1266 C CD2 . PHE A 1 192 ? 15.586  6.301   -4.529  1.00 93.25  ? 192  PHE B CD2 1 
ATOM   1267 C CE1 . PHE A 1 192 ? 16.705  5.929   -2.038  1.00 93.25  ? 192  PHE B CE1 1 
ATOM   1268 C CE2 . PHE A 1 192 ? 15.041  6.932   -3.426  1.00 93.25  ? 192  PHE B CE2 1 
ATOM   1269 C CZ  . PHE A 1 192 ? 15.604  6.747   -2.181  1.00 93.25  ? 192  PHE B CZ  1 
ATOM   1270 N N   . THR A 1 193 ? 19.806  3.460   -7.292  1.00 94.31  ? 193  THR B N   1 
ATOM   1271 C CA  . THR A 1 193 ? 20.347  3.046   -8.575  1.00 94.31  ? 193  THR B CA  1 
ATOM   1272 C C   . THR A 1 193 ? 19.231  2.894   -9.610  1.00 94.31  ? 193  THR B C   1 
ATOM   1273 O O   . THR A 1 193 ? 18.111  2.501   -9.276  1.00 94.31  ? 193  THR B O   1 
ATOM   1274 C CB  . THR A 1 193 ? 21.112  1.731   -8.431  1.00 94.31  ? 193  THR B CB  1 
ATOM   1275 O OG1 . THR A 1 193 ? 21.594  1.307   -9.713  1.00 94.31  ? 193  THR B OG1 1 
ATOM   1276 C CG2 . THR A 1 193 ? 20.223  0.650   -7.832  1.00 94.31  ? 193  THR B CG2 1 
ATOM   1277 N N   . PRO A 1 194 ? 19.510  3.226   -10.873 1.00 93.90  ? 194  PRO B N   1 
ATOM   1278 C CA  . PRO A 1 194 ? 18.480  3.077   -11.915 1.00 93.90  ? 194  PRO B CA  1 
ATOM   1279 C C   . PRO A 1 194 ? 18.061  1.640   -12.163 1.00 93.90  ? 194  PRO B C   1 
ATOM   1280 O O   . PRO A 1 194 ? 16.985  1.418   -12.728 1.00 93.90  ? 194  PRO B O   1 
ATOM   1281 C CB  . PRO A 1 194 ? 19.144  3.687   -13.158 1.00 93.90  ? 194  PRO B CB  1 
ATOM   1282 C CG  . PRO A 1 194 ? 20.239  4.555   -12.628 1.00 93.90  ? 194  PRO B CG  1 
ATOM   1283 C CD  . PRO A 1 194 ? 20.725  3.879   -11.385 1.00 93.90  ? 194  PRO B CD  1 
ATOM   1284 N N   . ILE A 1 195 ? 18.866  0.659   -11.758 1.00 93.25  ? 195  ILE B N   1 
ATOM   1285 C CA  . ILE A 1 195 ? 18.564  -0.744  -12.017 1.00 93.25  ? 195  ILE B CA  1 
ATOM   1286 C C   . ILE A 1 195 ? 17.449  -1.212  -11.091 1.00 93.25  ? 195  ILE B C   1 
ATOM   1287 O O   . ILE A 1 195 ? 16.989  -2.355  -11.183 1.00 93.25  ? 195  ILE B O   1 
ATOM   1288 C CB  . ILE A 1 195 ? 19.817  -1.626  -11.862 1.00 93.25  ? 195  ILE B CB  1 
ATOM   1289 C CG1 . ILE A 1 195 ? 20.101  -1.900  -10.385 1.00 93.25  ? 195  ILE B CG1 1 
ATOM   1290 C CG2 . ILE A 1 195 ? 21.016  -0.968  -12.530 1.00 93.25  ? 195  ILE B CG2 1 
ATOM   1291 C CD1 . ILE A 1 195 ? 21.330  -2.748  -10.146 1.00 93.25  ? 195  ILE B CD1 1 
ATOM   1292 N N   . SER A 1 196 ? 17.016  -0.335  -10.185 1.00 89.11  ? 196  SER B N   1 
ATOM   1293 C CA  . SER A 1 196 ? 15.867  -0.650  -9.343  1.00 89.11  ? 196  SER B CA  1 
ATOM   1294 C C   . SER A 1 196 ? 14.579  -0.645  -10.156 1.00 89.11  ? 196  SER B C   1 
ATOM   1295 O O   . SER A 1 196 ? 13.714  -1.509  -9.974  1.00 89.11  ? 196  SER B O   1 
ATOM   1296 C CB  . SER A 1 196 ? 15.778  0.344   -8.184  1.00 89.11  ? 196  SER B CB  1 
ATOM   1297 O OG  . SER A 1 196 ? 16.957  0.319   -7.400  1.00 89.11  ? 196  SER B OG  1 
ATOM   1298 N N   . PHE A 1 197 ? 14.436  0.321   -11.059 1.00 89.71  ? 197  PHE B N   1 
ATOM   1299 C CA  . PHE A 1 197 ? 13.255  0.453   -11.902 1.00 89.71  ? 197  PHE B CA  1 
ATOM   1300 C C   . PHE A 1 197 ? 13.639  0.162   -13.346 1.00 89.71  ? 197  PHE B C   1 
ATOM   1301 O O   . PHE A 1 197 ? 14.556  0.787   -13.888 1.00 89.71  ? 197  PHE B O   1 
ATOM   1302 C CB  . PHE A 1 197 ? 12.634  1.844   -11.763 1.00 89.71  ? 197  PHE B CB  1 
ATOM   1303 C CG  . PHE A 1 197 ? 13.632  2.964   -11.761 1.00 89.71  ? 197  PHE B CG  1 
ATOM   1304 C CD1 . PHE A 1 197 ? 14.183  3.407   -10.572 1.00 89.71  ? 197  PHE B CD1 1 
ATOM   1305 C CD2 . PHE A 1 197 ? 14.006  3.585   -12.940 1.00 89.71  ? 197  PHE B CD2 1 
ATOM   1306 C CE1 . PHE A 1 197 ? 15.100  4.440   -10.559 1.00 89.71  ? 197  PHE B CE1 1 
ATOM   1307 C CE2 . PHE A 1 197 ? 14.923  4.616   -12.935 1.00 89.71  ? 197  PHE B CE2 1 
ATOM   1308 C CZ  . PHE A 1 197 ? 15.471  5.046   -11.741 1.00 89.71  ? 197  PHE B CZ  1 
ATOM   1309 N N   . ALA A 1 198 ? 12.943  -0.790  -13.959 1.00 86.86  ? 198  ALA B N   1 
ATOM   1310 C CA  . ALA A 1 198 ? 13.254  -1.238  -15.309 1.00 86.86  ? 198  ALA B CA  1 
ATOM   1311 C C   . ALA A 1 198 ? 12.043  -1.983  -15.851 1.00 86.86  ? 198  ALA B C   1 
ATOM   1312 O O   . ALA A 1 198 ? 11.019  -2.115  -15.176 1.00 86.86  ? 198  ALA B O   1 
ATOM   1313 C CB  . ALA A 1 198 ? 14.507  -2.117  -15.330 1.00 86.86  ? 198  ALA B CB  1 
ATOM   1314 N N   . ASN A 1 199 ? 12.176  -2.480  -17.078 1.00 91.99  ? 199  ASN B N   1 
ATOM   1315 C CA  . ASN A 1 199 ? 11.106  -3.185  -17.778 1.00 91.99  ? 199  ASN B CA  1 
ATOM   1316 C C   . ASN A 1 199 ? 9.833   -2.341  -17.810 1.00 91.99  ? 199  ASN B C   1 
ATOM   1317 O O   . ASN A 1 199 ? 8.770   -2.737  -17.331 1.00 91.99  ? 199  ASN B O   1 
ATOM   1318 C CB  . ASN A 1 199 ? 10.851  -4.555  -17.147 1.00 91.99  ? 199  ASN B CB  1 
ATOM   1319 C CG  . ASN A 1 199 ? 12.044  -5.477  -17.262 1.00 91.99  ? 199  ASN B CG  1 
ATOM   1320 O OD1 . ASN A 1 199 ? 12.654  -5.853  -16.261 1.00 91.99  ? 199  ASN B OD1 1 
ATOM   1321 N ND2 . ASN A 1 199 ? 12.389  -5.847  -18.490 1.00 91.99  ? 199  ASN B ND2 1 
ATOM   1322 N N   . ASN A 1 200 ? 9.968   -1.153  -18.389 1.00 97.46  ? 200  ASN B N   1 
ATOM   1323 C CA  . ASN A 1 200 ? 8.882   -0.196  -18.512 1.00 97.46  ? 200  ASN B CA  1 
ATOM   1324 C C   . ASN A 1 200 ? 8.788   0.294   -19.948 1.00 97.46  ? 200  ASN B C   1 
ATOM   1325 O O   . ASN A 1 200 ? 9.785   0.292   -20.677 1.00 97.46  ? 200  ASN B O   1 
ATOM   1326 C CB  . ASN A 1 200 ? 9.092   1.002   -17.576 1.00 97.46  ? 200  ASN B CB  1 
ATOM   1327 C CG  . ASN A 1 200 ? 9.403   0.582   -16.152 1.00 97.46  ? 200  ASN B CG  1 
ATOM   1328 O OD1 . ASN A 1 200 ? 8.837   -0.382  -15.639 1.00 97.46  ? 200  ASN B OD1 1 
ATOM   1329 N ND2 . ASN A 1 200 ? 10.307  1.310   -15.506 1.00 97.46  ? 200  ASN B ND2 1 
ATOM   1330 N N   . PRO A 1 201 ? 7.596   0.708   -20.386 1.00 101.51 ? 201  PRO B N   1 
ATOM   1331 C CA  . PRO A 1 201 ? 7.460   1.220   -21.758 1.00 101.51 ? 201  PRO B CA  1 
ATOM   1332 C C   . PRO A 1 201 ? 8.353   2.410   -22.047 1.00 101.51 ? 201  PRO B C   1 
ATOM   1333 O O   . PRO A 1 201 ? 8.788   2.581   -23.194 1.00 101.51 ? 201  PRO B O   1 
ATOM   1334 C CB  . PRO A 1 201 ? 5.975   1.595   -21.843 1.00 101.51 ? 201  PRO B CB  1 
ATOM   1335 C CG  . PRO A 1 201 ? 5.309   0.695   -20.866 1.00 101.51 ? 201  PRO B CG  1 
ATOM   1336 C CD  . PRO A 1 201 ? 6.289   0.507   -19.738 1.00 101.51 ? 201  PRO B CD  1 
ATOM   1337 N N   . LEU A 1 202 ? 8.640   3.241   -21.048 1.00 103.79 ? 202  LEU B N   1 
ATOM   1338 C CA  . LEU A 1 202 ? 9.493   4.406   -21.253 1.00 103.79 ? 202  LEU B CA  1 
ATOM   1339 C C   . LEU A 1 202 ? 10.259  4.674   -19.967 1.00 103.79 ? 202  LEU B C   1 
ATOM   1340 O O   . LEU A 1 202 ? 9.655   4.970   -18.934 1.00 103.79 ? 202  LEU B O   1 
ATOM   1341 C CB  . LEU A 1 202 ? 8.673   5.625   -21.667 1.00 103.79 ? 202  LEU B CB  1 
ATOM   1342 C CG  . LEU A 1 202 ? 8.560   5.897   -23.168 1.00 103.79 ? 202  LEU B CG  1 
ATOM   1343 C CD1 . LEU A 1 202 ? 7.955   7.269   -23.423 1.00 103.79 ? 202  LEU B CD1 1 
ATOM   1344 C CD2 . LEU A 1 202 ? 9.918   5.772   -23.843 1.00 103.79 ? 202  LEU B CD2 1 
ATOM   1345 N N   . ASP A 1 203 ? 11.582  4.562   -20.034 1.00 107.46 ? 203  ASP B N   1 
ATOM   1346 C CA  . ASP A 1 203 ? 12.465  4.936   -18.936 1.00 107.46 ? 203  ASP B CA  1 
ATOM   1347 C C   . ASP A 1 203 ? 13.418  6.061   -19.302 1.00 107.46 ? 203  ASP B C   1 
ATOM   1348 O O   . ASP A 1 203 ? 13.656  6.949   -18.478 1.00 107.46 ? 203  ASP B O   1 
ATOM   1349 C CB  . ASP A 1 203 ? 13.272  3.720   -18.468 1.00 107.46 ? 203  ASP B CB  1 
ATOM   1350 C CG  . ASP A 1 203 ? 12.430  2.724   -17.697 1.00 107.46 ? 203  ASP B CG  1 
ATOM   1351 O OD1 . ASP A 1 203 ? 11.803  3.124   -16.694 1.00 107.46 ? 203  ASP B OD1 1 
ATOM   1352 O OD2 . ASP A 1 203 ? 12.394  1.540   -18.094 1.00 107.46 ? 203  ASP B OD2 1 
ATOM   1353 N N   . ILE A 1 204 ? 13.955  6.047   -20.520 1.00 112.33 ? 204  ILE B N   1 
ATOM   1354 C CA  . ILE A 1 204 ? 14.863  7.080   -21.015 1.00 112.33 ? 204  ILE B CA  1 
ATOM   1355 C C   . ILE A 1 204 ? 16.044  7.284   -20.071 1.00 112.33 ? 204  ILE B C   1 
ATOM   1356 O O   . ILE A 1 204 ? 16.078  8.243   -19.298 1.00 112.33 ? 204  ILE B O   1 
ATOM   1357 C CB  . ILE A 1 204 ? 14.118  8.410   -21.250 1.00 112.33 ? 204  ILE B CB  1 
ATOM   1358 C CG1 . ILE A 1 204 ? 12.745  8.150   -21.875 1.00 112.33 ? 204  ILE B CG1 1 
ATOM   1359 C CG2 . ILE A 1 204 ? 14.940  9.330   -22.138 1.00 112.33 ? 204  ILE B CG2 1 
ATOM   1360 C CD1 . ILE A 1 204 ? 11.952  9.409   -22.152 1.00 112.33 ? 204  ILE B CD1 1 
HETATM 1361 C C1  . NAG B 2 .   ? 12.993  17.283  -8.485  1.00 99.86  ? 1    NAG A C1  1 
HETATM 1362 C C2  . NAG B 2 .   ? 12.456  18.348  -7.528  1.00 99.86  ? 1    NAG A C2  1 
HETATM 1363 C C3  . NAG B 2 .   ? 10.950  18.514  -7.710  1.00 99.86  ? 1    NAG A C3  1 
HETATM 1364 C C4  . NAG B 2 .   ? 10.625  18.798  -9.170  1.00 99.86  ? 1    NAG A C4  1 
HETATM 1365 C C5  . NAG B 2 .   ? 11.209  17.698  -10.048 1.00 99.86  ? 1    NAG A C5  1 
HETATM 1366 C C6  . NAG B 2 .   ? 11.011  17.942  -11.526 1.00 99.86  ? 1    NAG A C6  1 
HETATM 1367 C C7  . NAG B 2 .   ? 13.708  18.639  -5.432  1.00 99.86  ? 1    NAG A C7  1 
HETATM 1368 C C8  . NAG B 2 .   ? 14.448  19.741  -6.133  1.00 99.86  ? 1    NAG A C8  1 
HETATM 1369 N N2  . NAG B 2 .   ? 12.769  18.012  -6.148  1.00 99.86  ? 1    NAG A N2  1 
HETATM 1370 O O3  . NAG B 2 .   ? 10.486  19.574  -6.883  1.00 99.86  ? 1    NAG A O3  1 
HETATM 1371 O O4  . NAG B 2 .   ? 9.217   18.871  -9.363  1.00 99.86  ? 1    NAG A O4  1 
HETATM 1372 O O5  . NAG B 2 .   ? 12.625  17.614  -9.831  1.00 99.86  ? 1    NAG A O5  1 
HETATM 1373 O O6  . NAG B 2 .   ? 12.102  17.444  -12.287 1.00 99.86  ? 1    NAG A O6  1 
HETATM 1374 O O7  . NAG B 2 .   ? 13.950  18.332  -4.269  1.00 99.86  ? 1    NAG A O7  1 
HETATM 1375 C C1  . NAG B 2 .   ? 8.884   20.204  -9.805  1.00 106.78 ? 2    NAG A C1  1 
HETATM 1376 C C2  . NAG B 2 .   ? 7.421   20.221  -10.253 1.00 106.78 ? 2    NAG A C2  1 
HETATM 1377 C C3  . NAG B 2 .   ? 7.003   21.631  -10.665 1.00 106.78 ? 2    NAG A C3  1 
HETATM 1378 C C4  . NAG B 2 .   ? 7.326   22.631  -9.562  1.00 106.78 ? 2    NAG A C4  1 
HETATM 1379 C C5  . NAG B 2 .   ? 8.791   22.508  -9.150  1.00 106.78 ? 2    NAG A C5  1 
HETATM 1380 C C6  . NAG B 2 .   ? 9.153   23.390  -7.978  1.00 106.78 ? 2    NAG A C6  1 
HETATM 1381 C C7  . NAG B 2 .   ? 7.759   19.334  -12.537 1.00 106.78 ? 2    NAG A C7  1 
HETATM 1382 C C8  . NAG B 2 .   ? 7.365   18.261  -13.506 1.00 106.78 ? 2    NAG A C8  1 
HETATM 1383 N N2  . NAG B 2 .   ? 7.177   19.274  -11.331 1.00 106.78 ? 2    NAG A N2  1 
HETATM 1384 O O3  . NAG B 2 .   ? 5.609   21.639  -10.952 1.00 106.78 ? 2    NAG A O3  1 
HETATM 1385 O O4  . NAG B 2 .   ? 7.096   23.957  -10.024 1.00 106.78 ? 2    NAG A O4  1 
HETATM 1386 O O5  . NAG B 2 .   ? 9.078   21.158  -8.758  1.00 106.78 ? 2    NAG A O5  1 
HETATM 1387 O O6  . NAG B 2 .   ? 10.552  23.375  -7.732  1.00 106.78 ? 2    NAG A O6  1 
HETATM 1388 O O7  . NAG B 2 .   ? 8.567   20.210  -12.834 1.00 106.78 ? 2    NAG A O7  1 
HETATM 1389 C C1  . BMA B 2 .   ? 5.825   24.428  -9.535  1.00 118.60 ? 3    BMA A C1  1 
HETATM 1390 C C2  . BMA B 2 .   ? 5.912   25.959  -9.354  1.00 118.60 ? 3    BMA A C2  1 
HETATM 1391 C C3  . BMA B 2 .   ? 4.538   26.519  -8.988  1.00 118.60 ? 3    BMA A C3  1 
HETATM 1392 C C4  . BMA B 2 .   ? 3.451   26.018  -9.956  1.00 118.60 ? 3    BMA A C4  1 
HETATM 1393 C C5  . BMA B 2 .   ? 3.481   24.482  -10.028 1.00 118.60 ? 3    BMA A C5  1 
HETATM 1394 C C6  . BMA B 2 .   ? 2.480   23.917  -11.018 1.00 118.60 ? 3    BMA A C6  1 
HETATM 1395 O O2  . BMA B 2 .   ? 6.295   26.586  -10.564 1.00 118.60 ? 3    BMA A O2  1 
HETATM 1396 O O3  . BMA B 2 .   ? 4.544   27.941  -8.960  1.00 118.60 ? 3    BMA A O3  1 
HETATM 1397 O O4  . BMA B 2 .   ? 2.172   26.448  -9.517  1.00 118.60 ? 3    BMA A O4  1 
HETATM 1398 O O5  . BMA B 2 .   ? 4.792   24.078  -10.446 1.00 118.60 ? 3    BMA A O5  1 
HETATM 1399 O O6  . BMA B 2 .   ? 2.623   22.503  -11.038 1.00 118.60 ? 3    BMA A O6  1 
HETATM 1400 C C1  . NAG C 3 .   ? -4.148  -20.512 -2.681  1.00 92.27  ? 1000 NAG B C1  1 
HETATM 1401 C C2  . NAG C 3 .   ? -4.533  -21.008 -4.072  1.00 92.27  ? 1000 NAG B C2  1 
HETATM 1402 C C3  . NAG C 3 .   ? -3.762  -22.281 -4.409  1.00 92.27  ? 1000 NAG B C3  1 
HETATM 1403 C C4  . NAG C 3 .   ? -2.265  -22.062 -4.228  1.00 92.27  ? 1000 NAG B C4  1 
HETATM 1404 C C5  . NAG C 3 .   ? -1.975  -21.511 -2.834  1.00 92.27  ? 1000 NAG B C5  1 
HETATM 1405 C C6  . NAG C 3 .   ? -0.522  -21.151 -2.631  1.00 92.27  ? 1000 NAG B C6  1 
HETATM 1406 C C7  . NAG C 3 .   ? -6.713  -20.797 -5.181  1.00 92.27  ? 1000 NAG B C7  1 
HETATM 1407 C C8  . NAG C 3 .   ? -8.174  -21.125 -5.114  1.00 92.27  ? 1000 NAG B C8  1 
HETATM 1408 N N2  . NAG C 3 .   ? -5.966  -21.238 -4.164  1.00 92.27  ? 1000 NAG B N2  1 
HETATM 1409 O O3  . NAG C 3 .   ? -4.040  -22.663 -5.752  1.00 92.27  ? 1000 NAG B O3  1 
HETATM 1410 O O4  . NAG C 3 .   ? -1.569  -23.291 -4.400  1.00 92.27  ? 1000 NAG B O4  1 
HETATM 1411 O O5  . NAG C 3 .   ? -2.733  -20.311 -2.616  1.00 92.27  ? 1000 NAG B O5  1 
HETATM 1412 O O6  . NAG C 3 .   ? -0.160  -21.214 -1.258  1.00 92.27  ? 1000 NAG B O6  1 
HETATM 1413 O O7  . NAG C 3 .   ? -6.231  -20.161 -6.114  1.00 92.27  ? 1000 NAG B O7  1 
HETATM 1414 C C1  . NAG D 3 .   ? -4.998  -15.518 -9.088  1.00 98.22  ? 1001 NAG B C1  1 
HETATM 1415 C C2  . NAG D 3 .   ? -5.494  -15.799 -10.507 1.00 98.22  ? 1001 NAG B C2  1 
HETATM 1416 C C3  . NAG D 3 .   ? -4.873  -17.089 -11.036 1.00 98.22  ? 1001 NAG B C3  1 
HETATM 1417 C C4  . NAG D 3 .   ? -3.356  -17.034 -10.927 1.00 98.22  ? 1001 NAG B C4  1 
HETATM 1418 C C5  . NAG D 3 .   ? -2.941  -16.706 -9.496  1.00 98.22  ? 1001 NAG B C5  1 
HETATM 1419 C C6  . NAG D 3 .   ? -1.451  -16.515 -9.343  1.00 98.22  ? 1001 NAG B C6  1 
HETATM 1420 C C7  . NAG D 3 .   ? -7.693  -15.229 -11.447 1.00 98.22  ? 1001 NAG B C7  1 
HETATM 1421 C C8  . NAG D 3 .   ? -6.949  -14.387 -12.440 1.00 98.22  ? 1001 NAG B C8  1 
HETATM 1422 N N2  . NAG D 3 .   ? -6.945  -15.878 -10.547 1.00 98.22  ? 1001 NAG B N2  1 
HETATM 1423 O O3  . NAG D 3 .   ? -5.257  -17.277 -12.394 1.00 98.22  ? 1001 NAG B O3  1 
HETATM 1424 O O4  . NAG D 3 .   ? -2.795  -18.285 -11.303 1.00 98.22  ? 1001 NAG B O4  1 
HETATM 1425 O O5  . NAG D 3 .   ? -3.560  -15.480 -9.076  1.00 98.22  ? 1001 NAG B O5  1 
HETATM 1426 O O6  . NAG D 3 .   ? -0.879  -17.512 -8.508  1.00 98.22  ? 1001 NAG B O6  1 
HETATM 1427 O O7  . NAG D 3 .   ? -8.918  -15.316 -11.458 1.00 98.22  ? 1001 NAG B O7  1 
HETATM 1428 C C1  . NAG E 3 .   ? -8.488  11.895  3.563   1.00 99.93  ? 1002 NAG B C1  1 
HETATM 1429 C C2  . NAG E 3 .   ? -8.711  13.302  4.118   1.00 99.93  ? 1002 NAG B C2  1 
HETATM 1430 C C3  . NAG E 3 .   ? -9.670  14.078  3.219   1.00 99.93  ? 1002 NAG B C3  1 
HETATM 1431 C C4  . NAG E 3 .   ? -9.190  14.049  1.773   1.00 99.93  ? 1002 NAG B C4  1 
HETATM 1432 C C5  . NAG E 3 .   ? -8.949  12.610  1.326   1.00 99.93  ? 1002 NAG B C5  1 
HETATM 1433 C C6  . NAG E 3 .   ? -8.362  12.510  -0.062  1.00 99.93  ? 1002 NAG B C6  1 
HETATM 1434 C C7  . NAG E 3 .   ? -8.979  14.204  6.386   1.00 99.93  ? 1002 NAG B C7  1 
HETATM 1435 C C8  . NAG E 3 .   ? -9.578  13.985  7.742   1.00 99.93  ? 1002 NAG B C8  1 
HETATM 1436 N N2  . NAG E 3 .   ? -9.217  13.250  5.480   1.00 99.93  ? 1002 NAG B N2  1 
HETATM 1437 O O3  . NAG E 3 .   ? -9.765  15.424  3.672   1.00 99.93  ? 1002 NAG B O3  1 
HETATM 1438 O O4  . NAG E 3 .   ? -10.162 14.648  0.925   1.00 99.93  ? 1002 NAG B O4  1 
HETATM 1439 O O5  . NAG E 3 .   ? -8.019  11.977  2.216   1.00 99.93  ? 1002 NAG B O5  1 
HETATM 1440 O O6  . NAG E 3 .   ? -7.379  13.512  -0.283  1.00 99.93  ? 1002 NAG B O6  1 
HETATM 1441 O O7  . NAG E 3 .   ? -8.310  15.198  6.123   1.00 99.93  ? 1002 NAG B O7  1 
HETATM 1442 C C1  . NAG F 3 .   ? 7.673   -10.519 -12.388 1.00 101.61 ? 1003 NAG B C1  1 
HETATM 1443 C C2  . NAG F 3 .   ? 8.380   -11.412 -11.363 1.00 101.61 ? 1003 NAG B C2  1 
HETATM 1444 C C3  . NAG F 3 .   ? 9.541   -12.159 -12.022 1.00 101.61 ? 1003 NAG B C3  1 
HETATM 1445 C C4  . NAG F 3 .   ? 9.068   -12.897 -13.267 1.00 101.61 ? 1003 NAG B C4  1 
HETATM 1446 C C5  . NAG F 3 .   ? 8.354   -11.932 -14.207 1.00 101.61 ? 1003 NAG B C5  1 
HETATM 1447 C C6  . NAG F 3 .   ? 7.763   -12.613 -15.419 1.00 101.61 ? 1003 NAG B C6  1 
HETATM 1448 C C7  . NAG F 3 .   ? 9.051   -11.141 -9.015  1.00 101.61 ? 1003 NAG B C7  1 
HETATM 1449 C C8  . NAG F 3 .   ? 9.550   -10.185 -7.973  1.00 101.61 ? 1003 NAG B C8  1 
HETATM 1450 N N2  . NAG F 3 .   ? 8.857   -10.629 -10.235 1.00 101.61 ? 1003 NAG B N2  1 
HETATM 1451 O O3  . NAG F 3 .   ? 10.102  -13.083 -11.095 1.00 101.61 ? 1003 NAG B O3  1 
HETATM 1452 O O4  . NAG F 3 .   ? 10.181  -13.474 -13.942 1.00 101.61 ? 1003 NAG B O4  1 
HETATM 1453 O O5  . NAG F 3 .   ? 7.268   -11.303 -13.514 1.00 101.61 ? 1003 NAG B O5  1 
HETATM 1454 O O6  . NAG F 3 .   ? 7.116   -11.679 -16.273 1.00 101.61 ? 1003 NAG B O6  1 
HETATM 1455 O O7  . NAG F 3 .   ? 8.836   -12.323 -8.764  1.00 101.61 ? 1003 NAG B O7  1 
# 
